data_6V7C
#
_entry.id   6V7C
#
_cell.length_a   52.980
_cell.length_b   281.380
_cell.length_c   67.260
_cell.angle_alpha   90.000
_cell.angle_beta   90.080
_cell.angle_gamma   90.000
#
_symmetry.space_group_name_H-M   'P 1 21 1'
#
loop_
_entity.id
_entity.type
_entity.pdbx_description
1 polymer Arginase-1
2 non-polymer 'MANGANESE (II) ION'
3 non-polymer {3-[(3aR,4S,5S,6aR)-5-azaniumyl-5-carboxyoctahydrocyclopenta[c]pyrrol-2-ium-4-yl]propyl}(trihydroxy)borate(1-)
4 water water
#
_entity_poly.entity_id   1
_entity_poly.type   'polypeptide(L)'
_entity_poly.pdbx_seq_one_letter_code
;MSAKSRTIGIIGAPFSKGQPRGGVEEGPTVLRKAGLLEKLKEQECDVKDYGDLPFADIPNDSPFQIVKNPRSVGKASEQL
AGKVAEVKKNGRISLVLGGDHSLAIGSISGHARVHPDLGVIWVDAHTDINTPLTTTSGNLHGQPVSFLLKELKGKIPDVP
GFSWVTPCISAKDIVYIGLRDVDPGEHYILKTLGIKYFSMTEVDRLGIGKVMEETLSYLLGRKKRPIHLSFDVDGLDPSF
TPATGTPVVGGLTYREGLYITEEIYKTGLLSGLDIMEVNPSLGKTPEEVTRTVNTAVAITLACFGLAREGNHKPIDYLNP
PK
;
_entity_poly.pdbx_strand_id   A,B,C,D,E,F
#
loop_
_chem_comp.id
_chem_comp.type
_chem_comp.name
_chem_comp.formula
MN non-polymer 'MANGANESE (II) ION' 'Mn 2'
QR1 non-polymer {3-[(3aR,4S,5S,6aR)-5-azaniumyl-5-carboxyoctahydrocyclopenta[c]pyrrol-2-ium-4-yl]propyl}(trihydroxy)borate(1-) 'C11 H24 B N2 O5 1'
#
# COMPACT_ATOMS: atom_id res chain seq x y z
N ALA A 3 18.19 -31.54 -32.58
CA ALA A 3 18.23 -30.58 -31.47
C ALA A 3 17.46 -31.07 -30.25
N LYS A 4 17.88 -30.68 -29.04
CA LYS A 4 17.17 -31.04 -27.80
C LYS A 4 15.72 -30.50 -27.79
N SER A 5 15.47 -29.37 -28.48
CA SER A 5 14.11 -28.80 -28.57
C SER A 5 13.16 -29.60 -29.50
N ARG A 6 13.69 -30.57 -30.23
CA ARG A 6 12.98 -31.45 -31.14
C ARG A 6 13.26 -32.93 -30.79
N THR A 7 13.66 -33.22 -29.55
CA THR A 7 13.96 -34.60 -29.13
C THR A 7 12.87 -35.01 -28.15
N ILE A 8 11.96 -35.89 -28.58
CA ILE A 8 10.69 -36.20 -27.92
C ILE A 8 10.51 -37.67 -27.44
N GLY A 9 9.84 -37.80 -26.30
CA GLY A 9 9.38 -39.08 -25.76
C GLY A 9 7.86 -39.05 -25.60
N ILE A 10 7.14 -39.76 -26.51
CA ILE A 10 5.67 -39.81 -26.52
C ILE A 10 5.18 -40.72 -25.44
N ILE A 11 4.12 -40.28 -24.73
CA ILE A 11 3.51 -41.11 -23.71
C ILE A 11 1.99 -41.04 -23.90
N GLY A 12 1.39 -42.18 -24.20
CA GLY A 12 -0.06 -42.28 -24.31
C GLY A 12 -0.67 -42.43 -22.93
N ALA A 13 -1.68 -41.62 -22.60
CA ALA A 13 -2.27 -41.73 -21.29
C ALA A 13 -3.81 -41.88 -21.43
N PRO A 14 -4.28 -43.08 -21.85
CA PRO A 14 -5.73 -43.27 -22.09
C PRO A 14 -6.50 -43.43 -20.76
N PHE A 15 -6.83 -42.31 -20.11
CA PHE A 15 -7.50 -42.32 -18.79
C PHE A 15 -8.64 -41.29 -18.78
N SER A 16 -9.82 -41.68 -18.22
CA SER A 16 -11.04 -40.85 -18.19
C SER A 16 -11.61 -40.62 -16.82
N LYS A 17 -11.09 -41.33 -15.81
CA LYS A 17 -11.74 -41.33 -14.49
C LYS A 17 -11.46 -40.09 -13.62
N GLY A 18 -10.82 -39.07 -14.15
CA GLY A 18 -10.73 -37.78 -13.46
C GLY A 18 -11.98 -36.94 -13.74
N GLN A 19 -12.87 -37.44 -14.62
CA GLN A 19 -14.10 -36.74 -15.01
C GLN A 19 -15.24 -37.74 -15.45
N PRO A 20 -16.52 -37.32 -15.55
CA PRO A 20 -17.56 -38.31 -15.86
C PRO A 20 -17.88 -38.61 -17.34
N ARG A 21 -17.47 -37.76 -18.31
CA ARG A 21 -17.79 -37.98 -19.71
C ARG A 21 -16.89 -39.00 -20.42
N GLY A 22 -17.47 -40.13 -20.84
CA GLY A 22 -16.75 -41.18 -21.54
C GLY A 22 -16.21 -40.68 -22.87
N GLY A 23 -15.07 -41.22 -23.28
CA GLY A 23 -14.43 -40.95 -24.57
C GLY A 23 -13.08 -40.25 -24.55
N VAL A 24 -12.79 -39.51 -23.48
CA VAL A 24 -11.50 -38.82 -23.34
C VAL A 24 -10.31 -39.80 -23.33
N GLU A 25 -10.55 -41.06 -22.94
CA GLU A 25 -9.52 -42.07 -22.89
C GLU A 25 -9.06 -42.42 -24.32
N GLU A 26 -9.85 -42.00 -25.33
CA GLU A 26 -9.59 -42.19 -26.77
C GLU A 26 -8.69 -41.09 -27.36
N GLY A 27 -8.43 -40.04 -26.57
CA GLY A 27 -7.53 -38.97 -26.98
C GLY A 27 -6.22 -39.47 -27.60
N PRO A 28 -5.43 -40.35 -26.92
CA PRO A 28 -4.17 -40.83 -27.54
C PRO A 28 -4.38 -41.53 -28.87
N THR A 29 -5.46 -42.32 -28.99
CA THR A 29 -5.84 -43.06 -30.21
C THR A 29 -6.08 -42.10 -31.40
N VAL A 30 -6.99 -41.17 -31.20
CA VAL A 30 -7.34 -40.31 -32.34
C VAL A 30 -6.19 -39.35 -32.65
N LEU A 31 -5.34 -39.01 -31.64
CA LEU A 31 -4.15 -38.19 -31.90
C LEU A 31 -3.09 -38.96 -32.73
N ARG A 32 -2.91 -40.27 -32.43
CA ARG A 32 -2.01 -41.13 -33.21
C ARG A 32 -2.56 -41.37 -34.64
N LYS A 33 -3.90 -41.60 -34.74
CA LYS A 33 -4.58 -41.84 -36.02
C LYS A 33 -4.44 -40.65 -36.99
N ALA A 34 -4.42 -39.41 -36.45
CA ALA A 34 -4.23 -38.18 -37.18
C ALA A 34 -2.79 -37.97 -37.70
N GLY A 35 -1.90 -38.92 -37.43
CA GLY A 35 -0.53 -38.87 -37.93
C GLY A 35 0.43 -38.01 -37.14
N LEU A 36 0.17 -37.80 -35.85
CA LEU A 36 1.05 -36.97 -35.02
C LEU A 36 2.52 -37.33 -35.08
N LEU A 37 2.84 -38.59 -34.84
CA LEU A 37 4.24 -39.02 -34.78
C LEU A 37 4.95 -38.91 -36.12
N GLU A 38 4.28 -39.33 -37.21
CA GLU A 38 4.79 -39.17 -38.57
C GLU A 38 5.02 -37.71 -38.90
N LYS A 39 4.07 -36.82 -38.51
CA LYS A 39 4.20 -35.38 -38.77
C LYS A 39 5.40 -34.77 -38.03
N LEU A 40 5.63 -35.20 -36.76
CA LEU A 40 6.79 -34.74 -35.98
C LEU A 40 8.07 -35.22 -36.65
N LYS A 41 8.12 -36.48 -37.07
CA LYS A 41 9.31 -37.00 -37.78
C LYS A 41 9.65 -36.22 -39.07
N GLU A 42 8.62 -35.82 -39.85
CA GLU A 42 8.73 -35.02 -41.08
C GLU A 42 9.27 -33.60 -40.79
N GLN A 43 9.19 -33.20 -39.53
CA GLN A 43 9.57 -31.90 -39.00
C GLN A 43 10.95 -31.95 -38.36
N GLU A 44 11.76 -32.98 -38.73
CA GLU A 44 13.11 -33.20 -38.22
C GLU A 44 13.14 -33.41 -36.70
N CYS A 45 12.13 -34.17 -36.16
CA CYS A 45 12.11 -34.52 -34.73
C CYS A 45 12.68 -35.92 -34.50
N ASP A 46 13.31 -36.12 -33.34
CA ASP A 46 13.83 -37.42 -32.88
C ASP A 46 12.75 -37.93 -31.95
N VAL A 47 11.94 -38.84 -32.46
CA VAL A 47 10.73 -39.29 -31.78
C VAL A 47 10.89 -40.71 -31.27
N LYS A 48 10.64 -40.90 -29.95
CA LYS A 48 10.65 -42.21 -29.30
C LYS A 48 9.27 -42.46 -28.70
N ASP A 49 8.60 -43.55 -29.10
CA ASP A 49 7.27 -43.82 -28.59
C ASP A 49 7.31 -44.75 -27.40
N TYR A 50 7.01 -44.21 -26.20
CA TYR A 50 7.00 -45.00 -24.98
C TYR A 50 5.74 -45.85 -24.83
N GLY A 51 4.82 -45.70 -25.77
CA GLY A 51 3.58 -46.47 -25.84
C GLY A 51 2.45 -45.82 -25.07
N ASP A 52 1.33 -46.53 -24.95
CA ASP A 52 0.17 -46.14 -24.17
C ASP A 52 0.19 -46.87 -22.83
N LEU A 53 0.13 -46.11 -21.73
CA LEU A 53 0.15 -46.76 -20.42
C LEU A 53 -1.06 -47.67 -20.20
N PRO A 54 -0.83 -48.85 -19.62
CA PRO A 54 -1.95 -49.80 -19.37
C PRO A 54 -2.57 -49.57 -18.00
N PHE A 55 -3.50 -48.64 -17.90
CA PHE A 55 -4.15 -48.26 -16.67
C PHE A 55 -5.04 -49.36 -16.16
N ALA A 56 -4.52 -50.21 -15.25
CA ALA A 56 -5.27 -51.34 -14.69
C ALA A 56 -6.46 -50.89 -13.83
N ASP A 57 -7.66 -51.37 -14.17
CA ASP A 57 -8.92 -51.05 -13.49
C ASP A 57 -8.95 -51.50 -12.03
N ILE A 58 -9.50 -50.65 -11.15
CA ILE A 58 -9.54 -50.90 -9.70
C ILE A 58 -10.97 -51.16 -9.19
N PRO A 59 -11.21 -52.37 -8.64
CA PRO A 59 -12.54 -52.68 -8.10
C PRO A 59 -12.74 -52.05 -6.74
N ASN A 60 -13.98 -51.57 -6.49
CA ASN A 60 -14.36 -50.95 -5.22
C ASN A 60 -13.67 -49.60 -4.98
N ASP A 61 -13.44 -48.81 -6.06
CA ASP A 61 -12.82 -47.49 -5.92
C ASP A 61 -13.87 -46.51 -5.38
N SER A 62 -14.12 -46.67 -4.08
CA SER A 62 -15.05 -45.86 -3.31
C SER A 62 -14.64 -44.41 -3.36
N PRO A 63 -15.63 -43.51 -3.43
CA PRO A 63 -15.30 -42.08 -3.42
C PRO A 63 -14.76 -41.61 -2.08
N PHE A 64 -13.86 -40.62 -2.12
CA PHE A 64 -13.37 -39.94 -0.91
C PHE A 64 -14.35 -38.80 -0.73
N GLN A 65 -15.25 -38.88 0.27
CA GLN A 65 -16.32 -37.89 0.44
C GLN A 65 -17.09 -37.91 -0.92
N ILE A 66 -17.10 -36.76 -1.64
CA ILE A 66 -17.71 -36.65 -2.97
C ILE A 66 -16.69 -36.78 -4.13
N VAL A 67 -15.37 -36.84 -3.82
CA VAL A 67 -14.28 -36.99 -4.82
C VAL A 67 -14.38 -38.40 -5.45
N LYS A 68 -14.57 -38.45 -6.77
CA LYS A 68 -14.79 -39.69 -7.52
C LYS A 68 -13.49 -40.36 -7.94
N ASN A 69 -13.54 -41.70 -8.01
CA ASN A 69 -12.42 -42.58 -8.40
C ASN A 69 -11.07 -42.11 -7.87
N PRO A 70 -10.91 -41.82 -6.56
CA PRO A 70 -9.58 -41.37 -6.08
C PRO A 70 -8.46 -42.36 -6.39
N ARG A 71 -8.63 -43.66 -6.04
CA ARG A 71 -7.62 -44.69 -6.22
C ARG A 71 -7.16 -44.84 -7.69
N SER A 72 -8.11 -44.85 -8.65
CA SER A 72 -7.87 -44.95 -10.11
C SER A 72 -7.06 -43.71 -10.60
N VAL A 73 -7.53 -42.48 -10.25
CA VAL A 73 -6.85 -41.21 -10.60
C VAL A 73 -5.43 -41.11 -10.01
N GLY A 74 -5.32 -41.42 -8.71
CA GLY A 74 -4.06 -41.43 -7.99
C GLY A 74 -3.05 -42.37 -8.59
N LYS A 75 -3.50 -43.60 -8.90
CA LYS A 75 -2.68 -44.59 -9.57
C LYS A 75 -2.28 -44.19 -10.99
N ALA A 76 -3.22 -43.66 -11.83
CA ALA A 76 -2.85 -43.33 -13.23
C ALA A 76 -1.73 -42.28 -13.25
N SER A 77 -1.86 -41.29 -12.35
CA SER A 77 -0.86 -40.22 -12.19
C SER A 77 0.45 -40.78 -11.61
N GLU A 78 0.35 -41.80 -10.75
CA GLU A 78 1.55 -42.40 -10.16
C GLU A 78 2.43 -43.03 -11.23
N GLN A 79 1.81 -43.80 -12.11
CA GLN A 79 2.42 -44.49 -13.23
C GLN A 79 3.02 -43.52 -14.18
N LEU A 80 2.28 -42.45 -14.46
CA LEU A 80 2.69 -41.45 -15.40
C LEU A 80 3.91 -40.73 -14.90
N ALA A 81 3.94 -40.35 -13.60
CA ALA A 81 5.07 -39.65 -12.98
C ALA A 81 6.36 -40.43 -13.26
N GLY A 82 6.28 -41.74 -13.02
CA GLY A 82 7.33 -42.72 -13.25
C GLY A 82 7.74 -42.79 -14.71
N LYS A 83 6.76 -42.79 -15.62
CA LYS A 83 7.05 -42.79 -17.05
C LYS A 83 7.65 -41.46 -17.50
N VAL A 84 7.15 -40.33 -16.98
CA VAL A 84 7.67 -39.01 -17.36
C VAL A 84 9.13 -38.83 -16.89
N ALA A 85 9.42 -39.23 -15.67
CA ALA A 85 10.78 -39.15 -15.14
C ALA A 85 11.77 -39.99 -15.97
N GLU A 86 11.33 -41.17 -16.44
CA GLU A 86 12.09 -42.05 -17.33
C GLU A 86 12.39 -41.30 -18.65
N VAL A 87 11.36 -40.69 -19.29
CA VAL A 87 11.57 -39.87 -20.53
C VAL A 87 12.60 -38.77 -20.25
N LYS A 88 12.48 -38.09 -19.10
CA LYS A 88 13.39 -36.98 -18.80
C LYS A 88 14.82 -37.42 -18.57
N LYS A 89 15.03 -38.56 -17.89
CA LYS A 89 16.39 -39.10 -17.67
C LYS A 89 17.08 -39.48 -19.00
N ASN A 90 16.26 -39.86 -20.00
CA ASN A 90 16.68 -40.22 -21.35
C ASN A 90 16.93 -38.96 -22.24
N GLY A 91 16.85 -37.78 -21.64
CA GLY A 91 17.13 -36.52 -22.30
C GLY A 91 16.11 -36.14 -23.36
N ARG A 92 14.88 -36.61 -23.18
CA ARG A 92 13.79 -36.31 -24.11
C ARG A 92 12.80 -35.33 -23.49
N ILE A 93 12.10 -34.57 -24.33
CA ILE A 93 10.95 -33.74 -23.95
C ILE A 93 9.79 -34.75 -23.81
N SER A 94 9.07 -34.73 -22.67
CA SER A 94 7.94 -35.61 -22.47
C SER A 94 6.70 -35.08 -23.20
N LEU A 95 6.07 -35.89 -24.04
CA LEU A 95 4.83 -35.45 -24.67
C LEU A 95 3.71 -36.40 -24.23
N VAL A 96 2.91 -35.92 -23.27
CA VAL A 96 1.78 -36.65 -22.69
C VAL A 96 0.52 -36.44 -23.52
N LEU A 97 0.03 -37.52 -24.13
CA LEU A 97 -1.23 -37.49 -24.83
C LEU A 97 -2.39 -37.95 -23.94
N GLY A 98 -3.24 -37.01 -23.51
CA GLY A 98 -4.37 -37.33 -22.64
C GLY A 98 -5.57 -37.77 -23.44
N GLY A 99 -6.65 -38.22 -22.76
CA GLY A 99 -6.73 -38.33 -21.30
C GLY A 99 -7.16 -37.05 -20.62
N ASP A 100 -7.83 -37.16 -19.43
CA ASP A 100 -8.31 -35.96 -18.72
C ASP A 100 -7.17 -35.25 -17.99
N HIS A 101 -7.42 -34.02 -17.52
CA HIS A 101 -6.38 -33.17 -16.94
C HIS A 101 -5.89 -33.56 -15.52
N SER A 102 -6.46 -34.61 -14.88
CA SER A 102 -5.98 -35.07 -13.55
C SER A 102 -4.55 -35.56 -13.69
N LEU A 103 -4.27 -36.13 -14.88
CA LEU A 103 -2.95 -36.67 -15.29
C LEU A 103 -1.80 -35.67 -15.13
N ALA A 104 -2.11 -34.36 -15.13
CA ALA A 104 -1.14 -33.31 -14.87
C ALA A 104 -0.43 -33.53 -13.50
N ILE A 105 -1.09 -34.21 -12.51
CA ILE A 105 -0.44 -34.50 -11.22
C ILE A 105 0.83 -35.35 -11.49
N GLY A 106 0.64 -36.48 -12.17
CA GLY A 106 1.69 -37.40 -12.58
C GLY A 106 2.68 -36.77 -13.56
N SER A 107 2.21 -36.10 -14.61
CA SER A 107 3.16 -35.49 -15.58
C SER A 107 4.08 -34.38 -14.97
N ILE A 108 3.50 -33.45 -14.20
CA ILE A 108 4.30 -32.38 -13.60
C ILE A 108 5.21 -32.97 -12.48
N SER A 109 4.67 -33.89 -11.66
CA SER A 109 5.44 -34.54 -10.60
C SER A 109 6.66 -35.32 -11.13
N GLY A 110 6.50 -36.15 -12.18
CA GLY A 110 7.61 -36.88 -12.80
C GLY A 110 8.66 -35.98 -13.44
N HIS A 111 8.23 -34.84 -14.00
CA HIS A 111 9.13 -33.89 -14.70
C HIS A 111 9.94 -33.13 -13.63
N ALA A 112 9.27 -32.83 -12.50
CA ALA A 112 9.86 -32.13 -11.36
C ALA A 112 10.88 -33.01 -10.60
N ARG A 113 10.72 -34.36 -10.62
CA ARG A 113 11.76 -35.23 -10.02
C ARG A 113 13.07 -35.13 -10.79
N VAL A 114 13.02 -34.89 -12.11
CA VAL A 114 14.27 -34.77 -12.87
C VAL A 114 14.74 -33.30 -12.87
N HIS A 115 13.81 -32.33 -13.15
CA HIS A 115 14.06 -30.88 -13.21
C HIS A 115 13.24 -30.12 -12.16
N PRO A 116 13.70 -30.02 -10.89
CA PRO A 116 12.88 -29.37 -9.86
C PRO A 116 12.69 -27.85 -10.01
N ASP A 117 13.54 -27.21 -10.84
CA ASP A 117 13.49 -25.79 -11.12
C ASP A 117 12.52 -25.45 -12.30
N LEU A 118 11.65 -26.38 -12.71
CA LEU A 118 10.75 -26.09 -13.83
C LEU A 118 9.68 -25.00 -13.53
N GLY A 119 9.19 -24.38 -14.60
CA GLY A 119 8.12 -23.40 -14.57
C GLY A 119 6.94 -23.97 -15.33
N VAL A 120 5.71 -23.72 -14.88
CA VAL A 120 4.52 -24.28 -15.55
C VAL A 120 3.73 -23.16 -16.28
N ILE A 121 3.38 -23.38 -17.55
CA ILE A 121 2.42 -22.58 -18.31
C ILE A 121 1.15 -23.47 -18.45
N TRP A 122 0.01 -23.03 -17.89
CA TRP A 122 -1.23 -23.80 -17.88
C TRP A 122 -2.24 -23.16 -18.79
N VAL A 123 -2.45 -23.73 -19.96
CA VAL A 123 -3.39 -23.18 -20.96
C VAL A 123 -4.73 -23.85 -20.85
N ASP A 124 -5.78 -23.03 -20.51
CA ASP A 124 -7.02 -23.68 -20.11
C ASP A 124 -8.10 -22.65 -19.86
N ALA A 125 -9.40 -22.99 -20.07
CA ALA A 125 -10.48 -22.08 -19.65
C ALA A 125 -10.65 -22.11 -18.10
N HIS A 126 -10.12 -23.16 -17.48
CA HIS A 126 -10.24 -23.41 -16.04
C HIS A 126 -8.88 -23.40 -15.31
N THR A 127 -8.89 -23.01 -14.02
CA THR A 127 -7.71 -23.02 -13.13
C THR A 127 -7.39 -24.44 -12.62
N ASP A 128 -8.39 -25.37 -12.55
CA ASP A 128 -8.12 -26.76 -12.10
C ASP A 128 -7.46 -26.82 -10.71
N ILE A 129 -7.81 -25.85 -9.87
CA ILE A 129 -7.14 -25.63 -8.58
C ILE A 129 -8.04 -25.90 -7.35
N ASN A 130 -9.19 -26.54 -7.56
CA ASN A 130 -10.02 -26.95 -6.42
C ASN A 130 -9.29 -28.01 -5.63
N THR A 131 -9.50 -28.05 -4.34
CA THR A 131 -8.84 -29.05 -3.50
C THR A 131 -9.90 -30.11 -3.29
N PRO A 132 -9.53 -31.30 -2.78
CA PRO A 132 -10.55 -32.33 -2.51
C PRO A 132 -11.67 -31.85 -1.55
N LEU A 133 -11.45 -30.72 -0.88
CA LEU A 133 -12.41 -30.13 0.05
C LEU A 133 -13.27 -29.00 -0.56
N THR A 134 -12.68 -28.16 -1.43
CA THR A 134 -13.41 -27.06 -2.05
C THR A 134 -14.21 -27.51 -3.29
N THR A 135 -13.91 -28.72 -3.85
CA THR A 135 -14.64 -29.21 -5.03
C THR A 135 -16.16 -29.33 -4.76
N THR A 136 -16.99 -28.96 -5.75
CA THR A 136 -18.43 -29.18 -5.66
C THR A 136 -18.85 -30.27 -6.67
N SER A 137 -17.99 -30.55 -7.65
CA SER A 137 -18.27 -31.64 -8.61
C SER A 137 -17.74 -32.98 -8.11
N GLY A 138 -16.62 -32.96 -7.40
CA GLY A 138 -15.89 -34.16 -7.00
C GLY A 138 -15.02 -34.73 -8.12
N ASN A 139 -14.94 -34.02 -9.26
CA ASN A 139 -14.17 -34.51 -10.38
C ASN A 139 -12.72 -34.07 -10.29
N LEU A 140 -11.80 -35.00 -10.15
CA LEU A 140 -10.36 -34.76 -9.95
C LEU A 140 -9.62 -34.00 -11.08
N HIS A 141 -10.13 -34.04 -12.32
CA HIS A 141 -9.55 -33.28 -13.42
C HIS A 141 -9.66 -31.74 -13.16
N GLY A 142 -10.47 -31.36 -12.15
CA GLY A 142 -10.64 -29.98 -11.70
C GLY A 142 -9.81 -29.67 -10.47
N GLN A 143 -8.84 -30.56 -10.11
CA GLN A 143 -8.03 -30.39 -8.90
C GLN A 143 -6.51 -30.57 -9.06
N PRO A 144 -5.96 -30.96 -10.25
CA PRO A 144 -4.52 -31.29 -10.31
C PRO A 144 -3.57 -30.23 -9.75
N VAL A 145 -3.83 -28.95 -9.98
CA VAL A 145 -2.90 -27.92 -9.53
C VAL A 145 -2.82 -27.89 -7.99
N SER A 146 -3.94 -28.20 -7.30
CA SER A 146 -3.99 -28.21 -5.83
C SER A 146 -3.03 -29.23 -5.21
N PHE A 147 -2.96 -30.46 -5.79
CA PHE A 147 -2.05 -31.51 -5.34
C PHE A 147 -0.59 -31.19 -5.58
N LEU A 148 -0.28 -30.31 -6.58
CA LEU A 148 1.09 -29.95 -6.91
C LEU A 148 1.70 -28.77 -6.12
N LEU A 149 0.86 -27.85 -5.59
CA LEU A 149 1.40 -26.62 -5.02
C LEU A 149 1.97 -26.71 -3.61
N LYS A 150 3.18 -26.20 -3.45
CA LYS A 150 3.90 -26.12 -2.17
C LYS A 150 3.11 -25.39 -1.08
N GLU A 151 2.55 -24.22 -1.40
CA GLU A 151 1.75 -23.34 -0.52
C GLU A 151 0.47 -23.98 0.00
N LEU A 152 -0.05 -25.00 -0.72
CA LEU A 152 -1.26 -25.69 -0.31
C LEU A 152 -0.98 -26.90 0.57
N LYS A 153 0.33 -27.22 0.83
CA LYS A 153 0.69 -28.34 1.71
C LYS A 153 0.03 -28.07 3.07
N GLY A 154 -0.72 -29.05 3.55
CA GLY A 154 -1.48 -28.96 4.79
C GLY A 154 -2.94 -28.62 4.55
N LYS A 155 -3.29 -28.22 3.32
CA LYS A 155 -4.67 -27.92 2.94
C LYS A 155 -5.28 -29.08 2.17
N ILE A 156 -4.44 -30.01 1.72
CA ILE A 156 -4.91 -31.17 0.98
C ILE A 156 -5.09 -32.35 1.96
N PRO A 157 -6.29 -32.94 2.04
CA PRO A 157 -6.49 -34.06 2.95
C PRO A 157 -5.76 -35.32 2.48
N ASP A 158 -5.64 -36.33 3.34
CA ASP A 158 -4.99 -37.60 2.98
C ASP A 158 -5.99 -38.36 2.07
N VAL A 159 -5.85 -38.18 0.74
CA VAL A 159 -6.75 -38.83 -0.21
C VAL A 159 -6.16 -40.19 -0.65
N PRO A 160 -6.95 -41.30 -0.54
CA PRO A 160 -6.44 -42.61 -1.00
C PRO A 160 -6.03 -42.58 -2.47
N GLY A 161 -4.89 -43.19 -2.76
CA GLY A 161 -4.29 -43.17 -4.09
C GLY A 161 -3.27 -42.03 -4.28
N PHE A 162 -3.19 -41.03 -3.35
CA PHE A 162 -2.26 -39.90 -3.54
C PHE A 162 -1.13 -39.72 -2.50
N SER A 163 -0.85 -40.70 -1.63
CA SER A 163 0.20 -40.46 -0.62
C SER A 163 1.65 -40.36 -1.22
N TRP A 164 1.85 -40.80 -2.48
CA TRP A 164 3.12 -40.68 -3.20
C TRP A 164 3.46 -39.26 -3.64
N VAL A 165 2.47 -38.35 -3.65
CA VAL A 165 2.61 -36.97 -4.18
C VAL A 165 3.34 -36.01 -3.23
N THR A 166 4.50 -35.55 -3.66
CA THR A 166 5.26 -34.52 -2.94
C THR A 166 4.97 -33.19 -3.66
N PRO A 167 4.33 -32.17 -3.03
CA PRO A 167 4.14 -30.88 -3.76
C PRO A 167 5.48 -30.37 -4.31
N CYS A 168 5.50 -30.04 -5.61
CA CYS A 168 6.74 -29.75 -6.32
C CYS A 168 6.81 -28.36 -7.00
N ILE A 169 5.74 -27.56 -6.98
CA ILE A 169 5.78 -26.24 -7.60
C ILE A 169 5.31 -25.17 -6.64
N SER A 170 6.01 -24.03 -6.63
CA SER A 170 5.60 -22.92 -5.79
C SER A 170 4.59 -22.07 -6.54
N ALA A 171 3.84 -21.24 -5.83
CA ALA A 171 2.81 -20.35 -6.42
C ALA A 171 3.42 -19.40 -7.45
N LYS A 172 4.68 -19.00 -7.27
CA LYS A 172 5.40 -18.11 -8.20
C LYS A 172 5.77 -18.76 -9.53
N ASP A 173 5.67 -20.09 -9.63
CA ASP A 173 6.23 -20.82 -10.76
C ASP A 173 5.22 -21.25 -11.80
N ILE A 174 3.94 -20.86 -11.62
CA ILE A 174 2.89 -21.17 -12.58
C ILE A 174 2.30 -19.92 -13.17
N VAL A 175 2.00 -19.98 -14.48
CA VAL A 175 1.33 -18.89 -15.19
C VAL A 175 0.13 -19.52 -15.90
N TYR A 176 -1.09 -19.02 -15.61
CA TYR A 176 -2.32 -19.42 -16.30
C TYR A 176 -2.59 -18.53 -17.53
N ILE A 177 -2.96 -19.16 -18.64
CA ILE A 177 -3.40 -18.42 -19.81
C ILE A 177 -4.73 -18.98 -20.33
N GLY A 178 -5.74 -18.14 -20.43
CA GLY A 178 -6.98 -18.56 -21.06
C GLY A 178 -8.20 -18.56 -20.16
N LEU A 179 -8.03 -18.22 -18.86
CA LEU A 179 -9.12 -18.38 -17.89
C LEU A 179 -10.46 -17.65 -18.22
N ARG A 180 -11.59 -18.35 -18.01
CA ARG A 180 -12.93 -17.76 -18.20
C ARG A 180 -14.09 -18.52 -17.49
N ASP A 181 -13.78 -19.48 -16.58
CA ASP A 181 -14.79 -20.32 -15.90
C ASP A 181 -14.18 -20.87 -14.60
N VAL A 182 -13.95 -19.96 -13.66
CA VAL A 182 -13.22 -20.22 -12.43
C VAL A 182 -14.22 -20.23 -11.29
N ASP A 183 -14.27 -21.32 -10.53
CA ASP A 183 -15.15 -21.48 -9.35
C ASP A 183 -14.84 -20.46 -8.25
N PRO A 184 -15.83 -20.09 -7.41
CA PRO A 184 -15.55 -19.17 -6.28
C PRO A 184 -14.35 -19.56 -5.41
N GLY A 185 -14.35 -20.81 -4.92
CA GLY A 185 -13.24 -21.36 -4.11
C GLY A 185 -11.91 -21.29 -4.84
N GLU A 186 -11.96 -21.59 -6.14
CA GLU A 186 -10.79 -21.52 -7.01
C GLU A 186 -10.25 -20.11 -7.11
N HIS A 187 -11.15 -19.12 -7.33
CA HIS A 187 -10.78 -17.71 -7.47
C HIS A 187 -10.19 -17.21 -6.16
N TYR A 188 -10.77 -17.64 -5.01
CA TYR A 188 -10.23 -17.39 -3.68
C TYR A 188 -8.76 -17.85 -3.60
N ILE A 189 -8.46 -19.11 -4.05
CA ILE A 189 -7.13 -19.76 -4.03
C ILE A 189 -6.17 -19.00 -4.93
N LEU A 190 -6.51 -18.84 -6.22
CA LEU A 190 -5.68 -18.06 -7.17
C LEU A 190 -5.32 -16.67 -6.63
N LYS A 191 -6.28 -15.97 -6.03
CA LYS A 191 -6.03 -14.63 -5.52
C LYS A 191 -5.20 -14.63 -4.22
N THR A 192 -5.51 -15.51 -3.23
CA THR A 192 -4.76 -15.55 -1.95
C THR A 192 -3.33 -16.09 -2.08
N LEU A 193 -3.05 -16.87 -3.15
CA LEU A 193 -1.73 -17.42 -3.45
C LEU A 193 -0.90 -16.46 -4.35
N GLY A 194 -1.55 -15.43 -4.89
CA GLY A 194 -0.94 -14.43 -5.75
C GLY A 194 -0.35 -14.98 -7.02
N ILE A 195 -0.97 -16.04 -7.56
CA ILE A 195 -0.52 -16.72 -8.77
C ILE A 195 -0.70 -15.81 -9.98
N LYS A 196 0.31 -15.77 -10.87
CA LYS A 196 0.27 -14.98 -12.10
C LYS A 196 -0.74 -15.59 -13.10
N TYR A 197 -1.61 -14.76 -13.67
CA TYR A 197 -2.62 -15.27 -14.59
C TYR A 197 -3.03 -14.24 -15.66
N PHE A 198 -3.37 -14.74 -16.84
CA PHE A 198 -3.92 -13.95 -17.94
C PHE A 198 -5.26 -14.57 -18.29
N SER A 199 -6.37 -14.09 -17.65
CA SER A 199 -7.70 -14.62 -17.97
C SER A 199 -8.05 -14.06 -19.34
N MET A 200 -9.17 -14.51 -19.95
CA MET A 200 -9.55 -13.97 -21.25
C MET A 200 -9.62 -12.42 -21.25
N THR A 201 -9.97 -11.79 -20.08
CA THR A 201 -9.98 -10.32 -19.88
C THR A 201 -8.61 -9.69 -20.20
N GLU A 202 -7.52 -10.25 -19.60
CA GLU A 202 -6.14 -9.79 -19.83
C GLU A 202 -5.74 -10.03 -21.29
N VAL A 203 -6.02 -11.24 -21.85
CA VAL A 203 -5.78 -11.52 -23.28
C VAL A 203 -6.47 -10.42 -24.15
N ASP A 204 -7.76 -10.12 -23.89
CA ASP A 204 -8.45 -9.03 -24.66
C ASP A 204 -7.76 -7.67 -24.43
N ARG A 205 -7.35 -7.39 -23.19
CA ARG A 205 -6.72 -6.13 -22.81
C ARG A 205 -5.38 -5.90 -23.47
N LEU A 206 -4.49 -6.89 -23.40
CA LEU A 206 -3.10 -6.73 -23.84
C LEU A 206 -2.72 -7.22 -25.23
N GLY A 207 -3.39 -8.27 -25.71
CA GLY A 207 -2.99 -8.95 -26.93
C GLY A 207 -2.06 -10.10 -26.60
N ILE A 208 -2.27 -11.24 -27.28
CA ILE A 208 -1.47 -12.43 -27.04
C ILE A 208 0.04 -12.16 -27.11
N GLY A 209 0.45 -11.19 -27.94
CA GLY A 209 1.83 -10.80 -28.12
C GLY A 209 2.46 -10.35 -26.81
N LYS A 210 1.77 -9.45 -26.10
CA LYS A 210 2.19 -8.96 -24.78
C LYS A 210 2.04 -10.03 -23.73
N VAL A 211 0.95 -10.83 -23.83
CA VAL A 211 0.74 -11.93 -22.90
C VAL A 211 1.96 -12.84 -22.86
N MET A 212 2.41 -13.27 -24.04
CA MET A 212 3.54 -14.17 -24.15
C MET A 212 4.83 -13.53 -23.68
N GLU A 213 5.01 -12.22 -24.01
CA GLU A 213 6.18 -11.44 -23.60
C GLU A 213 6.28 -11.39 -22.10
N GLU A 214 5.17 -11.09 -21.42
CA GLU A 214 5.14 -10.99 -19.96
C GLU A 214 5.22 -12.36 -19.31
N THR A 215 4.60 -13.36 -19.92
CA THR A 215 4.59 -14.70 -19.40
C THR A 215 6.01 -15.18 -19.32
N LEU A 216 6.73 -15.05 -20.44
CA LEU A 216 8.08 -15.55 -20.52
C LEU A 216 9.05 -14.72 -19.69
N SER A 217 8.91 -13.38 -19.66
CA SER A 217 9.78 -12.55 -18.81
C SER A 217 9.56 -12.93 -17.31
N TYR A 218 8.31 -13.22 -16.92
CA TYR A 218 7.95 -13.59 -15.53
C TYR A 218 8.57 -14.94 -15.19
N LEU A 219 8.52 -15.86 -16.13
CA LEU A 219 9.06 -17.17 -15.83
C LEU A 219 10.59 -17.27 -15.98
N LEU A 220 11.15 -16.60 -16.99
CA LEU A 220 12.56 -16.73 -17.33
C LEU A 220 13.44 -15.51 -17.07
N GLY A 221 12.91 -14.48 -16.42
CA GLY A 221 13.62 -13.23 -16.14
C GLY A 221 15.02 -13.39 -15.56
N ARG A 222 15.12 -14.14 -14.45
CA ARG A 222 16.34 -14.43 -13.68
C ARG A 222 17.46 -15.10 -14.49
N LYS A 223 17.11 -16.19 -15.20
CA LYS A 223 18.02 -17.04 -16.00
C LYS A 223 17.18 -18.15 -16.63
N LYS A 224 17.81 -18.94 -17.52
CA LYS A 224 17.10 -20.02 -18.18
C LYS A 224 16.66 -21.11 -17.18
N ARG A 225 15.51 -21.74 -17.46
CA ARG A 225 14.97 -22.83 -16.65
C ARG A 225 13.97 -23.62 -17.48
N PRO A 226 13.80 -24.94 -17.23
CA PRO A 226 12.81 -25.75 -17.99
C PRO A 226 11.36 -25.27 -17.92
N ILE A 227 10.62 -25.24 -19.06
CA ILE A 227 9.19 -24.91 -19.06
C ILE A 227 8.29 -26.17 -19.24
N HIS A 228 7.26 -26.30 -18.40
CA HIS A 228 6.24 -27.34 -18.56
C HIS A 228 4.97 -26.68 -19.10
N LEU A 229 4.58 -27.05 -20.30
CA LEU A 229 3.36 -26.56 -20.89
C LEU A 229 2.22 -27.56 -20.69
N SER A 230 1.23 -27.21 -19.87
CA SER A 230 0.07 -28.08 -19.71
C SER A 230 -1.13 -27.48 -20.49
N PHE A 231 -1.44 -28.09 -21.63
CA PHE A 231 -2.43 -27.61 -22.59
C PHE A 231 -3.76 -28.38 -22.55
N ASP A 232 -4.76 -27.82 -21.87
CA ASP A 232 -6.12 -28.33 -21.91
C ASP A 232 -6.71 -27.75 -23.20
N VAL A 233 -7.21 -28.59 -24.11
CA VAL A 233 -7.71 -28.09 -25.42
C VAL A 233 -8.97 -27.21 -25.29
N ASP A 234 -9.66 -27.24 -24.14
CA ASP A 234 -10.78 -26.33 -23.88
C ASP A 234 -10.35 -24.87 -23.64
N GLY A 235 -9.04 -24.63 -23.56
CA GLY A 235 -8.51 -23.28 -23.47
C GLY A 235 -8.85 -22.53 -24.75
N LEU A 236 -8.92 -23.26 -25.86
CA LEU A 236 -9.26 -22.73 -27.17
C LEU A 236 -10.77 -22.66 -27.27
N ASP A 237 -11.26 -21.71 -28.07
CA ASP A 237 -12.72 -21.55 -28.22
C ASP A 237 -13.37 -22.86 -28.75
N PRO A 238 -14.56 -23.29 -28.24
CA PRO A 238 -15.25 -24.49 -28.79
C PRO A 238 -15.58 -24.45 -30.29
N SER A 239 -15.33 -23.33 -30.96
CA SER A 239 -15.49 -23.28 -32.42
C SER A 239 -14.27 -23.96 -33.10
N PHE A 240 -13.18 -24.18 -32.32
CA PHE A 240 -11.98 -24.85 -32.80
C PHE A 240 -11.81 -26.23 -32.22
N THR A 241 -12.07 -26.37 -30.93
CA THR A 241 -11.91 -27.64 -30.26
C THR A 241 -13.26 -28.06 -29.61
N PRO A 242 -14.35 -28.26 -30.40
CA PRO A 242 -15.64 -28.63 -29.78
C PRO A 242 -15.63 -29.98 -29.05
N ALA A 243 -14.82 -30.93 -29.52
CA ALA A 243 -14.85 -32.27 -28.92
C ALA A 243 -13.97 -32.33 -27.65
N THR A 244 -14.55 -31.77 -26.56
CA THR A 244 -13.99 -31.60 -25.22
C THR A 244 -15.14 -31.57 -24.21
N GLY A 245 -14.92 -32.12 -23.02
CA GLY A 245 -15.96 -32.30 -22.00
C GLY A 245 -16.50 -31.07 -21.29
N THR A 246 -15.69 -30.03 -21.16
CA THR A 246 -16.16 -28.83 -20.43
C THR A 246 -15.89 -27.59 -21.29
N PRO A 247 -16.60 -27.41 -22.42
CA PRO A 247 -16.25 -26.27 -23.29
C PRO A 247 -16.84 -24.97 -22.79
N VAL A 248 -16.14 -23.84 -23.00
CA VAL A 248 -16.66 -22.52 -22.57
C VAL A 248 -16.47 -21.60 -23.75
N VAL A 249 -17.55 -20.95 -24.21
CA VAL A 249 -17.44 -19.97 -25.31
C VAL A 249 -16.52 -18.79 -24.90
N GLY A 250 -16.14 -17.98 -25.89
CA GLY A 250 -15.26 -16.83 -25.77
C GLY A 250 -13.82 -17.21 -25.52
N GLY A 251 -13.37 -18.30 -26.12
CA GLY A 251 -12.05 -18.85 -25.82
C GLY A 251 -10.94 -18.30 -26.67
N LEU A 252 -9.67 -18.75 -26.42
CA LEU A 252 -8.53 -18.38 -27.25
C LEU A 252 -8.78 -18.83 -28.69
N THR A 253 -8.25 -18.12 -29.66
CA THR A 253 -8.49 -18.54 -31.04
C THR A 253 -7.48 -19.60 -31.47
N TYR A 254 -7.67 -20.13 -32.69
CA TYR A 254 -6.76 -21.13 -33.23
C TYR A 254 -5.37 -20.45 -33.40
N ARG A 255 -5.38 -19.18 -33.86
CA ARG A 255 -4.19 -18.35 -34.05
C ARG A 255 -3.49 -18.13 -32.71
N GLU A 256 -4.26 -17.74 -31.66
CA GLU A 256 -3.68 -17.47 -30.34
C GLU A 256 -3.03 -18.70 -29.77
N GLY A 257 -3.63 -19.87 -29.98
CA GLY A 257 -3.06 -21.14 -29.56
C GLY A 257 -1.72 -21.42 -30.23
N LEU A 258 -1.63 -21.13 -31.55
CA LEU A 258 -0.38 -21.27 -32.33
C LEU A 258 0.65 -20.25 -31.91
N TYR A 259 0.22 -19.01 -31.59
CA TYR A 259 1.14 -17.96 -31.11
C TYR A 259 1.82 -18.39 -29.81
N ILE A 260 1.02 -18.77 -28.78
CA ILE A 260 1.54 -19.25 -27.50
C ILE A 260 2.60 -20.34 -27.74
N THR A 261 2.28 -21.35 -28.57
CA THR A 261 3.18 -22.51 -28.68
C THR A 261 4.42 -22.21 -29.55
N GLU A 262 4.25 -21.39 -30.59
CA GLU A 262 5.35 -20.90 -31.43
C GLU A 262 6.36 -20.12 -30.53
N GLU A 263 5.85 -19.26 -29.61
CA GLU A 263 6.65 -18.49 -28.67
C GLU A 263 7.41 -19.38 -27.67
N ILE A 264 6.73 -20.40 -27.10
CA ILE A 264 7.36 -21.37 -26.18
C ILE A 264 8.46 -22.16 -26.93
N TYR A 265 8.18 -22.59 -28.18
CA TYR A 265 9.18 -23.31 -28.97
C TYR A 265 10.46 -22.52 -29.10
N LYS A 266 10.34 -21.21 -29.40
CA LYS A 266 11.50 -20.34 -29.63
C LYS A 266 12.38 -20.09 -28.42
N THR A 267 11.91 -20.35 -27.20
CA THR A 267 12.76 -20.20 -26.00
C THR A 267 13.83 -21.32 -25.99
N GLY A 268 13.49 -22.43 -26.63
CA GLY A 268 14.33 -23.64 -26.67
C GLY A 268 14.37 -24.34 -25.33
N LEU A 269 13.44 -23.96 -24.45
CA LEU A 269 13.36 -24.48 -23.08
C LEU A 269 12.18 -25.41 -22.82
N LEU A 270 11.34 -25.71 -23.84
CA LEU A 270 10.21 -26.61 -23.59
C LEU A 270 10.82 -27.94 -23.17
N SER A 271 10.35 -28.47 -22.03
CA SER A 271 10.88 -29.69 -21.41
C SER A 271 9.79 -30.75 -21.15
N GLY A 272 8.55 -30.31 -21.07
CA GLY A 272 7.44 -31.19 -20.78
C GLY A 272 6.18 -30.59 -21.33
N LEU A 273 5.36 -31.45 -21.93
CA LEU A 273 4.12 -31.03 -22.59
C LEU A 273 2.93 -31.98 -22.35
N ASP A 274 1.76 -31.42 -22.02
CA ASP A 274 0.52 -32.22 -21.89
C ASP A 274 -0.46 -31.71 -22.94
N ILE A 275 -1.09 -32.60 -23.69
CA ILE A 275 -2.11 -32.25 -24.71
C ILE A 275 -3.39 -32.95 -24.24
N MET A 276 -4.25 -32.19 -23.53
CA MET A 276 -5.29 -32.81 -22.73
C MET A 276 -6.74 -32.46 -23.11
N GLU A 277 -7.67 -33.36 -22.70
CA GLU A 277 -9.11 -33.21 -22.77
C GLU A 277 -9.70 -33.38 -24.15
N VAL A 278 -8.96 -33.98 -25.09
CA VAL A 278 -9.55 -34.30 -26.39
C VAL A 278 -10.50 -35.48 -26.20
N ASN A 279 -11.79 -35.32 -26.53
CA ASN A 279 -12.75 -36.40 -26.35
C ASN A 279 -13.52 -36.58 -27.65
N PRO A 280 -13.11 -37.57 -28.47
CA PRO A 280 -13.75 -37.75 -29.77
C PRO A 280 -15.19 -38.33 -29.72
N SER A 281 -15.77 -38.59 -28.53
CA SER A 281 -17.16 -39.02 -28.44
C SER A 281 -18.08 -37.79 -28.32
N LEU A 282 -17.48 -36.58 -28.22
CA LEU A 282 -18.21 -35.34 -27.98
C LEU A 282 -18.25 -34.37 -29.18
N GLY A 283 -17.79 -34.82 -30.33
CA GLY A 283 -18.00 -34.02 -31.54
C GLY A 283 -19.47 -34.15 -31.97
N LYS A 284 -20.16 -33.02 -32.29
CA LYS A 284 -21.56 -33.06 -32.74
C LYS A 284 -21.65 -33.79 -34.08
N THR A 285 -20.58 -33.70 -34.88
CA THR A 285 -20.45 -34.33 -36.18
C THR A 285 -19.05 -34.93 -36.21
N PRO A 286 -18.78 -35.96 -37.05
CA PRO A 286 -17.40 -36.42 -37.20
C PRO A 286 -16.50 -35.23 -37.59
N GLU A 287 -17.06 -34.22 -38.33
CA GLU A 287 -16.31 -32.99 -38.67
C GLU A 287 -15.83 -32.20 -37.41
N GLU A 288 -16.65 -32.17 -36.36
CA GLU A 288 -16.26 -31.55 -35.10
C GLU A 288 -15.15 -32.33 -34.42
N VAL A 289 -15.14 -33.66 -34.55
CA VAL A 289 -14.07 -34.50 -34.02
C VAL A 289 -12.81 -34.13 -34.78
N THR A 290 -12.84 -34.25 -36.10
CA THR A 290 -11.64 -33.97 -36.92
C THR A 290 -11.10 -32.54 -36.71
N ARG A 291 -11.99 -31.55 -36.61
CA ARG A 291 -11.59 -30.15 -36.39
C ARG A 291 -10.76 -30.03 -35.12
N THR A 292 -11.22 -30.71 -34.05
CA THR A 292 -10.56 -30.67 -32.75
C THR A 292 -9.19 -31.33 -32.82
N VAL A 293 -9.14 -32.59 -33.33
CA VAL A 293 -7.93 -33.39 -33.47
C VAL A 293 -6.92 -32.66 -34.32
N ASN A 294 -7.33 -32.08 -35.45
CA ASN A 294 -6.44 -31.27 -36.32
C ASN A 294 -5.83 -30.10 -35.55
N THR A 295 -6.65 -29.36 -34.78
CA THR A 295 -6.18 -28.27 -33.97
C THR A 295 -5.17 -28.74 -32.91
N ALA A 296 -5.47 -29.86 -32.18
CA ALA A 296 -4.56 -30.40 -31.16
C ALA A 296 -3.21 -30.79 -31.79
N VAL A 297 -3.23 -31.39 -33.00
CA VAL A 297 -1.99 -31.72 -33.73
C VAL A 297 -1.23 -30.44 -34.11
N ALA A 298 -1.91 -29.45 -34.73
CA ALA A 298 -1.27 -28.17 -35.08
C ALA A 298 -0.54 -27.58 -33.87
N ILE A 299 -1.23 -27.57 -32.72
CA ILE A 299 -0.70 -26.98 -31.46
C ILE A 299 0.56 -27.75 -31.08
N THR A 300 0.49 -29.09 -31.11
CA THR A 300 1.62 -29.96 -30.78
C THR A 300 2.78 -29.69 -31.73
N LEU A 301 2.54 -29.62 -33.05
CA LEU A 301 3.62 -29.37 -34.04
C LEU A 301 4.35 -28.03 -33.82
N ALA A 302 3.60 -26.98 -33.47
CA ALA A 302 4.21 -25.69 -33.12
C ALA A 302 5.11 -25.78 -31.89
N CYS A 303 4.72 -26.57 -30.89
CA CYS A 303 5.56 -26.82 -29.72
C CYS A 303 6.94 -27.38 -30.14
N PHE A 304 7.04 -28.08 -31.29
CA PHE A 304 8.32 -28.66 -31.72
C PHE A 304 8.90 -28.06 -33.02
N GLY A 305 8.63 -26.76 -33.25
CA GLY A 305 9.26 -26.04 -34.33
C GLY A 305 8.47 -25.66 -35.57
N LEU A 306 7.27 -26.24 -35.79
CA LEU A 306 6.55 -25.88 -37.01
C LEU A 306 6.10 -24.43 -36.92
N ALA A 307 6.60 -23.56 -37.83
CA ALA A 307 6.36 -22.13 -37.77
C ALA A 307 5.54 -21.66 -38.93
N ARG A 308 4.61 -20.72 -38.67
CA ARG A 308 3.71 -20.24 -39.73
C ARG A 308 4.43 -19.52 -40.84
N GLU A 309 5.55 -18.85 -40.52
CA GLU A 309 6.38 -18.13 -41.48
C GLU A 309 7.11 -19.08 -42.43
N GLY A 310 7.19 -20.37 -42.04
CA GLY A 310 7.85 -21.44 -42.77
C GLY A 310 9.04 -22.02 -42.03
N ASN A 311 9.56 -23.18 -42.54
CA ASN A 311 10.73 -23.87 -42.00
C ASN A 311 11.55 -24.38 -43.16
N HIS A 312 12.85 -24.56 -42.96
CA HIS A 312 13.74 -25.15 -43.97
C HIS A 312 14.97 -25.78 -43.34
N LYS A 313 15.50 -26.83 -43.98
CA LYS A 313 16.73 -27.52 -43.57
C LYS A 313 17.91 -26.57 -43.80
N PRO A 314 19.00 -26.66 -42.99
CA PRO A 314 20.13 -25.73 -43.17
C PRO A 314 21.00 -25.93 -44.42
N ILE A 315 20.40 -26.43 -45.52
CA ILE A 315 21.03 -26.59 -46.85
C ILE A 315 20.67 -25.39 -47.76
N ASP A 316 21.35 -25.26 -48.92
CA ASP A 316 21.07 -24.25 -49.94
C ASP A 316 19.97 -24.78 -50.87
N TYR A 317 18.82 -24.10 -50.90
CA TYR A 317 17.67 -24.51 -51.71
C TYR A 317 17.68 -23.98 -53.16
N LEU A 318 18.64 -23.10 -53.50
CA LEU A 318 18.76 -22.53 -54.86
C LEU A 318 19.95 -23.09 -55.65
N ASN A 319 20.75 -23.99 -55.03
CA ASN A 319 21.89 -24.63 -55.68
C ASN A 319 21.97 -26.12 -55.36
N ALA B 3 -23.60 -3.52 -2.42
CA ALA B 3 -22.85 -2.71 -3.38
C ALA B 3 -23.81 -1.96 -4.30
N LYS B 4 -23.62 -0.63 -4.42
CA LYS B 4 -24.52 0.14 -5.28
C LYS B 4 -24.34 -0.19 -6.77
N SER B 5 -23.12 -0.68 -7.16
CA SER B 5 -22.88 -1.12 -8.53
C SER B 5 -23.61 -2.44 -8.85
N ARG B 6 -24.16 -3.08 -7.82
CA ARG B 6 -24.96 -4.30 -7.96
C ARG B 6 -26.42 -4.11 -7.49
N THR B 7 -26.87 -2.86 -7.35
CA THR B 7 -28.25 -2.56 -6.91
C THR B 7 -29.07 -2.13 -8.12
N ILE B 8 -29.95 -3.02 -8.58
CA ILE B 8 -30.63 -2.88 -9.87
C ILE B 8 -32.15 -2.73 -9.82
N GLY B 9 -32.67 -1.96 -10.78
CA GLY B 9 -34.08 -1.75 -11.03
C GLY B 9 -34.40 -2.13 -12.47
N ILE B 10 -35.15 -3.26 -12.64
CA ILE B 10 -35.50 -3.82 -13.95
C ILE B 10 -36.71 -3.14 -14.54
N ILE B 11 -36.55 -2.62 -15.77
CA ILE B 11 -37.66 -2.09 -16.55
C ILE B 11 -37.78 -2.84 -17.87
N GLY B 12 -38.90 -3.55 -18.06
CA GLY B 12 -39.17 -4.16 -19.35
C GLY B 12 -39.82 -3.11 -20.24
N ALA B 13 -39.35 -2.96 -21.49
CA ALA B 13 -39.99 -1.99 -22.37
C ALA B 13 -40.36 -2.69 -23.66
N PRO B 14 -41.45 -3.51 -23.60
CA PRO B 14 -41.86 -4.30 -24.77
C PRO B 14 -42.45 -3.45 -25.90
N PHE B 15 -41.57 -2.88 -26.73
CA PHE B 15 -41.95 -1.91 -27.75
C PHE B 15 -41.19 -2.11 -29.03
N SER B 16 -41.93 -2.13 -30.16
CA SER B 16 -41.38 -2.46 -31.47
C SER B 16 -41.66 -1.43 -32.56
N LYS B 17 -42.35 -0.35 -32.23
CA LYS B 17 -42.82 0.54 -33.30
C LYS B 17 -41.79 1.58 -33.75
N GLY B 18 -40.59 1.49 -33.20
CA GLY B 18 -39.48 2.34 -33.63
C GLY B 18 -38.88 1.80 -34.92
N GLN B 19 -39.36 0.62 -35.37
CA GLN B 19 -38.86 -0.08 -36.56
C GLN B 19 -39.94 -1.00 -37.22
N PRO B 20 -39.67 -1.57 -38.40
CA PRO B 20 -40.72 -2.35 -39.08
C PRO B 20 -40.80 -3.84 -38.75
N ARG B 21 -39.74 -4.43 -38.16
CA ARG B 21 -39.74 -5.86 -37.96
C ARG B 21 -40.42 -6.28 -36.65
N GLY B 22 -41.53 -6.99 -36.77
CA GLY B 22 -42.25 -7.47 -35.60
C GLY B 22 -41.45 -8.48 -34.80
N GLY B 23 -41.60 -8.43 -33.48
CA GLY B 23 -41.01 -9.41 -32.57
C GLY B 23 -40.05 -8.87 -31.54
N VAL B 24 -39.50 -7.67 -31.77
CA VAL B 24 -38.55 -7.06 -30.81
C VAL B 24 -39.22 -6.78 -29.44
N GLU B 25 -40.54 -6.68 -29.42
CA GLU B 25 -41.32 -6.43 -28.20
C GLU B 25 -41.30 -7.63 -27.26
N GLU B 26 -40.79 -8.79 -27.73
CA GLU B 26 -40.60 -10.01 -26.94
C GLU B 26 -39.22 -10.09 -26.24
N GLY B 27 -38.35 -9.13 -26.53
CA GLY B 27 -37.02 -9.03 -25.91
C GLY B 27 -37.07 -9.14 -24.40
N PRO B 28 -37.96 -8.38 -23.69
CA PRO B 28 -38.07 -8.57 -22.24
C PRO B 28 -38.51 -9.99 -21.84
N THR B 29 -39.59 -10.54 -22.47
CA THR B 29 -40.08 -11.90 -22.24
C THR B 29 -38.94 -12.92 -22.29
N VAL B 30 -38.24 -12.99 -23.43
CA VAL B 30 -37.19 -13.97 -23.73
C VAL B 30 -35.94 -13.78 -22.86
N LEU B 31 -35.61 -12.53 -22.52
CA LEU B 31 -34.49 -12.21 -21.62
C LEU B 31 -34.76 -12.67 -20.17
N ARG B 32 -36.01 -12.47 -19.68
CA ARG B 32 -36.40 -12.97 -18.35
C ARG B 32 -36.33 -14.52 -18.32
N LYS B 33 -36.95 -15.18 -19.33
CA LYS B 33 -37.03 -16.65 -19.45
C LYS B 33 -35.67 -17.35 -19.46
N ALA B 34 -34.61 -16.63 -19.82
CA ALA B 34 -33.24 -17.16 -19.83
C ALA B 34 -32.57 -17.20 -18.43
N GLY B 35 -33.32 -16.80 -17.40
CA GLY B 35 -32.88 -16.80 -16.01
C GLY B 35 -32.16 -15.55 -15.55
N LEU B 36 -32.28 -14.41 -16.31
CA LEU B 36 -31.59 -13.16 -16.01
C LEU B 36 -31.64 -12.69 -14.54
N LEU B 37 -32.86 -12.46 -14.02
CA LEU B 37 -32.99 -11.96 -12.65
C LEU B 37 -32.34 -12.90 -11.65
N GLU B 38 -32.52 -14.22 -11.86
CA GLU B 38 -31.97 -15.23 -10.97
C GLU B 38 -30.44 -15.25 -11.02
N LYS B 39 -29.91 -15.15 -12.25
CA LYS B 39 -28.47 -15.14 -12.52
C LYS B 39 -27.85 -13.94 -11.86
N LEU B 40 -28.56 -12.82 -11.86
CA LEU B 40 -28.11 -11.59 -11.20
C LEU B 40 -28.11 -11.70 -9.66
N LYS B 41 -29.17 -12.33 -9.10
CA LYS B 41 -29.31 -12.57 -7.66
C LYS B 41 -28.26 -13.57 -7.17
N GLU B 42 -27.84 -14.48 -8.07
CA GLU B 42 -26.80 -15.49 -7.81
C GLU B 42 -25.44 -14.83 -7.67
N GLN B 43 -25.22 -13.72 -8.38
CA GLN B 43 -23.98 -12.99 -8.30
C GLN B 43 -24.05 -11.84 -7.30
N GLU B 44 -24.89 -12.04 -6.26
CA GLU B 44 -25.01 -11.16 -5.08
C GLU B 44 -25.75 -9.84 -5.30
N CYS B 45 -26.40 -9.63 -6.46
CA CYS B 45 -27.11 -8.37 -6.73
C CYS B 45 -28.39 -8.23 -5.90
N ASP B 46 -28.81 -6.99 -5.66
CA ASP B 46 -30.07 -6.68 -4.99
C ASP B 46 -30.97 -6.18 -6.13
N VAL B 47 -31.82 -7.11 -6.61
CA VAL B 47 -32.61 -6.91 -7.82
C VAL B 47 -34.09 -6.64 -7.55
N LYS B 48 -34.58 -5.49 -8.05
CA LYS B 48 -36.00 -5.18 -8.04
C LYS B 48 -36.57 -5.13 -9.47
N ASP B 49 -37.67 -5.86 -9.71
CA ASP B 49 -38.35 -5.90 -10.99
C ASP B 49 -39.57 -4.98 -10.91
N TYR B 50 -39.61 -3.97 -11.80
CA TYR B 50 -40.70 -3.00 -11.89
C TYR B 50 -41.71 -3.45 -12.93
N GLY B 51 -41.44 -4.62 -13.52
CA GLY B 51 -42.29 -5.27 -14.50
C GLY B 51 -42.16 -4.65 -15.89
N ASP B 52 -43.12 -4.95 -16.76
CA ASP B 52 -43.17 -4.44 -18.13
C ASP B 52 -44.11 -3.27 -18.21
N LEU B 53 -43.70 -2.23 -18.92
CA LEU B 53 -44.56 -1.08 -19.06
C LEU B 53 -45.72 -1.42 -19.92
N PRO B 54 -46.93 -0.98 -19.53
CA PRO B 54 -48.07 -1.10 -20.43
C PRO B 54 -48.04 0.06 -21.43
N PHE B 55 -47.70 -0.22 -22.68
CA PHE B 55 -47.78 0.83 -23.69
C PHE B 55 -49.14 0.68 -24.36
N ALA B 56 -50.10 1.54 -24.00
CA ALA B 56 -51.45 1.48 -24.56
C ALA B 56 -51.43 1.80 -26.04
N ASP B 57 -52.33 1.17 -26.80
CA ASP B 57 -52.44 1.40 -28.24
C ASP B 57 -52.64 2.89 -28.58
N ILE B 58 -51.97 3.37 -29.63
CA ILE B 58 -52.15 4.72 -30.15
C ILE B 58 -52.58 4.52 -31.58
N PRO B 59 -53.90 4.26 -31.84
CA PRO B 59 -54.31 3.89 -33.22
C PRO B 59 -54.20 5.00 -34.25
N ASN B 60 -54.52 6.25 -33.90
CA ASN B 60 -54.39 7.33 -34.90
C ASN B 60 -52.96 7.88 -34.85
N ASP B 61 -52.09 7.31 -35.70
CA ASP B 61 -50.67 7.67 -35.66
C ASP B 61 -50.03 7.79 -37.03
N SER B 62 -50.48 8.80 -37.78
CA SER B 62 -50.04 9.16 -39.11
C SER B 62 -48.56 9.50 -39.13
N PRO B 63 -47.83 9.15 -40.21
CA PRO B 63 -46.40 9.48 -40.26
C PRO B 63 -46.15 10.97 -40.24
N PHE B 64 -45.02 11.38 -39.66
CA PHE B 64 -44.55 12.75 -39.73
C PHE B 64 -43.61 12.72 -40.92
N GLN B 65 -44.05 13.24 -42.08
CA GLN B 65 -43.38 13.08 -43.38
C GLN B 65 -43.13 11.57 -43.66
N ILE B 66 -41.88 11.08 -43.63
CA ILE B 66 -41.64 9.65 -43.82
C ILE B 66 -41.45 8.93 -42.46
N VAL B 67 -41.43 9.68 -41.37
CA VAL B 67 -41.20 9.14 -40.03
C VAL B 67 -42.46 8.39 -39.51
N LYS B 68 -42.37 7.06 -39.39
CA LYS B 68 -43.48 6.19 -38.97
C LYS B 68 -43.71 6.20 -37.45
N ASN B 69 -44.99 5.96 -37.07
CA ASN B 69 -45.50 5.86 -35.69
C ASN B 69 -44.93 6.89 -34.74
N PRO B 70 -44.89 8.19 -35.07
CA PRO B 70 -44.27 9.15 -34.15
C PRO B 70 -44.88 9.23 -32.77
N ARG B 71 -46.25 9.23 -32.66
CA ARG B 71 -46.91 9.36 -31.35
C ARG B 71 -46.67 8.19 -30.43
N SER B 72 -46.67 6.96 -31.00
CA SER B 72 -46.44 5.70 -30.30
C SER B 72 -45.03 5.65 -29.75
N VAL B 73 -44.02 6.02 -30.56
CA VAL B 73 -42.59 5.96 -30.17
C VAL B 73 -42.37 7.07 -29.12
N GLY B 74 -42.96 8.26 -29.39
CA GLY B 74 -42.91 9.41 -28.50
C GLY B 74 -43.52 9.14 -27.13
N LYS B 75 -44.71 8.54 -27.09
CA LYS B 75 -45.37 8.21 -25.82
C LYS B 75 -44.65 7.12 -25.06
N ALA B 76 -44.13 6.09 -25.77
CA ALA B 76 -43.37 5.02 -25.11
C ALA B 76 -42.12 5.56 -24.41
N SER B 77 -41.34 6.44 -25.08
CA SER B 77 -40.13 6.99 -24.47
C SER B 77 -40.52 7.96 -23.34
N GLU B 78 -41.61 8.69 -23.54
CA GLU B 78 -42.09 9.59 -22.50
C GLU B 78 -42.41 8.79 -21.21
N GLN B 79 -43.10 7.65 -21.35
CA GLN B 79 -43.46 6.85 -20.16
C GLN B 79 -42.22 6.24 -19.52
N LEU B 80 -41.32 5.72 -20.38
CA LEU B 80 -40.07 5.13 -19.95
C LEU B 80 -39.22 6.17 -19.22
N ALA B 81 -39.21 7.42 -19.72
CA ALA B 81 -38.41 8.46 -19.05
C ALA B 81 -38.88 8.72 -17.60
N GLY B 82 -40.18 8.66 -17.36
CA GLY B 82 -40.73 8.82 -16.03
C GLY B 82 -40.40 7.63 -15.15
N LYS B 83 -40.43 6.42 -15.74
CA LYS B 83 -40.14 5.13 -15.10
C LYS B 83 -38.68 5.04 -14.71
N VAL B 84 -37.76 5.46 -15.60
CA VAL B 84 -36.32 5.44 -15.32
C VAL B 84 -36.00 6.44 -14.20
N ALA B 85 -36.56 7.66 -14.27
CA ALA B 85 -36.36 8.72 -13.28
C ALA B 85 -36.82 8.23 -11.89
N GLU B 86 -37.89 7.42 -11.83
CA GLU B 86 -38.38 6.81 -10.60
C GLU B 86 -37.34 5.80 -10.10
N VAL B 87 -36.81 4.96 -11.01
CA VAL B 87 -35.80 3.95 -10.68
C VAL B 87 -34.52 4.60 -10.16
N LYS B 88 -34.08 5.70 -10.81
CA LYS B 88 -32.92 6.48 -10.37
C LYS B 88 -33.14 7.18 -9.00
N LYS B 89 -34.37 7.64 -8.74
CA LYS B 89 -34.68 8.29 -7.45
C LYS B 89 -34.70 7.30 -6.29
N ASN B 90 -34.96 6.01 -6.58
CA ASN B 90 -34.93 4.91 -5.61
C ASN B 90 -33.50 4.42 -5.35
N GLY B 91 -32.52 5.13 -5.91
CA GLY B 91 -31.11 4.83 -5.80
C GLY B 91 -30.71 3.48 -6.38
N ARG B 92 -31.35 3.09 -7.50
CA ARG B 92 -31.06 1.84 -8.19
C ARG B 92 -30.56 2.12 -9.62
N ILE B 93 -29.67 1.28 -10.16
CA ILE B 93 -29.23 1.41 -11.55
C ILE B 93 -30.41 0.97 -12.44
N SER B 94 -30.81 1.77 -13.44
CA SER B 94 -31.90 1.32 -14.33
C SER B 94 -31.38 0.32 -15.38
N LEU B 95 -32.06 -0.82 -15.51
CA LEU B 95 -31.82 -1.85 -16.52
C LEU B 95 -33.07 -1.99 -17.37
N VAL B 96 -33.01 -1.40 -18.56
CA VAL B 96 -34.12 -1.39 -19.50
C VAL B 96 -33.91 -2.53 -20.47
N LEU B 97 -34.85 -3.45 -20.48
CA LEU B 97 -34.84 -4.61 -21.39
C LEU B 97 -35.72 -4.26 -22.57
N GLY B 98 -35.08 -4.06 -23.71
CA GLY B 98 -35.81 -3.69 -24.90
C GLY B 98 -36.34 -4.91 -25.65
N GLY B 99 -37.13 -4.68 -26.70
CA GLY B 99 -37.48 -3.32 -27.15
C GLY B 99 -36.54 -2.77 -28.21
N ASP B 100 -37.07 -1.93 -29.11
CA ASP B 100 -36.22 -1.30 -30.13
C ASP B 100 -35.45 -0.10 -29.58
N HIS B 101 -34.39 0.38 -30.29
CA HIS B 101 -33.48 1.38 -29.72
C HIS B 101 -34.04 2.79 -29.65
N SER B 102 -35.23 3.09 -30.26
CA SER B 102 -35.88 4.43 -30.16
C SER B 102 -36.14 4.78 -28.69
N LEU B 103 -36.35 3.72 -27.87
CA LEU B 103 -36.57 3.80 -26.45
C LEU B 103 -35.44 4.49 -25.69
N ALA B 104 -34.19 4.54 -26.25
CA ALA B 104 -33.10 5.22 -25.57
C ALA B 104 -33.35 6.76 -25.41
N ILE B 105 -34.28 7.34 -26.21
CA ILE B 105 -34.69 8.75 -26.00
C ILE B 105 -35.19 8.84 -24.54
N GLY B 106 -36.15 7.98 -24.21
CA GLY B 106 -36.75 7.91 -22.88
C GLY B 106 -35.80 7.49 -21.80
N SER B 107 -35.05 6.38 -22.02
CA SER B 107 -34.10 5.93 -21.01
C SER B 107 -33.07 6.99 -20.67
N ILE B 108 -32.45 7.61 -21.68
CA ILE B 108 -31.42 8.62 -21.43
C ILE B 108 -32.08 9.89 -20.87
N SER B 109 -33.28 10.25 -21.37
CA SER B 109 -34.00 11.44 -20.86
C SER B 109 -34.35 11.35 -19.38
N GLY B 110 -34.99 10.24 -18.97
CA GLY B 110 -35.34 9.98 -17.57
C GLY B 110 -34.15 9.91 -16.64
N HIS B 111 -33.12 9.23 -17.05
CA HIS B 111 -31.87 9.08 -16.28
C HIS B 111 -31.19 10.47 -16.05
N ALA B 112 -31.15 11.31 -17.10
CA ALA B 112 -30.62 12.68 -17.04
C ALA B 112 -31.38 13.57 -16.02
N ARG B 113 -32.72 13.37 -15.88
CA ARG B 113 -33.54 14.11 -14.92
C ARG B 113 -33.01 13.98 -13.49
N VAL B 114 -32.35 12.85 -13.17
CA VAL B 114 -31.85 12.59 -11.83
C VAL B 114 -30.34 12.82 -11.81
N HIS B 115 -29.65 12.46 -12.91
CA HIS B 115 -28.22 12.68 -13.04
C HIS B 115 -27.88 13.44 -14.34
N PRO B 116 -27.99 14.79 -14.36
CA PRO B 116 -27.74 15.54 -15.61
C PRO B 116 -26.29 15.57 -16.09
N ASP B 117 -25.36 15.12 -15.25
CA ASP B 117 -23.92 15.10 -15.56
C ASP B 117 -23.48 13.76 -16.19
N LEU B 118 -24.44 12.85 -16.46
CA LEU B 118 -24.15 11.54 -17.02
C LEU B 118 -23.35 11.59 -18.34
N GLY B 119 -22.62 10.50 -18.58
CA GLY B 119 -21.86 10.24 -19.80
C GLY B 119 -22.40 9.00 -20.47
N VAL B 120 -22.51 9.03 -21.79
CA VAL B 120 -23.11 7.95 -22.58
C VAL B 120 -22.07 7.05 -23.28
N ILE B 121 -22.28 5.74 -23.26
CA ILE B 121 -21.45 4.83 -24.06
C ILE B 121 -22.45 4.10 -24.89
N TRP B 122 -22.31 4.22 -26.21
CA TRP B 122 -23.28 3.67 -27.15
C TRP B 122 -22.59 2.58 -28.00
N VAL B 123 -22.90 1.30 -27.66
CA VAL B 123 -22.36 0.13 -28.32
C VAL B 123 -23.36 -0.26 -29.38
N ASP B 124 -22.94 -0.11 -30.66
CA ASP B 124 -23.85 -0.25 -31.79
C ASP B 124 -23.10 -0.29 -33.10
N ALA B 125 -23.65 -1.00 -34.08
CA ALA B 125 -23.09 -1.01 -35.43
C ALA B 125 -23.55 0.27 -36.12
N HIS B 126 -24.54 0.96 -35.55
CA HIS B 126 -25.16 2.17 -36.10
C HIS B 126 -25.03 3.39 -35.16
N THR B 127 -24.96 4.59 -35.73
CA THR B 127 -24.86 5.84 -35.00
C THR B 127 -26.23 6.30 -34.49
N ASP B 128 -27.35 5.81 -35.08
CA ASP B 128 -28.71 6.15 -34.64
C ASP B 128 -28.94 7.68 -34.44
N ILE B 129 -28.25 8.51 -35.24
CA ILE B 129 -28.21 9.96 -35.12
C ILE B 129 -28.96 10.70 -36.26
N ASN B 130 -29.63 9.97 -37.14
CA ASN B 130 -30.41 10.67 -38.17
C ASN B 130 -31.42 11.57 -37.48
N THR B 131 -31.72 12.72 -38.11
CA THR B 131 -32.79 13.58 -37.60
C THR B 131 -34.07 13.20 -38.38
N PRO B 132 -35.29 13.59 -37.93
CA PRO B 132 -36.50 13.27 -38.73
C PRO B 132 -36.47 13.76 -40.17
N LEU B 133 -35.50 14.65 -40.48
CA LEU B 133 -35.30 15.28 -41.79
C LEU B 133 -34.18 14.59 -42.56
N THR B 134 -33.08 14.19 -41.91
CA THR B 134 -32.00 13.46 -42.64
C THR B 134 -32.33 11.99 -42.90
N THR B 135 -33.22 11.41 -42.11
CA THR B 135 -33.57 9.99 -42.27
C THR B 135 -34.12 9.65 -43.67
N THR B 136 -33.76 8.47 -44.19
CA THR B 136 -34.31 7.99 -45.48
C THR B 136 -35.23 6.79 -45.27
N SER B 137 -35.11 6.11 -44.12
CA SER B 137 -35.97 4.95 -43.78
C SER B 137 -37.21 5.41 -43.04
N GLY B 138 -37.10 6.52 -42.34
CA GLY B 138 -38.21 7.03 -41.53
C GLY B 138 -38.50 6.23 -40.27
N ASN B 139 -37.58 5.32 -39.88
CA ASN B 139 -37.70 4.49 -38.68
C ASN B 139 -36.99 5.18 -37.50
N LEU B 140 -37.73 5.37 -36.37
CA LEU B 140 -37.30 6.12 -35.19
C LEU B 140 -36.21 5.46 -34.33
N HIS B 141 -36.01 4.15 -34.47
CA HIS B 141 -34.90 3.48 -33.80
C HIS B 141 -33.53 3.95 -34.38
N GLY B 142 -33.54 4.48 -35.59
CA GLY B 142 -32.33 5.02 -36.22
C GLY B 142 -32.10 6.49 -35.97
N GLN B 143 -32.87 7.11 -35.03
CA GLN B 143 -32.84 8.56 -34.74
C GLN B 143 -32.67 8.99 -33.26
N PRO B 144 -32.58 8.09 -32.25
CA PRO B 144 -32.63 8.53 -30.86
C PRO B 144 -31.61 9.59 -30.45
N VAL B 145 -30.35 9.42 -30.88
CA VAL B 145 -29.24 10.32 -30.54
C VAL B 145 -29.51 11.77 -30.98
N SER B 146 -30.15 11.98 -32.15
CA SER B 146 -30.43 13.32 -32.67
C SER B 146 -31.34 14.10 -31.74
N PHE B 147 -32.37 13.42 -31.10
CA PHE B 147 -33.30 14.08 -30.17
C PHE B 147 -32.64 14.51 -28.86
N LEU B 148 -31.59 13.76 -28.43
CA LEU B 148 -30.88 13.95 -27.16
C LEU B 148 -29.72 14.95 -27.22
N LEU B 149 -29.13 15.22 -28.42
CA LEU B 149 -27.98 16.14 -28.47
C LEU B 149 -28.37 17.59 -28.43
N LYS B 150 -27.75 18.36 -27.51
CA LYS B 150 -27.94 19.80 -27.37
C LYS B 150 -27.50 20.57 -28.60
N GLU B 151 -26.46 20.11 -29.29
CA GLU B 151 -25.95 20.80 -30.47
C GLU B 151 -26.90 20.73 -31.68
N LEU B 152 -27.88 19.81 -31.66
CA LEU B 152 -28.81 19.71 -32.78
C LEU B 152 -30.10 20.48 -32.54
N LYS B 153 -30.19 21.16 -31.40
CA LYS B 153 -31.32 22.02 -31.07
C LYS B 153 -31.31 23.13 -32.15
N GLY B 154 -32.32 23.09 -33.00
CA GLY B 154 -32.48 23.95 -34.17
C GLY B 154 -32.68 23.11 -35.40
N LYS B 155 -32.13 21.88 -35.39
CA LYS B 155 -32.21 20.93 -36.50
C LYS B 155 -33.24 19.78 -36.28
N ILE B 156 -34.01 19.81 -35.16
CA ILE B 156 -35.04 18.80 -34.93
C ILE B 156 -36.40 19.45 -35.11
N PRO B 157 -37.23 19.02 -36.10
CA PRO B 157 -38.54 19.68 -36.27
C PRO B 157 -39.53 19.25 -35.21
N ASP B 158 -40.72 19.87 -35.22
CA ASP B 158 -41.75 19.51 -34.26
C ASP B 158 -42.44 18.20 -34.67
N VAL B 159 -41.98 17.06 -34.13
CA VAL B 159 -42.55 15.75 -34.46
C VAL B 159 -43.63 15.45 -33.40
N PRO B 160 -44.84 14.97 -33.81
CA PRO B 160 -45.89 14.65 -32.84
C PRO B 160 -45.52 13.48 -31.92
N GLY B 161 -45.60 13.77 -30.63
CA GLY B 161 -45.32 12.84 -29.54
C GLY B 161 -44.05 13.16 -28.82
N PHE B 162 -43.25 14.11 -29.37
CA PHE B 162 -41.94 14.48 -28.83
C PHE B 162 -41.87 15.89 -28.24
N SER B 163 -43.02 16.58 -27.99
CA SER B 163 -42.91 17.94 -27.39
C SER B 163 -42.26 17.98 -26.01
N TRP B 164 -42.37 16.87 -25.27
CA TRP B 164 -41.80 16.67 -23.94
C TRP B 164 -40.25 16.57 -23.95
N VAL B 165 -39.63 16.20 -25.11
CA VAL B 165 -38.15 16.02 -25.22
C VAL B 165 -37.37 17.34 -25.11
N THR B 166 -36.31 17.34 -24.32
CA THR B 166 -35.38 18.44 -24.12
C THR B 166 -34.01 17.79 -24.30
N PRO B 167 -33.12 18.33 -25.17
CA PRO B 167 -31.81 17.71 -25.35
C PRO B 167 -30.99 17.77 -24.05
N CYS B 168 -30.53 16.61 -23.60
CA CYS B 168 -29.89 16.45 -22.28
C CYS B 168 -28.41 16.15 -22.33
N ILE B 169 -27.87 15.77 -23.47
CA ILE B 169 -26.44 15.51 -23.54
C ILE B 169 -25.77 16.32 -24.62
N SER B 170 -24.59 16.86 -24.30
CA SER B 170 -23.74 17.61 -25.22
C SER B 170 -22.99 16.62 -26.07
N ALA B 171 -22.55 17.02 -27.28
CA ALA B 171 -21.82 16.15 -28.19
C ALA B 171 -20.55 15.54 -27.56
N LYS B 172 -19.95 16.23 -26.56
CA LYS B 172 -18.73 15.76 -25.89
C LYS B 172 -18.96 14.61 -24.92
N ASP B 173 -20.22 14.39 -24.49
CA ASP B 173 -20.54 13.44 -23.41
C ASP B 173 -21.10 12.09 -23.88
N ILE B 174 -20.87 11.75 -25.15
CA ILE B 174 -21.26 10.45 -25.72
C ILE B 174 -20.06 9.84 -26.44
N VAL B 175 -19.92 8.51 -26.34
CA VAL B 175 -18.84 7.82 -27.03
C VAL B 175 -19.47 6.62 -27.74
N TYR B 176 -19.19 6.48 -29.04
CA TYR B 176 -19.63 5.32 -29.82
C TYR B 176 -18.54 4.23 -29.88
N ILE B 177 -18.97 2.94 -29.88
CA ILE B 177 -18.11 1.76 -30.08
C ILE B 177 -18.84 0.77 -30.97
N GLY B 178 -18.15 0.29 -32.01
CA GLY B 178 -18.71 -0.75 -32.87
C GLY B 178 -19.22 -0.35 -34.23
N LEU B 179 -19.23 0.95 -34.52
CA LEU B 179 -19.76 1.51 -35.75
C LEU B 179 -19.19 0.88 -37.02
N ARG B 180 -20.07 0.49 -37.96
CA ARG B 180 -19.71 -0.11 -39.27
C ARG B 180 -20.80 0.05 -40.36
N ASP B 181 -21.90 0.78 -40.07
CA ASP B 181 -22.97 0.95 -41.05
C ASP B 181 -23.62 2.30 -40.77
N VAL B 182 -22.94 3.38 -41.18
CA VAL B 182 -23.32 4.76 -40.92
C VAL B 182 -23.79 5.40 -42.22
N ASP B 183 -25.01 5.97 -42.23
CA ASP B 183 -25.57 6.67 -43.41
C ASP B 183 -24.74 7.92 -43.69
N PRO B 184 -24.72 8.45 -44.93
CA PRO B 184 -23.96 9.69 -45.21
C PRO B 184 -24.32 10.89 -44.32
N GLY B 185 -25.61 11.14 -44.13
CA GLY B 185 -26.09 12.22 -43.27
C GLY B 185 -25.61 12.05 -41.84
N GLU B 186 -25.61 10.80 -41.36
CA GLU B 186 -25.18 10.43 -40.02
C GLU B 186 -23.67 10.71 -39.91
N HIS B 187 -22.91 10.30 -40.95
CA HIS B 187 -21.47 10.54 -41.01
C HIS B 187 -21.16 12.02 -41.02
N TYR B 188 -21.90 12.81 -41.83
CA TYR B 188 -21.77 14.27 -41.81
C TYR B 188 -22.02 14.85 -40.40
N ILE B 189 -23.11 14.39 -39.71
CA ILE B 189 -23.40 14.89 -38.35
C ILE B 189 -22.30 14.52 -37.37
N LEU B 190 -21.95 13.22 -37.30
CA LEU B 190 -20.89 12.70 -36.45
C LEU B 190 -19.62 13.52 -36.55
N LYS B 191 -19.13 13.69 -37.77
CA LYS B 191 -17.89 14.42 -38.03
C LYS B 191 -17.98 15.93 -37.75
N THR B 192 -19.11 16.60 -38.13
CA THR B 192 -19.35 18.04 -37.84
C THR B 192 -19.42 18.31 -36.33
N LEU B 193 -20.11 17.46 -35.54
CA LEU B 193 -20.18 17.70 -34.09
C LEU B 193 -18.90 17.32 -33.28
N GLY B 194 -17.93 16.66 -33.94
CA GLY B 194 -16.70 16.18 -33.32
C GLY B 194 -16.93 15.16 -32.23
N ILE B 195 -17.97 14.34 -32.38
CA ILE B 195 -18.32 13.26 -31.42
C ILE B 195 -17.21 12.19 -31.42
N LYS B 196 -16.79 11.73 -30.22
CA LYS B 196 -15.77 10.70 -30.01
C LYS B 196 -16.32 9.35 -30.45
N TYR B 197 -15.64 8.70 -31.36
CA TYR B 197 -16.12 7.38 -31.83
C TYR B 197 -14.98 6.41 -32.09
N PHE B 198 -15.30 5.13 -31.98
CA PHE B 198 -14.38 4.05 -32.31
C PHE B 198 -15.16 3.10 -33.20
N SER B 199 -15.04 3.29 -34.52
CA SER B 199 -15.66 2.43 -35.51
C SER B 199 -14.95 1.07 -35.47
N MET B 200 -15.44 0.07 -36.22
CA MET B 200 -14.69 -1.18 -36.27
C MET B 200 -13.20 -0.95 -36.72
N THR B 201 -12.93 0.09 -37.55
CA THR B 201 -11.57 0.45 -37.99
C THR B 201 -10.65 0.80 -36.79
N GLU B 202 -11.14 1.67 -35.85
CA GLU B 202 -10.40 2.05 -34.64
C GLU B 202 -10.22 0.84 -33.71
N VAL B 203 -11.30 0.04 -33.49
CA VAL B 203 -11.22 -1.22 -32.73
C VAL B 203 -10.15 -2.15 -33.32
N ASP B 204 -10.12 -2.32 -34.66
CA ASP B 204 -9.05 -3.12 -35.27
C ASP B 204 -7.63 -2.50 -35.09
N ARG B 205 -7.52 -1.14 -35.17
CA ARG B 205 -6.26 -0.39 -35.08
C ARG B 205 -5.64 -0.51 -33.68
N LEU B 206 -6.42 -0.19 -32.64
CA LEU B 206 -5.96 -0.10 -31.26
C LEU B 206 -6.11 -1.36 -30.42
N GLY B 207 -7.14 -2.15 -30.71
CA GLY B 207 -7.49 -3.28 -29.88
C GLY B 207 -8.45 -2.76 -28.84
N ILE B 208 -9.34 -3.62 -28.41
CA ILE B 208 -10.37 -3.23 -27.44
C ILE B 208 -9.81 -2.69 -26.13
N GLY B 209 -8.59 -3.08 -25.78
CA GLY B 209 -8.01 -2.69 -24.52
C GLY B 209 -7.81 -1.19 -24.47
N LYS B 210 -7.18 -0.69 -25.55
CA LYS B 210 -6.87 0.72 -25.75
C LYS B 210 -8.16 1.51 -25.98
N VAL B 211 -9.13 0.92 -26.70
CA VAL B 211 -10.44 1.53 -26.97
C VAL B 211 -11.15 1.80 -25.64
N MET B 212 -11.07 0.85 -24.71
CA MET B 212 -11.74 1.03 -23.43
C MET B 212 -10.98 2.02 -22.51
N GLU B 213 -9.66 2.05 -22.62
CA GLU B 213 -8.78 2.98 -21.89
C GLU B 213 -9.11 4.43 -22.29
N GLU B 214 -9.13 4.71 -23.60
CA GLU B 214 -9.45 6.02 -24.16
C GLU B 214 -10.89 6.40 -23.84
N THR B 215 -11.89 5.44 -24.00
CA THR B 215 -13.32 5.69 -23.71
C THR B 215 -13.50 6.22 -22.29
N LEU B 216 -12.98 5.48 -21.30
CA LEU B 216 -13.12 5.88 -19.89
C LEU B 216 -12.24 7.10 -19.55
N SER B 217 -11.15 7.38 -20.29
CA SER B 217 -10.35 8.61 -20.05
C SER B 217 -11.11 9.82 -20.61
N TYR B 218 -11.75 9.65 -21.78
CA TYR B 218 -12.52 10.70 -22.43
C TYR B 218 -13.75 11.11 -21.61
N LEU B 219 -14.48 10.13 -21.08
CA LEU B 219 -15.68 10.44 -20.31
C LEU B 219 -15.39 10.70 -18.82
N LEU B 220 -14.29 10.19 -18.27
CA LEU B 220 -14.07 10.35 -16.83
C LEU B 220 -12.87 11.22 -16.47
N GLY B 221 -12.12 11.69 -17.49
CA GLY B 221 -10.95 12.55 -17.31
C GLY B 221 -11.18 13.87 -16.59
N ARG B 222 -12.14 14.69 -17.06
CA ARG B 222 -12.46 15.96 -16.39
C ARG B 222 -12.95 15.66 -14.97
N LYS B 223 -13.89 14.70 -14.83
CA LYS B 223 -14.44 14.32 -13.52
C LYS B 223 -15.29 13.04 -13.55
N LYS B 224 -15.26 12.27 -12.43
CA LYS B 224 -16.09 11.07 -12.30
C LYS B 224 -17.57 11.49 -12.31
N ARG B 225 -18.36 10.85 -13.17
CA ARG B 225 -19.80 11.10 -13.30
C ARG B 225 -20.52 9.79 -13.64
N PRO B 226 -21.86 9.72 -13.45
CA PRO B 226 -22.61 8.50 -13.82
C PRO B 226 -22.38 8.04 -15.26
N ILE B 227 -22.42 6.73 -15.48
CA ILE B 227 -22.24 6.17 -16.82
C ILE B 227 -23.51 5.50 -17.27
N HIS B 228 -24.02 5.93 -18.44
CA HIS B 228 -25.17 5.30 -19.09
C HIS B 228 -24.64 4.47 -20.28
N LEU B 229 -24.84 3.17 -20.22
CA LEU B 229 -24.41 2.29 -21.30
C LEU B 229 -25.64 1.87 -22.14
N SER B 230 -25.71 2.31 -23.41
CA SER B 230 -26.82 1.90 -24.26
C SER B 230 -26.32 0.86 -25.23
N PHE B 231 -26.67 -0.42 -24.97
CA PHE B 231 -26.20 -1.58 -25.70
C PHE B 231 -27.19 -2.13 -26.72
N ASP B 232 -26.88 -1.95 -27.98
CA ASP B 232 -27.64 -2.52 -29.08
C ASP B 232 -26.91 -3.80 -29.43
N VAL B 233 -27.61 -4.94 -29.30
CA VAL B 233 -27.00 -6.24 -29.53
C VAL B 233 -26.43 -6.44 -30.97
N ASP B 234 -26.82 -5.58 -31.94
CA ASP B 234 -26.26 -5.65 -33.29
C ASP B 234 -24.83 -5.03 -33.38
N GLY B 235 -24.38 -4.41 -32.28
CA GLY B 235 -22.99 -3.96 -32.12
C GLY B 235 -22.09 -5.19 -32.20
N LEU B 236 -22.50 -6.29 -31.55
CA LEU B 236 -21.75 -7.56 -31.67
C LEU B 236 -22.01 -8.21 -33.02
N ASP B 237 -21.01 -8.96 -33.54
CA ASP B 237 -21.12 -9.63 -34.86
C ASP B 237 -22.32 -10.61 -34.91
N PRO B 238 -23.02 -10.72 -36.07
CA PRO B 238 -24.16 -11.66 -36.17
C PRO B 238 -23.86 -13.15 -35.91
N SER B 239 -22.58 -13.55 -35.75
CA SER B 239 -22.28 -14.95 -35.41
C SER B 239 -22.54 -15.19 -33.92
N PHE B 240 -22.72 -14.10 -33.14
CA PHE B 240 -22.95 -14.13 -31.68
C PHE B 240 -24.36 -13.62 -31.38
N THR B 241 -24.80 -12.56 -32.08
CA THR B 241 -26.16 -12.04 -31.87
C THR B 241 -26.95 -11.99 -33.21
N PRO B 242 -27.28 -13.16 -33.80
CA PRO B 242 -28.03 -13.14 -35.07
C PRO B 242 -29.47 -12.66 -34.97
N ALA B 243 -30.11 -12.86 -33.80
CA ALA B 243 -31.53 -12.53 -33.69
C ALA B 243 -31.77 -11.05 -33.36
N THR B 244 -31.67 -10.23 -34.40
CA THR B 244 -31.80 -8.78 -34.34
C THR B 244 -32.21 -8.27 -35.75
N GLY B 245 -32.92 -7.15 -35.78
CA GLY B 245 -33.45 -6.59 -37.02
C GLY B 245 -32.47 -6.06 -38.06
N THR B 246 -31.35 -5.45 -37.63
CA THR B 246 -30.35 -4.82 -38.55
C THR B 246 -28.92 -5.37 -38.33
N PRO B 247 -28.69 -6.65 -38.62
CA PRO B 247 -27.34 -7.19 -38.40
C PRO B 247 -26.34 -6.68 -39.43
N VAL B 248 -25.05 -6.57 -39.05
CA VAL B 248 -23.97 -6.17 -39.96
C VAL B 248 -22.73 -7.02 -39.72
N VAL B 249 -22.18 -7.69 -40.76
CA VAL B 249 -20.96 -8.49 -40.59
C VAL B 249 -19.75 -7.67 -40.12
N GLY B 250 -18.74 -8.38 -39.62
CA GLY B 250 -17.50 -7.76 -39.16
C GLY B 250 -17.69 -7.02 -37.86
N GLY B 251 -18.51 -7.58 -36.94
CA GLY B 251 -18.82 -6.95 -35.68
C GLY B 251 -17.86 -7.20 -34.54
N LEU B 252 -18.24 -6.70 -33.38
CA LEU B 252 -17.48 -6.92 -32.13
C LEU B 252 -17.61 -8.37 -31.77
N THR B 253 -16.53 -9.00 -31.24
CA THR B 253 -16.67 -10.43 -30.91
C THR B 253 -17.34 -10.58 -29.54
N TYR B 254 -17.77 -11.83 -29.20
CA TYR B 254 -18.30 -12.12 -27.88
C TYR B 254 -17.28 -11.61 -26.80
N ARG B 255 -15.96 -11.91 -26.96
CA ARG B 255 -14.88 -11.49 -26.06
C ARG B 255 -14.80 -9.99 -25.85
N GLU B 256 -14.89 -9.21 -26.97
CA GLU B 256 -14.86 -7.75 -26.97
C GLU B 256 -16.10 -7.16 -26.23
N GLY B 257 -17.26 -7.76 -26.44
CA GLY B 257 -18.49 -7.41 -25.72
C GLY B 257 -18.36 -7.54 -24.21
N LEU B 258 -17.70 -8.62 -23.74
CA LEU B 258 -17.46 -8.86 -22.31
C LEU B 258 -16.42 -7.91 -21.76
N TYR B 259 -15.37 -7.64 -22.53
CA TYR B 259 -14.33 -6.73 -22.14
C TYR B 259 -14.88 -5.31 -21.86
N ILE B 260 -15.67 -4.79 -22.79
CA ILE B 260 -16.30 -3.48 -22.69
C ILE B 260 -17.04 -3.37 -21.37
N THR B 261 -17.99 -4.28 -21.17
CA THR B 261 -18.88 -4.31 -20.01
C THR B 261 -18.14 -4.63 -18.71
N GLU B 262 -17.16 -5.56 -18.71
CA GLU B 262 -16.33 -5.83 -17.50
C GLU B 262 -15.59 -4.53 -17.08
N GLU B 263 -15.01 -3.80 -18.06
CA GLU B 263 -14.33 -2.53 -17.82
C GLU B 263 -15.29 -1.47 -17.35
N ILE B 264 -16.53 -1.43 -17.90
CA ILE B 264 -17.56 -0.54 -17.44
C ILE B 264 -17.94 -0.85 -15.98
N TYR B 265 -18.07 -2.14 -15.63
CA TYR B 265 -18.40 -2.51 -14.24
C TYR B 265 -17.38 -1.95 -13.24
N LYS B 266 -16.10 -2.25 -13.46
CA LYS B 266 -14.97 -1.86 -12.63
C LYS B 266 -14.80 -0.34 -12.40
N THR B 267 -15.50 0.54 -13.15
CA THR B 267 -15.46 2.00 -12.83
C THR B 267 -16.27 2.26 -11.53
N GLY B 268 -17.23 1.37 -11.24
CA GLY B 268 -18.20 1.50 -10.17
C GLY B 268 -19.16 2.65 -10.38
N LEU B 269 -19.25 3.12 -11.65
CA LEU B 269 -20.02 4.27 -12.09
C LEU B 269 -21.19 3.94 -13.03
N LEU B 270 -21.43 2.64 -13.35
CA LEU B 270 -22.60 2.31 -14.15
C LEU B 270 -23.86 2.74 -13.36
N SER B 271 -24.68 3.57 -14.00
CA SER B 271 -25.84 4.19 -13.43
C SER B 271 -27.10 3.86 -14.23
N GLY B 272 -26.93 3.57 -15.51
CA GLY B 272 -28.04 3.20 -16.38
C GLY B 272 -27.60 2.24 -17.48
N LEU B 273 -28.50 1.29 -17.83
CA LEU B 273 -28.18 0.27 -18.82
C LEU B 273 -29.34 -0.10 -19.71
N ASP B 274 -29.15 0.00 -21.04
CA ASP B 274 -30.12 -0.45 -22.04
C ASP B 274 -29.58 -1.69 -22.74
N ILE B 275 -30.43 -2.76 -22.83
CA ILE B 275 -30.19 -4.01 -23.58
C ILE B 275 -31.22 -3.99 -24.68
N MET B 276 -30.80 -3.55 -25.87
CA MET B 276 -31.77 -3.27 -26.94
C MET B 276 -31.67 -4.11 -28.20
N GLU B 277 -32.82 -4.23 -28.93
CA GLU B 277 -32.88 -4.82 -30.29
C GLU B 277 -32.78 -6.39 -30.31
N VAL B 278 -32.97 -7.10 -29.17
CA VAL B 278 -33.09 -8.58 -29.20
C VAL B 278 -34.44 -8.90 -29.86
N ASN B 279 -34.42 -9.65 -30.95
CA ASN B 279 -35.68 -10.00 -31.63
C ASN B 279 -35.78 -11.51 -31.85
N PRO B 280 -36.53 -12.16 -30.94
CA PRO B 280 -36.65 -13.64 -30.97
C PRO B 280 -37.53 -14.22 -32.08
N SER B 281 -38.10 -13.34 -32.93
CA SER B 281 -38.86 -13.74 -34.11
C SER B 281 -37.95 -13.72 -35.36
N LEU B 282 -36.67 -13.26 -35.22
CA LEU B 282 -35.77 -13.03 -36.36
C LEU B 282 -34.47 -13.85 -36.53
N GLY B 283 -34.29 -14.95 -35.81
CA GLY B 283 -33.12 -15.77 -36.10
C GLY B 283 -33.44 -16.69 -37.26
N LYS B 284 -32.47 -17.49 -37.75
CA LYS B 284 -32.74 -18.48 -38.81
C LYS B 284 -33.21 -19.79 -38.17
N THR B 285 -32.79 -20.05 -36.94
CA THR B 285 -33.13 -21.27 -36.20
C THR B 285 -33.44 -20.96 -34.75
N PRO B 286 -34.10 -21.86 -33.99
CA PRO B 286 -34.25 -21.59 -32.55
C PRO B 286 -32.92 -21.52 -31.78
N GLU B 287 -31.85 -22.24 -32.20
CA GLU B 287 -30.55 -22.10 -31.54
C GLU B 287 -30.02 -20.68 -31.78
N GLU B 288 -30.29 -20.08 -32.96
CA GLU B 288 -29.82 -18.70 -33.21
C GLU B 288 -30.44 -17.69 -32.26
N VAL B 289 -31.74 -17.92 -31.88
CA VAL B 289 -32.47 -17.17 -30.85
C VAL B 289 -31.83 -17.38 -29.47
N THR B 290 -31.63 -18.66 -29.07
CA THR B 290 -30.99 -18.93 -27.77
C THR B 290 -29.53 -18.38 -27.73
N ARG B 291 -28.77 -18.45 -28.83
CA ARG B 291 -27.41 -17.90 -28.88
C ARG B 291 -27.43 -16.37 -28.63
N THR B 292 -28.36 -15.64 -29.29
CA THR B 292 -28.52 -14.19 -29.08
C THR B 292 -28.87 -13.87 -27.67
N VAL B 293 -29.88 -14.56 -27.14
CA VAL B 293 -30.38 -14.30 -25.79
C VAL B 293 -29.29 -14.54 -24.75
N ASN B 294 -28.62 -15.69 -24.82
CA ASN B 294 -27.52 -16.03 -23.92
C ASN B 294 -26.41 -14.99 -23.98
N THR B 295 -26.09 -14.49 -25.18
CA THR B 295 -25.05 -13.47 -25.34
C THR B 295 -25.48 -12.21 -24.65
N ALA B 296 -26.78 -11.81 -24.84
CA ALA B 296 -27.31 -10.61 -24.19
C ALA B 296 -27.25 -10.82 -22.68
N VAL B 297 -27.61 -12.03 -22.20
CA VAL B 297 -27.55 -12.29 -20.74
C VAL B 297 -26.11 -12.10 -20.28
N ALA B 298 -25.14 -12.68 -21.02
CA ALA B 298 -23.73 -12.63 -20.61
C ALA B 298 -23.22 -11.20 -20.49
N ILE B 299 -23.58 -10.34 -21.46
CA ILE B 299 -23.22 -8.92 -21.48
C ILE B 299 -23.79 -8.28 -20.20
N THR B 300 -25.08 -8.55 -19.91
CA THR B 300 -25.83 -8.01 -18.78
C THR B 300 -25.17 -8.37 -17.43
N LEU B 301 -24.77 -9.64 -17.23
CA LEU B 301 -24.11 -10.08 -16.01
C LEU B 301 -22.76 -9.42 -15.86
N ALA B 302 -22.06 -9.21 -16.98
CA ALA B 302 -20.74 -8.56 -16.91
C ALA B 302 -20.86 -7.08 -16.46
N CYS B 303 -22.00 -6.41 -16.76
CA CYS B 303 -22.23 -5.04 -16.30
C CYS B 303 -22.40 -4.93 -14.77
N PHE B 304 -22.76 -6.03 -14.11
CA PHE B 304 -23.08 -6.11 -12.67
C PHE B 304 -22.12 -7.01 -11.91
N GLY B 305 -20.91 -7.11 -12.44
CA GLY B 305 -19.78 -7.75 -11.79
C GLY B 305 -19.38 -9.18 -12.12
N LEU B 306 -19.98 -9.85 -13.11
CA LEU B 306 -19.49 -11.20 -13.43
C LEU B 306 -18.15 -11.10 -14.17
N ALA B 307 -17.11 -11.71 -13.61
CA ALA B 307 -15.76 -11.58 -14.12
C ALA B 307 -15.25 -12.89 -14.67
N ARG B 308 -14.62 -12.85 -15.89
CA ARG B 308 -14.10 -14.12 -16.44
C ARG B 308 -12.96 -14.69 -15.60
N GLU B 309 -12.15 -13.83 -14.92
CA GLU B 309 -11.08 -14.30 -14.03
C GLU B 309 -11.67 -15.09 -12.79
N GLY B 310 -12.95 -14.90 -12.51
CA GLY B 310 -13.61 -15.52 -11.38
C GLY B 310 -14.17 -14.49 -10.41
N ASN B 311 -15.05 -14.94 -9.50
CA ASN B 311 -15.67 -14.10 -8.50
C ASN B 311 -15.75 -14.95 -7.22
N HIS B 312 -15.60 -14.32 -6.03
CA HIS B 312 -15.79 -15.03 -4.75
C HIS B 312 -16.26 -14.11 -3.64
N LYS B 313 -17.03 -14.67 -2.68
CA LYS B 313 -17.58 -13.97 -1.51
C LYS B 313 -16.46 -13.72 -0.50
N PRO B 314 -16.59 -12.70 0.40
CA PRO B 314 -15.49 -12.42 1.36
C PRO B 314 -15.46 -13.39 2.53
N ILE B 315 -15.09 -14.64 2.24
CA ILE B 315 -15.00 -15.70 3.25
C ILE B 315 -13.80 -16.54 2.92
N ASP B 316 -13.34 -17.35 3.89
CA ASP B 316 -12.22 -18.26 3.72
C ASP B 316 -12.73 -19.57 3.13
N TYR B 317 -12.57 -19.74 1.81
CA TYR B 317 -13.01 -20.93 1.10
C TYR B 317 -12.28 -22.21 1.55
N LEU B 318 -11.11 -22.06 2.18
CA LEU B 318 -10.35 -23.20 2.71
C LEU B 318 -10.78 -23.56 4.14
N ASN B 319 -11.53 -22.65 4.81
CA ASN B 319 -12.03 -22.85 6.17
C ASN B 319 -13.52 -22.45 6.29
N PRO B 320 -14.44 -23.20 5.67
CA PRO B 320 -15.86 -22.82 5.76
C PRO B 320 -16.54 -23.37 7.01
N ALA C 3 -23.27 7.85 33.97
CA ALA C 3 -22.99 8.77 32.86
C ALA C 3 -22.50 7.97 31.66
N LYS C 4 -22.77 8.50 30.46
CA LYS C 4 -22.37 8.00 29.13
C LYS C 4 -20.85 7.70 29.09
N SER C 5 -20.02 8.58 29.68
CA SER C 5 -18.55 8.46 29.66
C SER C 5 -17.99 7.46 30.71
N ARG C 6 -18.87 6.89 31.55
CA ARG C 6 -18.53 5.85 32.53
C ARG C 6 -19.43 4.60 32.38
N THR C 7 -20.01 4.34 31.18
CA THR C 7 -20.85 3.15 30.89
C THR C 7 -20.04 2.23 29.96
N ILE C 8 -19.50 1.13 30.51
CA ILE C 8 -18.48 0.29 29.86
C ILE C 8 -18.94 -1.13 29.60
N GLY C 9 -18.32 -1.72 28.58
CA GLY C 9 -18.48 -3.10 28.17
C GLY C 9 -17.11 -3.68 27.96
N ILE C 10 -16.71 -4.59 28.90
CA ILE C 10 -15.42 -5.30 28.93
C ILE C 10 -15.41 -6.54 28.04
N ILE C 11 -14.32 -6.66 27.24
CA ILE C 11 -14.07 -7.78 26.38
C ILE C 11 -12.61 -8.21 26.57
N GLY C 12 -12.44 -9.43 27.07
CA GLY C 12 -11.14 -10.06 27.17
C GLY C 12 -10.74 -10.59 25.79
N ALA C 13 -9.56 -10.23 25.35
CA ALA C 13 -9.10 -10.71 24.06
C ALA C 13 -7.77 -11.46 24.32
N PRO C 14 -7.84 -12.68 24.90
CA PRO C 14 -6.59 -13.40 25.24
C PRO C 14 -5.98 -14.01 23.98
N PHE C 15 -5.24 -13.21 23.25
CA PHE C 15 -4.67 -13.60 21.95
C PHE C 15 -3.19 -13.18 21.81
N SER C 16 -2.36 -14.04 21.24
CA SER C 16 -0.91 -13.75 21.11
C SER C 16 -0.31 -14.04 19.73
N LYS C 17 -1.07 -14.63 18.80
CA LYS C 17 -0.50 -15.05 17.51
C LYS C 17 -0.21 -13.91 16.49
N GLY C 18 -0.37 -12.65 16.91
CA GLY C 18 0.11 -11.55 16.09
C GLY C 18 1.58 -11.25 16.34
N GLN C 19 2.22 -11.98 17.30
CA GLN C 19 3.63 -11.73 17.65
C GLN C 19 4.32 -13.03 18.16
N PRO C 20 5.66 -13.11 18.25
CA PRO C 20 6.26 -14.41 18.56
C PRO C 20 6.45 -14.76 20.04
N ARG C 21 6.16 -13.84 20.96
CA ARG C 21 6.44 -14.13 22.38
C ARG C 21 5.22 -14.60 23.17
N GLY C 22 5.32 -15.80 23.71
CA GLY C 22 4.26 -16.39 24.51
C GLY C 22 4.00 -15.61 25.79
N GLY C 23 2.73 -15.52 26.17
CA GLY C 23 2.35 -14.87 27.41
C GLY C 23 1.41 -13.68 27.33
N VAL C 24 1.38 -12.95 26.20
CA VAL C 24 0.52 -11.77 26.00
C VAL C 24 -0.94 -12.17 26.09
N GLU C 25 -1.23 -13.44 25.81
CA GLU C 25 -2.59 -13.94 25.86
C GLU C 25 -3.06 -13.93 27.32
N GLU C 26 -2.14 -13.83 28.29
CA GLU C 26 -2.52 -13.80 29.71
C GLU C 26 -2.82 -12.37 30.23
N GLY C 27 -2.71 -11.37 29.34
CA GLY C 27 -2.98 -9.97 29.63
C GLY C 27 -4.36 -9.70 30.21
N PRO C 28 -5.46 -10.28 29.65
CA PRO C 28 -6.79 -10.05 30.27
C PRO C 28 -6.87 -10.62 31.68
N THR C 29 -6.30 -11.84 31.87
CA THR C 29 -6.29 -12.56 33.16
C THR C 29 -5.61 -11.75 34.26
N VAL C 30 -4.44 -11.18 33.97
CA VAL C 30 -3.71 -10.47 35.02
C VAL C 30 -4.31 -9.05 35.24
N LEU C 31 -5.01 -8.49 34.23
CA LEU C 31 -5.70 -7.22 34.42
C LEU C 31 -6.97 -7.39 35.29
N ARG C 32 -7.71 -8.53 35.13
CA ARG C 32 -8.88 -8.88 35.95
C ARG C 32 -8.48 -9.16 37.41
N LYS C 33 -7.39 -9.96 37.61
CA LYS C 33 -6.83 -10.32 38.91
C LYS C 33 -6.50 -9.09 39.71
N ALA C 34 -6.03 -8.04 39.03
CA ALA C 34 -5.66 -6.78 39.70
C ALA C 34 -6.88 -5.95 40.09
N GLY C 35 -8.07 -6.50 39.89
CA GLY C 35 -9.31 -5.92 40.36
C GLY C 35 -9.78 -4.74 39.54
N LEU C 36 -9.41 -4.71 38.23
CA LEU C 36 -9.83 -3.66 37.29
C LEU C 36 -11.35 -3.43 37.30
N LEU C 37 -12.13 -4.49 37.16
CA LEU C 37 -13.58 -4.36 37.09
C LEU C 37 -14.21 -3.70 38.32
N GLU C 38 -13.79 -4.15 39.50
CA GLU C 38 -14.20 -3.66 40.82
C GLU C 38 -13.78 -2.21 41.04
N LYS C 39 -12.54 -1.84 40.66
CA LYS C 39 -12.03 -0.46 40.72
C LYS C 39 -12.85 0.53 39.83
N LEU C 40 -13.30 0.07 38.64
CA LEU C 40 -14.12 0.87 37.74
C LEU C 40 -15.50 1.08 38.40
N LYS C 41 -16.03 0.04 39.06
CA LYS C 41 -17.32 0.14 39.77
C LYS C 41 -17.22 1.09 40.97
N GLU C 42 -16.12 1.03 41.72
CA GLU C 42 -15.87 1.94 42.85
C GLU C 42 -15.85 3.43 42.44
N GLN C 43 -15.54 3.72 41.17
CA GLN C 43 -15.52 5.10 40.69
C GLN C 43 -16.79 5.48 39.87
N GLU C 44 -17.92 4.83 40.21
CA GLU C 44 -19.27 5.03 39.69
C GLU C 44 -19.48 4.74 38.19
N CYS C 45 -18.90 3.62 37.69
CA CYS C 45 -19.07 3.16 36.31
C CYS C 45 -20.15 2.10 36.29
N ASP C 46 -20.80 1.93 35.14
CA ASP C 46 -21.78 0.87 34.88
C ASP C 46 -20.97 -0.09 34.02
N VAL C 47 -20.51 -1.18 34.64
CA VAL C 47 -19.64 -2.17 33.99
C VAL C 47 -20.40 -3.45 33.59
N LYS C 48 -20.29 -3.84 32.32
CA LYS C 48 -20.84 -5.08 31.79
C LYS C 48 -19.69 -5.90 31.26
N ASP C 49 -19.54 -7.12 31.78
CA ASP C 49 -18.46 -8.03 31.43
C ASP C 49 -18.92 -9.02 30.35
N TYR C 50 -18.41 -8.84 29.13
CA TYR C 50 -18.77 -9.68 27.99
C TYR C 50 -17.93 -10.94 27.94
N GLY C 51 -17.12 -11.12 28.98
CA GLY C 51 -16.22 -12.26 29.14
C GLY C 51 -15.00 -12.19 28.25
N ASP C 52 -14.20 -13.27 28.27
CA ASP C 52 -13.00 -13.41 27.44
C ASP C 52 -13.41 -14.16 26.17
N LEU C 53 -13.04 -13.62 25.00
CA LEU C 53 -13.36 -14.28 23.72
C LEU C 53 -12.69 -15.66 23.60
N PRO C 54 -13.43 -16.70 23.19
CA PRO C 54 -12.79 -18.01 22.97
C PRO C 54 -12.16 -18.09 21.58
N PHE C 55 -10.84 -17.98 21.50
CA PHE C 55 -10.19 -18.04 20.20
C PHE C 55 -9.81 -19.49 19.96
N ALA C 56 -10.43 -20.12 18.96
CA ALA C 56 -10.19 -21.53 18.62
C ALA C 56 -8.98 -21.70 17.72
N ASP C 57 -8.16 -22.73 17.99
CA ASP C 57 -6.94 -22.99 17.22
C ASP C 57 -7.24 -23.38 15.76
N ILE C 58 -6.55 -22.74 14.79
CA ILE C 58 -6.68 -23.07 13.38
C ILE C 58 -5.45 -23.93 13.05
N PRO C 59 -5.64 -25.26 12.85
CA PRO C 59 -4.49 -26.17 12.76
C PRO C 59 -3.53 -25.95 11.60
N ASN C 60 -4.03 -25.77 10.38
CA ASN C 60 -3.08 -25.59 9.27
C ASN C 60 -2.93 -24.14 8.89
N ASP C 61 -2.55 -23.32 9.88
CA ASP C 61 -2.38 -21.89 9.64
C ASP C 61 -0.99 -21.53 9.05
N SER C 62 -0.84 -21.81 7.75
CA SER C 62 0.38 -21.60 6.98
C SER C 62 0.64 -20.11 6.75
N PRO C 63 1.91 -19.67 6.76
CA PRO C 63 2.18 -18.22 6.56
C PRO C 63 1.87 -17.69 5.16
N PHE C 64 1.52 -16.40 5.07
CA PHE C 64 1.34 -15.69 3.81
C PHE C 64 2.68 -15.03 3.54
N GLN C 65 3.51 -15.63 2.65
CA GLN C 65 4.88 -15.16 2.43
C GLN C 65 5.63 -15.30 3.80
N ILE C 66 6.06 -14.21 4.44
CA ILE C 66 6.72 -14.32 5.75
C ILE C 66 5.77 -13.98 6.92
N VAL C 67 4.53 -13.57 6.59
CA VAL C 67 3.53 -13.14 7.55
C VAL C 67 3.02 -14.36 8.34
N LYS C 68 3.18 -14.38 9.67
CA LYS C 68 2.82 -15.57 10.43
C LYS C 68 1.39 -15.58 10.92
N ASN C 69 0.78 -16.78 11.01
CA ASN C 69 -0.57 -16.99 11.56
C ASN C 69 -1.67 -16.13 10.94
N PRO C 70 -1.77 -15.96 9.61
CA PRO C 70 -2.75 -15.00 9.07
C PRO C 70 -4.18 -15.35 9.43
N ARG C 71 -4.55 -16.63 9.30
CA ARG C 71 -5.90 -17.08 9.57
C ARG C 71 -6.28 -16.92 11.04
N SER C 72 -5.33 -17.18 11.98
CA SER C 72 -5.59 -17.09 13.42
C SER C 72 -5.80 -15.61 13.84
N VAL C 73 -4.94 -14.71 13.32
CA VAL C 73 -4.95 -13.26 13.55
C VAL C 73 -6.19 -12.62 12.90
N GLY C 74 -6.53 -13.04 11.67
CA GLY C 74 -7.70 -12.49 10.99
C GLY C 74 -9.01 -12.95 11.59
N LYS C 75 -9.02 -14.17 12.10
CA LYS C 75 -10.21 -14.68 12.77
C LYS C 75 -10.42 -14.07 14.14
N ALA C 76 -9.34 -13.82 14.88
CA ALA C 76 -9.43 -13.26 16.23
C ALA C 76 -9.99 -11.86 16.15
N SER C 77 -9.47 -11.07 15.19
CA SER C 77 -9.93 -9.73 14.91
C SER C 77 -11.36 -9.76 14.37
N GLU C 78 -11.70 -10.76 13.56
CA GLU C 78 -13.08 -10.86 13.05
C GLU C 78 -14.12 -11.02 14.18
N GLN C 79 -13.80 -11.86 15.18
CA GLN C 79 -14.71 -12.10 16.30
C GLN C 79 -14.81 -10.83 17.11
N LEU C 80 -13.64 -10.23 17.39
CA LEU C 80 -13.54 -9.01 18.16
C LEU C 80 -14.39 -7.92 17.54
N ALA C 81 -14.32 -7.74 16.19
CA ALA C 81 -15.11 -6.75 15.46
C ALA C 81 -16.59 -6.89 15.77
N GLY C 82 -17.07 -8.14 15.69
CA GLY C 82 -18.45 -8.49 16.00
C GLY C 82 -18.82 -8.16 17.43
N LYS C 83 -17.95 -8.55 18.39
CA LYS C 83 -18.13 -8.31 19.80
C LYS C 83 -18.12 -6.82 20.19
N VAL C 84 -17.22 -6.00 19.62
CA VAL C 84 -17.15 -4.55 19.89
C VAL C 84 -18.41 -3.89 19.36
N ALA C 85 -18.81 -4.26 18.14
CA ALA C 85 -20.02 -3.71 17.51
C ALA C 85 -21.25 -4.02 18.35
N GLU C 86 -21.31 -5.18 19.02
CA GLU C 86 -22.43 -5.56 19.87
C GLU C 86 -22.41 -4.69 21.15
N VAL C 87 -21.20 -4.40 21.67
CA VAL C 87 -21.00 -3.49 22.82
C VAL C 87 -21.40 -2.05 22.46
N LYS C 88 -20.93 -1.55 21.30
CA LYS C 88 -21.30 -0.24 20.80
C LYS C 88 -22.81 -0.09 20.58
N LYS C 89 -23.48 -1.15 20.05
CA LYS C 89 -24.93 -1.15 19.83
C LYS C 89 -25.73 -1.06 21.14
N ASN C 90 -25.15 -1.53 22.29
CA ASN C 90 -25.74 -1.43 23.64
C ASN C 90 -25.48 -0.07 24.31
N GLY C 91 -24.81 0.83 23.59
CA GLY C 91 -24.52 2.18 24.09
C GLY C 91 -23.50 2.20 25.22
N ARG C 92 -22.46 1.36 25.11
CA ARG C 92 -21.38 1.28 26.10
C ARG C 92 -20.10 1.60 25.40
N ILE C 93 -19.07 1.98 26.18
CA ILE C 93 -17.71 2.15 25.68
C ILE C 93 -17.09 0.78 25.70
N SER C 94 -16.61 0.34 24.55
CA SER C 94 -15.98 -0.96 24.46
C SER C 94 -14.59 -0.85 25.04
N LEU C 95 -14.30 -1.74 25.98
CA LEU C 95 -13.00 -1.83 26.65
C LEU C 95 -12.40 -3.20 26.31
N VAL C 96 -11.44 -3.18 25.41
CA VAL C 96 -10.74 -4.41 25.01
C VAL C 96 -9.50 -4.62 25.83
N LEU C 97 -9.44 -5.80 26.50
CA LEU C 97 -8.27 -6.24 27.28
C LEU C 97 -7.49 -7.15 26.38
N GLY C 98 -6.32 -6.73 25.93
CA GLY C 98 -5.47 -7.59 25.10
C GLY C 98 -4.44 -8.30 25.96
N GLY C 99 -3.60 -9.18 25.38
CA GLY C 99 -3.56 -9.58 23.98
C GLY C 99 -2.66 -8.67 23.17
N ASP C 100 -2.20 -9.12 22.00
CA ASP C 100 -1.33 -8.25 21.19
C ASP C 100 -2.12 -7.25 20.35
N HIS C 101 -1.41 -6.26 19.77
CA HIS C 101 -1.99 -5.13 19.07
C HIS C 101 -2.61 -5.44 17.71
N SER C 102 -2.39 -6.63 17.12
CA SER C 102 -3.07 -7.01 15.87
C SER C 102 -4.60 -6.93 16.04
N LEU C 103 -5.08 -7.17 17.30
CA LEU C 103 -6.48 -7.10 17.70
C LEU C 103 -7.15 -5.74 17.45
N ALA C 104 -6.36 -4.66 17.29
CA ALA C 104 -6.89 -3.33 16.94
C ALA C 104 -7.61 -3.37 15.58
N ILE C 105 -7.24 -4.31 14.67
CA ILE C 105 -7.99 -4.48 13.41
C ILE C 105 -9.46 -4.71 13.74
N GLY C 106 -9.72 -5.68 14.63
CA GLY C 106 -11.07 -6.05 15.02
C GLY C 106 -11.74 -4.96 15.82
N SER C 107 -11.05 -4.50 16.87
CA SER C 107 -11.60 -3.48 17.78
C SER C 107 -11.99 -2.17 17.10
N ILE C 108 -11.16 -1.68 16.16
CA ILE C 108 -11.45 -0.44 15.43
C ILE C 108 -12.53 -0.67 14.36
N SER C 109 -12.45 -1.81 13.64
CA SER C 109 -13.47 -2.24 12.66
C SER C 109 -14.86 -2.33 13.25
N GLY C 110 -15.00 -3.01 14.39
CA GLY C 110 -16.27 -3.14 15.09
C GLY C 110 -16.88 -1.80 15.48
N HIS C 111 -16.04 -0.95 16.08
CA HIS C 111 -16.39 0.38 16.56
C HIS C 111 -16.90 1.24 15.39
N ALA C 112 -16.22 1.17 14.25
CA ALA C 112 -16.48 1.93 13.04
C ALA C 112 -17.80 1.55 12.39
N ARG C 113 -18.24 0.27 12.55
CA ARG C 113 -19.56 -0.20 12.07
C ARG C 113 -20.71 0.55 12.77
N VAL C 114 -20.54 0.95 14.05
CA VAL C 114 -21.61 1.64 14.78
C VAL C 114 -21.36 3.15 14.76
N HIS C 115 -20.07 3.54 14.71
CA HIS C 115 -19.66 4.94 14.69
C HIS C 115 -18.65 5.19 13.59
N PRO C 116 -19.12 5.32 12.32
CA PRO C 116 -18.18 5.50 11.20
C PRO C 116 -17.35 6.79 11.26
N ASP C 117 -17.84 7.84 11.96
CA ASP C 117 -17.11 9.11 12.10
C ASP C 117 -16.07 9.12 13.25
N LEU C 118 -15.66 7.93 13.76
CA LEU C 118 -14.67 7.89 14.87
C LEU C 118 -13.27 8.44 14.48
N GLY C 119 -12.61 9.08 15.45
CA GLY C 119 -11.22 9.54 15.40
C GLY C 119 -10.40 8.70 16.35
N VAL C 120 -9.20 8.27 15.92
CA VAL C 120 -8.32 7.39 16.69
C VAL C 120 -7.15 8.17 17.31
N ILE C 121 -6.86 7.92 18.60
CA ILE C 121 -5.59 8.32 19.25
C ILE C 121 -4.82 7.02 19.49
N TRP C 122 -3.65 6.90 18.90
CA TRP C 122 -2.84 5.68 18.98
C TRP C 122 -1.63 5.90 19.87
N VAL C 123 -1.59 5.30 21.06
CA VAL C 123 -0.44 5.55 21.94
C VAL C 123 0.52 4.38 21.88
N ASP C 124 1.78 4.61 21.40
CA ASP C 124 2.66 3.44 21.18
C ASP C 124 4.09 3.87 20.93
N ALA C 125 5.09 3.00 21.17
CA ALA C 125 6.46 3.34 20.77
C ALA C 125 6.58 3.10 19.25
N HIS C 126 5.57 2.40 18.70
CA HIS C 126 5.56 1.96 17.30
C HIS C 126 4.39 2.49 16.47
N THR C 127 4.59 2.61 15.17
CA THR C 127 3.50 3.02 14.28
C THR C 127 2.52 1.88 13.95
N ASP C 128 2.98 0.61 13.98
CA ASP C 128 2.16 -0.59 13.66
C ASP C 128 1.50 -0.50 12.31
N ILE C 129 2.21 0.12 11.37
CA ILE C 129 1.62 0.44 10.06
C ILE C 129 2.32 -0.28 8.90
N ASN C 130 3.13 -1.29 9.21
CA ASN C 130 3.72 -2.09 8.14
C ASN C 130 2.57 -2.76 7.37
N THR C 131 2.75 -3.01 6.08
CA THR C 131 1.75 -3.80 5.33
C THR C 131 2.32 -5.21 5.28
N PRO C 132 1.48 -6.22 4.90
CA PRO C 132 1.99 -7.58 4.67
C PRO C 132 3.17 -7.68 3.69
N LEU C 133 3.35 -6.65 2.86
CA LEU C 133 4.47 -6.55 1.91
C LEU C 133 5.73 -5.85 2.48
N THR C 134 5.57 -4.76 3.27
CA THR C 134 6.70 -3.98 3.84
C THR C 134 7.34 -4.62 5.07
N THR C 135 6.55 -5.40 5.85
CA THR C 135 6.99 -6.09 7.08
C THR C 135 8.32 -6.85 6.91
N THR C 136 9.27 -6.60 7.81
CA THR C 136 10.53 -7.35 7.80
C THR C 136 10.48 -8.50 8.81
N SER C 137 9.57 -8.37 9.81
CA SER C 137 9.39 -9.37 10.88
C SER C 137 8.36 -10.40 10.57
N GLY C 138 7.32 -10.02 9.84
CA GLY C 138 6.21 -10.93 9.56
C GLY C 138 5.17 -11.07 10.67
N ASN C 139 5.34 -10.34 11.77
CA ASN C 139 4.40 -10.35 12.90
C ASN C 139 3.27 -9.34 12.68
N LEU C 140 2.02 -9.81 12.72
CA LEU C 140 0.84 -8.99 12.40
C LEU C 140 0.52 -7.90 13.42
N HIS C 141 1.09 -7.95 14.64
CA HIS C 141 0.86 -6.88 15.59
C HIS C 141 1.60 -5.58 15.17
N GLY C 142 2.46 -5.67 14.14
CA GLY C 142 3.15 -4.54 13.56
C GLY C 142 2.50 -3.97 12.33
N GLN C 143 1.32 -4.52 11.93
CA GLN C 143 0.60 -4.14 10.71
C GLN C 143 -0.89 -3.70 10.87
N PRO C 144 -1.51 -3.61 12.10
CA PRO C 144 -2.97 -3.37 12.14
C PRO C 144 -3.46 -2.11 11.46
N VAL C 145 -2.71 -1.01 11.56
CA VAL C 145 -3.13 0.28 11.02
C VAL C 145 -3.19 0.24 9.50
N SER C 146 -2.28 -0.53 8.85
CA SER C 146 -2.28 -0.62 7.38
C SER C 146 -3.59 -1.22 6.88
N PHE C 147 -4.13 -2.23 7.58
CA PHE C 147 -5.38 -2.86 7.18
C PHE C 147 -6.54 -1.89 7.36
N LEU C 148 -6.37 -0.88 8.25
CA LEU C 148 -7.47 0.01 8.60
C LEU C 148 -7.60 1.27 7.77
N LEU C 149 -6.50 1.73 7.16
CA LEU C 149 -6.53 3.00 6.44
C LEU C 149 -7.13 2.94 5.03
N LYS C 150 -8.12 3.81 4.76
CA LYS C 150 -8.75 3.96 3.43
C LYS C 150 -7.77 4.21 2.31
N GLU C 151 -6.73 5.07 2.55
CA GLU C 151 -5.66 5.41 1.58
C GLU C 151 -4.74 4.24 1.23
N LEU C 152 -4.74 3.17 2.02
CA LEU C 152 -3.89 2.01 1.71
C LEU C 152 -4.65 0.89 1.01
N LYS C 153 -5.96 1.09 0.78
CA LYS C 153 -6.75 0.12 0.04
C LYS C 153 -6.14 0.05 -1.38
N GLY C 154 -5.78 -1.17 -1.79
CA GLY C 154 -5.11 -1.43 -3.06
C GLY C 154 -3.64 -1.79 -2.87
N LYS C 155 -3.07 -1.38 -1.71
CA LYS C 155 -1.68 -1.67 -1.34
C LYS C 155 -1.59 -2.87 -0.39
N ILE C 156 -2.73 -3.30 0.19
CA ILE C 156 -2.79 -4.48 1.04
C ILE C 156 -3.18 -5.68 0.18
N PRO C 157 -2.29 -6.69 0.04
CA PRO C 157 -2.68 -7.88 -0.73
C PRO C 157 -3.83 -8.70 -0.09
N ASP C 158 -4.33 -9.71 -0.83
CA ASP C 158 -5.37 -10.59 -0.32
C ASP C 158 -4.70 -11.59 0.64
N VAL C 159 -4.73 -11.27 1.96
CA VAL C 159 -4.17 -12.12 3.02
C VAL C 159 -5.28 -13.04 3.55
N PRO C 160 -5.04 -14.37 3.65
CA PRO C 160 -6.07 -15.27 4.19
C PRO C 160 -6.43 -14.91 5.64
N GLY C 161 -7.73 -14.84 5.89
CA GLY C 161 -8.27 -14.47 7.18
C GLY C 161 -8.75 -13.04 7.26
N PHE C 162 -8.43 -12.20 6.25
CA PHE C 162 -8.78 -10.79 6.31
C PHE C 162 -9.76 -10.32 5.23
N SER C 163 -10.46 -11.23 4.53
CA SER C 163 -11.39 -10.79 3.49
C SER C 163 -12.58 -9.95 4.02
N TRP C 164 -12.95 -10.14 5.30
CA TRP C 164 -14.01 -9.39 5.97
C TRP C 164 -13.65 -7.91 6.18
N VAL C 165 -12.34 -7.57 6.14
CA VAL C 165 -11.89 -6.20 6.46
C VAL C 165 -12.29 -5.17 5.41
N THR C 166 -12.85 -4.06 5.89
CA THR C 166 -13.20 -2.90 5.07
C THR C 166 -12.36 -1.75 5.67
N PRO C 167 -11.45 -1.08 4.92
CA PRO C 167 -10.76 0.09 5.49
C PRO C 167 -11.81 1.09 5.99
N CYS C 168 -11.66 1.61 7.22
CA CYS C 168 -12.68 2.42 7.86
C CYS C 168 -12.21 3.80 8.39
N ILE C 169 -10.89 4.04 8.48
CA ILE C 169 -10.38 5.33 8.93
C ILE C 169 -9.51 5.96 7.86
N SER C 170 -9.69 7.25 7.63
CA SER C 170 -8.88 8.00 6.69
C SER C 170 -7.66 8.46 7.44
N ALA C 171 -6.53 8.62 6.74
CA ALA C 171 -5.27 9.01 7.34
C ALA C 171 -5.38 10.31 8.19
N LYS C 172 -6.33 11.24 7.82
CA LYS C 172 -6.60 12.51 8.55
C LYS C 172 -7.20 12.28 9.96
N ASP C 173 -7.72 11.07 10.23
CA ASP C 173 -8.46 10.72 11.44
C ASP C 173 -7.66 9.91 12.51
N ILE C 174 -6.32 9.84 12.38
CA ILE C 174 -5.44 9.13 13.34
C ILE C 174 -4.32 10.01 13.85
N VAL C 175 -4.11 10.01 15.19
CA VAL C 175 -3.03 10.75 15.79
C VAL C 175 -2.12 9.76 16.56
N TYR C 176 -0.81 9.75 16.24
CA TYR C 176 0.11 8.92 17.01
C TYR C 176 0.70 9.74 18.15
N ILE C 177 0.97 9.09 19.28
CA ILE C 177 1.70 9.73 20.40
C ILE C 177 2.67 8.67 20.98
N GLY C 178 3.95 9.04 21.13
CA GLY C 178 4.95 8.20 21.77
C GLY C 178 5.98 7.52 20.90
N LEU C 179 5.86 7.68 19.58
CA LEU C 179 6.66 7.05 18.57
C LEU C 179 8.14 7.24 18.83
N ARG C 180 8.89 6.17 18.68
CA ARG C 180 10.35 6.17 18.91
C ARG C 180 11.04 4.95 18.33
N ASP C 181 10.29 4.06 17.65
CA ASP C 181 10.89 2.87 17.06
C ASP C 181 10.12 2.51 15.79
N VAL C 182 10.34 3.30 14.76
CA VAL C 182 9.58 3.19 13.51
C VAL C 182 10.45 2.65 12.39
N ASP C 183 9.98 1.58 11.70
CA ASP C 183 10.73 1.00 10.57
C ASP C 183 10.84 1.95 9.37
N PRO C 184 11.88 1.80 8.52
CA PRO C 184 11.97 2.70 7.33
C PRO C 184 10.70 2.72 6.47
N GLY C 185 10.17 1.54 6.15
CA GLY C 185 8.91 1.42 5.41
C GLY C 185 7.76 2.08 6.14
N GLU C 186 7.78 2.03 7.48
CA GLU C 186 6.72 2.65 8.25
C GLU C 186 6.83 4.15 8.20
N HIS C 187 8.07 4.66 8.20
CA HIS C 187 8.34 6.08 8.15
C HIS C 187 7.94 6.70 6.80
N TYR C 188 8.26 5.99 5.70
CA TYR C 188 7.85 6.34 4.34
C TYR C 188 6.30 6.42 4.28
N ILE C 189 5.58 5.42 4.84
CA ILE C 189 4.11 5.39 4.82
C ILE C 189 3.55 6.56 5.62
N LEU C 190 4.07 6.75 6.82
CA LEU C 190 3.69 7.85 7.71
C LEU C 190 3.83 9.24 7.05
N LYS C 191 4.98 9.49 6.41
CA LYS C 191 5.27 10.76 5.76
C LYS C 191 4.45 10.96 4.46
N THR C 192 4.35 9.92 3.60
CA THR C 192 3.59 10.01 2.35
C THR C 192 2.06 10.12 2.54
N LEU C 193 1.49 9.62 3.69
CA LEU C 193 0.04 9.74 4.03
C LEU C 193 -0.26 11.04 4.82
N GLY C 194 0.78 11.74 5.28
CA GLY C 194 0.63 12.98 6.03
C GLY C 194 -0.13 12.85 7.35
N ILE C 195 0.07 11.74 8.01
CA ILE C 195 -0.58 11.43 9.29
C ILE C 195 -0.02 12.33 10.40
N LYS C 196 -0.89 12.84 11.28
CA LYS C 196 -0.49 13.67 12.42
C LYS C 196 0.17 12.80 13.50
N TYR C 197 1.39 13.14 13.92
CA TYR C 197 2.07 12.35 14.95
C TYR C 197 2.87 13.22 15.92
N PHE C 198 2.94 12.78 17.18
CA PHE C 198 3.85 13.40 18.14
C PHE C 198 4.80 12.29 18.60
N SER C 199 5.96 12.17 17.94
CA SER C 199 6.96 11.20 18.37
C SER C 199 7.55 11.71 19.68
N MET C 200 8.34 10.88 20.38
CA MET C 200 8.98 11.31 21.62
C MET C 200 9.69 12.68 21.43
N THR C 201 10.21 12.94 20.22
CA THR C 201 10.82 14.21 19.86
C THR C 201 9.80 15.37 20.01
N GLU C 202 8.57 15.23 19.45
CA GLU C 202 7.55 16.28 19.61
C GLU C 202 7.11 16.47 21.05
N VAL C 203 6.98 15.36 21.82
CA VAL C 203 6.61 15.39 23.23
C VAL C 203 7.67 16.16 23.98
N ASP C 204 8.94 15.80 23.76
CA ASP C 204 10.05 16.52 24.39
C ASP C 204 9.98 18.02 24.04
N ARG C 205 9.71 18.33 22.77
CA ARG C 205 9.69 19.70 22.22
C ARG C 205 8.59 20.58 22.85
N LEU C 206 7.35 20.05 22.86
CA LEU C 206 6.14 20.75 23.24
C LEU C 206 5.68 20.57 24.65
N GLY C 207 5.90 19.38 25.17
CA GLY C 207 5.36 18.98 26.46
C GLY C 207 4.06 18.25 26.24
N ILE C 208 3.72 17.32 27.14
CA ILE C 208 2.47 16.54 27.00
C ILE C 208 1.20 17.45 26.99
N GLY C 209 1.24 18.59 27.71
CA GLY C 209 0.12 19.52 27.77
C GLY C 209 -0.22 20.08 26.40
N LYS C 210 0.79 20.55 25.66
CA LYS C 210 0.59 21.06 24.30
C LYS C 210 0.17 19.94 23.34
N VAL C 211 0.76 18.75 23.50
CA VAL C 211 0.47 17.55 22.69
C VAL C 211 -1.02 17.23 22.79
N MET C 212 -1.55 17.21 24.00
CA MET C 212 -2.96 16.89 24.14
C MET C 212 -3.86 18.02 23.67
N GLU C 213 -3.42 19.26 23.83
CA GLU C 213 -4.22 20.39 23.37
C GLU C 213 -4.38 20.32 21.85
N GLU C 214 -3.25 20.10 21.15
CA GLU C 214 -3.20 19.95 19.70
C GLU C 214 -3.93 18.68 19.21
N THR C 215 -3.67 17.50 19.84
CA THR C 215 -4.32 16.26 19.46
C THR C 215 -5.84 16.39 19.45
N LEU C 216 -6.42 16.98 20.50
CA LEU C 216 -7.86 17.10 20.63
C LEU C 216 -8.42 18.19 19.72
N SER C 217 -7.69 19.30 19.58
CA SER C 217 -8.09 20.38 18.66
C SER C 217 -8.04 19.86 17.21
N TYR C 218 -7.08 18.95 16.91
CA TYR C 218 -6.93 18.33 15.57
C TYR C 218 -8.07 17.37 15.28
N LEU C 219 -8.44 16.57 16.26
CA LEU C 219 -9.50 15.57 15.99
C LEU C 219 -10.90 16.11 16.13
N LEU C 220 -11.15 17.07 17.03
CA LEU C 220 -12.50 17.57 17.30
C LEU C 220 -12.86 18.97 16.79
N GLY C 221 -11.86 19.83 16.59
CA GLY C 221 -12.01 21.23 16.22
C GLY C 221 -13.31 21.74 15.62
N ARG C 222 -13.81 21.05 14.58
CA ARG C 222 -15.02 21.47 13.85
C ARG C 222 -16.33 21.10 14.59
N LYS C 223 -16.35 19.94 15.30
CA LYS C 223 -17.50 19.43 16.07
C LYS C 223 -17.19 18.07 16.79
N LYS C 224 -17.95 17.77 17.84
CA LYS C 224 -17.75 16.53 18.60
C LYS C 224 -17.86 15.28 17.70
N ARG C 225 -17.01 14.28 17.98
CA ARG C 225 -17.02 13.01 17.27
C ARG C 225 -16.44 11.96 18.20
N PRO C 226 -16.86 10.67 18.10
CA PRO C 226 -16.34 9.65 19.02
C PRO C 226 -14.84 9.43 18.87
N ILE C 227 -14.16 9.15 20.01
CA ILE C 227 -12.75 8.84 20.09
C ILE C 227 -12.51 7.36 20.46
N HIS C 228 -11.67 6.69 19.66
CA HIS C 228 -11.13 5.38 19.93
C HIS C 228 -9.70 5.61 20.43
N LEU C 229 -9.43 5.19 21.66
CA LEU C 229 -8.05 5.23 22.18
C LEU C 229 -7.43 3.84 22.11
N SER C 230 -6.44 3.67 21.25
CA SER C 230 -5.70 2.40 21.22
C SER C 230 -4.38 2.54 21.94
N PHE C 231 -4.30 1.96 23.15
CA PHE C 231 -3.17 2.11 24.08
C PHE C 231 -2.29 0.88 24.20
N ASP C 232 -1.13 0.93 23.57
CA ASP C 232 -0.11 -0.10 23.69
C ASP C 232 0.69 0.30 24.92
N VAL C 233 0.69 -0.55 25.96
CA VAL C 233 1.49 -0.30 27.16
C VAL C 233 3.01 0.00 26.89
N ASP C 234 3.58 -0.40 25.72
CA ASP C 234 4.99 -0.07 25.44
C ASP C 234 5.17 1.40 24.99
N GLY C 235 4.05 2.11 24.84
CA GLY C 235 4.02 3.56 24.64
C GLY C 235 4.73 4.22 25.81
N LEU C 236 4.62 3.63 27.03
CA LEU C 236 5.34 4.18 28.18
C LEU C 236 6.73 3.55 28.27
N ASP C 237 7.65 4.28 28.89
CA ASP C 237 9.02 3.81 29.11
C ASP C 237 9.02 2.47 29.83
N PRO C 238 9.98 1.55 29.48
CA PRO C 238 10.07 0.26 30.18
C PRO C 238 10.32 0.29 31.69
N SER C 239 10.65 1.47 32.24
CA SER C 239 10.77 1.59 33.69
C SER C 239 9.39 1.57 34.34
N PHE C 240 8.34 1.77 33.53
CA PHE C 240 6.95 1.80 34.01
C PHE C 240 6.16 0.58 33.60
N THR C 241 6.41 0.08 32.37
CA THR C 241 5.75 -1.10 31.83
C THR C 241 6.79 -2.10 31.27
N PRO C 242 7.67 -2.69 32.12
CA PRO C 242 8.67 -3.64 31.61
C PRO C 242 8.10 -4.93 31.02
N ALA C 243 7.01 -5.45 31.59
CA ALA C 243 6.43 -6.70 31.11
C ALA C 243 5.64 -6.54 29.78
N THR C 244 6.40 -6.35 28.67
CA THR C 244 5.88 -6.17 27.32
C THR C 244 6.90 -6.74 26.33
N GLY C 245 6.43 -7.17 25.16
CA GLY C 245 7.26 -7.87 24.19
C GLY C 245 8.22 -7.01 23.41
N THR C 246 7.85 -5.75 23.14
CA THR C 246 8.73 -4.87 22.37
C THR C 246 8.99 -3.53 23.11
N PRO C 247 9.72 -3.61 24.24
CA PRO C 247 10.03 -2.39 24.99
C PRO C 247 11.11 -1.56 24.32
N VAL C 248 10.94 -0.23 24.41
CA VAL C 248 11.89 0.74 23.88
C VAL C 248 12.16 1.78 24.93
N VAL C 249 13.46 1.99 25.30
CA VAL C 249 13.94 3.02 26.22
C VAL C 249 13.50 4.41 25.74
N GLY C 250 13.40 5.37 26.65
CA GLY C 250 13.02 6.75 26.32
C GLY C 250 11.53 7.00 26.11
N GLY C 251 10.68 6.23 26.75
CA GLY C 251 9.24 6.36 26.52
C GLY C 251 8.52 7.44 27.32
N LEU C 252 7.18 7.41 27.21
CA LEU C 252 6.29 8.28 27.99
C LEU C 252 6.40 7.92 29.45
N THR C 253 6.39 8.92 30.35
CA THR C 253 6.43 8.62 31.79
C THR C 253 5.04 8.10 32.21
N TYR C 254 4.97 7.59 33.43
CA TYR C 254 3.74 7.15 34.06
C TYR C 254 2.80 8.36 34.17
N ARG C 255 3.37 9.55 34.51
CA ARG C 255 2.63 10.83 34.63
C ARG C 255 2.03 11.22 33.26
N GLU C 256 2.84 11.17 32.19
CA GLU C 256 2.40 11.57 30.83
C GLU C 256 1.26 10.65 30.38
N GLY C 257 1.40 9.36 30.66
CA GLY C 257 0.35 8.38 30.41
C GLY C 257 -0.98 8.76 31.07
N LEU C 258 -0.94 9.10 32.37
CA LEU C 258 -2.17 9.49 33.09
C LEU C 258 -2.74 10.81 32.57
N TYR C 259 -1.82 11.73 32.17
CA TYR C 259 -2.27 13.00 31.64
C TYR C 259 -3.08 12.79 30.36
N ILE C 260 -2.55 11.97 29.41
CA ILE C 260 -3.16 11.65 28.11
C ILE C 260 -4.61 11.16 28.36
N THR C 261 -4.74 10.20 29.27
CA THR C 261 -5.98 9.54 29.62
C THR C 261 -6.97 10.46 30.36
N GLU C 262 -6.49 11.22 31.35
CA GLU C 262 -7.31 12.23 32.04
C GLU C 262 -7.87 13.24 31.02
N GLU C 263 -7.02 13.73 30.10
CA GLU C 263 -7.48 14.68 29.09
C GLU C 263 -8.53 14.11 28.12
N ILE C 264 -8.42 12.82 27.79
CA ILE C 264 -9.38 12.21 26.89
C ILE C 264 -10.71 11.97 27.64
N TYR C 265 -10.64 11.46 28.87
CA TYR C 265 -11.87 11.30 29.67
C TYR C 265 -12.67 12.63 29.72
N LYS C 266 -11.98 13.76 30.05
CA LYS C 266 -12.63 15.07 30.19
C LYS C 266 -13.39 15.54 28.96
N THR C 267 -13.02 15.05 27.75
CA THR C 267 -13.74 15.47 26.51
C THR C 267 -15.18 14.95 26.51
N GLY C 268 -15.39 13.86 27.23
CA GLY C 268 -16.66 13.14 27.36
C GLY C 268 -16.94 12.32 26.11
N LEU C 269 -15.92 12.21 25.24
CA LEU C 269 -16.09 11.59 23.94
C LEU C 269 -15.42 10.23 23.78
N LEU C 270 -14.80 9.70 24.86
CA LEU C 270 -14.20 8.36 24.77
C LEU C 270 -15.29 7.36 24.43
N SER C 271 -15.07 6.53 23.39
CA SER C 271 -16.08 5.63 22.83
C SER C 271 -15.58 4.21 22.73
N GLY C 272 -14.29 4.07 22.55
CA GLY C 272 -13.65 2.77 22.46
C GLY C 272 -12.25 2.89 22.99
N LEU C 273 -11.78 1.83 23.70
CA LEU C 273 -10.45 1.75 24.33
C LEU C 273 -9.91 0.34 24.22
N ASP C 274 -8.62 0.26 23.92
CA ASP C 274 -7.81 -0.95 23.83
C ASP C 274 -6.66 -0.80 24.84
N ILE C 275 -6.41 -1.82 25.66
CA ILE C 275 -5.25 -1.77 26.57
C ILE C 275 -4.43 -2.97 26.12
N MET C 276 -3.42 -2.76 25.26
CA MET C 276 -2.72 -3.85 24.60
C MET C 276 -1.26 -4.10 25.01
N GLU C 277 -0.79 -5.33 24.71
CA GLU C 277 0.59 -5.77 24.83
C GLU C 277 1.12 -5.97 26.28
N VAL C 278 0.22 -6.17 27.28
CA VAL C 278 0.62 -6.55 28.65
C VAL C 278 1.02 -8.04 28.62
N ASN C 279 2.31 -8.35 28.79
CA ASN C 279 2.80 -9.73 28.77
C ASN C 279 3.41 -10.13 30.13
N PRO C 280 2.61 -10.81 30.99
CA PRO C 280 3.10 -11.11 32.36
C PRO C 280 4.15 -12.22 32.44
N SER C 281 4.49 -12.86 31.31
CA SER C 281 5.59 -13.84 31.32
C SER C 281 6.95 -13.17 31.04
N LEU C 282 6.94 -11.84 30.82
CA LEU C 282 8.16 -11.08 30.47
C LEU C 282 8.67 -10.09 31.53
N GLY C 283 8.19 -10.20 32.76
CA GLY C 283 8.77 -9.39 33.83
C GLY C 283 10.11 -10.01 34.20
N LYS C 284 11.12 -9.20 34.58
CA LYS C 284 12.41 -9.82 34.99
C LYS C 284 12.21 -10.47 36.37
N THR C 285 11.22 -9.96 37.11
CA THR C 285 10.85 -10.40 38.46
C THR C 285 9.31 -10.32 38.57
N PRO C 286 8.63 -10.97 39.55
CA PRO C 286 7.19 -10.76 39.70
C PRO C 286 6.81 -9.30 39.92
N GLU C 287 7.72 -8.48 40.54
CA GLU C 287 7.51 -7.05 40.79
C GLU C 287 7.35 -6.27 39.47
N GLU C 288 8.17 -6.58 38.44
CA GLU C 288 8.06 -5.93 37.13
C GLU C 288 6.69 -6.19 36.53
N VAL C 289 6.13 -7.37 36.78
CA VAL C 289 4.78 -7.73 36.33
C VAL C 289 3.75 -6.91 37.11
N THR C 290 3.91 -6.82 38.43
CA THR C 290 2.98 -6.04 39.24
C THR C 290 3.04 -4.55 38.84
N ARG C 291 4.21 -4.06 38.52
CA ARG C 291 4.39 -2.68 38.07
C ARG C 291 3.65 -2.44 36.72
N THR C 292 3.84 -3.34 35.72
CA THR C 292 3.23 -3.23 34.40
C THR C 292 1.73 -3.28 34.50
N VAL C 293 1.21 -4.23 35.31
CA VAL C 293 -0.22 -4.43 35.48
C VAL C 293 -0.78 -3.22 36.22
N ASN C 294 -0.10 -2.75 37.31
CA ASN C 294 -0.58 -1.57 38.05
C ASN C 294 -0.70 -0.38 37.15
N THR C 295 0.34 -0.16 36.33
CA THR C 295 0.37 0.96 35.41
C THR C 295 -0.84 0.91 34.45
N ALA C 296 -1.06 -0.26 33.78
CA ALA C 296 -2.18 -0.43 32.83
C ALA C 296 -3.53 -0.20 33.54
N VAL C 297 -3.63 -0.64 34.81
CA VAL C 297 -4.85 -0.39 35.58
C VAL C 297 -5.07 1.12 35.83
N ALA C 298 -4.02 1.84 36.33
CA ALA C 298 -4.08 3.27 36.57
C ALA C 298 -4.50 3.99 35.28
N ILE C 299 -3.90 3.61 34.15
CA ILE C 299 -4.20 4.16 32.82
C ILE C 299 -5.72 4.02 32.47
N THR C 300 -6.27 2.79 32.56
CA THR C 300 -7.70 2.51 32.33
C THR C 300 -8.63 3.35 33.22
N LEU C 301 -8.32 3.43 34.51
CA LEU C 301 -9.16 4.11 35.49
C LEU C 301 -9.27 5.59 35.23
N ALA C 302 -8.19 6.18 34.74
CA ALA C 302 -8.16 7.57 34.31
C ALA C 302 -9.06 7.83 33.09
N CYS C 303 -9.09 6.86 32.15
CA CYS C 303 -9.95 6.89 30.93
C CYS C 303 -11.40 6.98 31.35
N PHE C 304 -11.71 6.45 32.55
CA PHE C 304 -13.06 6.41 33.06
C PHE C 304 -13.27 7.30 34.31
N GLY C 305 -12.57 8.44 34.36
CA GLY C 305 -12.89 9.48 35.32
C GLY C 305 -12.07 9.68 36.56
N LEU C 306 -11.14 8.76 36.88
CA LEU C 306 -10.26 8.91 38.03
C LEU C 306 -9.34 10.08 37.79
N ALA C 307 -9.33 11.01 38.72
CA ALA C 307 -8.53 12.22 38.53
C ALA C 307 -7.55 12.41 39.65
N ARG C 308 -6.35 12.82 39.31
CA ARG C 308 -5.27 12.99 40.28
C ARG C 308 -5.52 14.13 41.31
N GLU C 309 -6.27 15.18 40.91
CA GLU C 309 -6.67 16.25 41.83
C GLU C 309 -7.72 15.76 42.85
N GLY C 310 -8.36 14.60 42.59
CA GLY C 310 -9.39 14.07 43.45
C GLY C 310 -10.74 13.98 42.76
N ASN C 311 -11.67 13.25 43.38
CA ASN C 311 -13.03 12.93 42.87
C ASN C 311 -13.97 12.92 44.05
N HIS C 312 -15.24 13.35 43.82
CA HIS C 312 -16.26 13.31 44.88
C HIS C 312 -17.69 13.16 44.32
N LYS C 313 -18.55 12.39 45.03
CA LYS C 313 -19.94 12.16 44.63
C LYS C 313 -20.77 13.48 44.68
N PRO C 314 -21.85 13.65 43.88
CA PRO C 314 -22.58 14.93 43.88
C PRO C 314 -23.43 15.21 45.14
N ILE C 315 -22.88 14.92 46.31
CA ILE C 315 -23.48 15.13 47.62
C ILE C 315 -22.71 16.21 48.41
N ASP C 316 -23.20 16.55 49.62
CA ASP C 316 -22.54 17.50 50.51
C ASP C 316 -21.76 16.71 51.55
N TYR C 317 -20.41 16.71 51.46
CA TYR C 317 -19.55 15.95 52.35
C TYR C 317 -19.37 16.56 53.77
N LEU C 318 -19.89 17.78 53.99
CA LEU C 318 -19.79 18.42 55.31
C LEU C 318 -21.10 18.37 56.12
N ASN C 319 -22.24 18.76 55.51
CA ASN C 319 -23.52 18.70 56.22
C ASN C 319 -24.06 17.27 56.19
N SER D 2 25.94 10.65 0.63
CA SER D 2 27.10 11.07 1.44
C SER D 2 26.92 12.54 1.87
N ALA D 3 25.75 12.87 2.45
CA ALA D 3 25.45 14.21 2.93
C ALA D 3 26.54 14.70 3.89
N LYS D 4 26.92 15.97 3.76
CA LYS D 4 27.98 16.60 4.57
C LYS D 4 27.75 16.31 6.04
N SER D 5 26.48 16.41 6.45
CA SER D 5 26.00 16.22 7.80
C SER D 5 26.20 14.79 8.30
N ARG D 6 26.52 13.85 7.40
CA ARG D 6 26.74 12.44 7.75
C ARG D 6 28.12 11.93 7.22
N THR D 7 29.06 12.86 6.95
CA THR D 7 30.43 12.56 6.49
C THR D 7 31.34 12.72 7.72
N ILE D 8 31.87 11.59 8.21
CA ILE D 8 32.55 11.50 9.52
C ILE D 8 34.00 10.98 9.48
N GLY D 9 34.86 11.60 10.29
CA GLY D 9 36.21 11.16 10.57
C GLY D 9 36.36 10.85 12.05
N ILE D 10 36.60 9.56 12.38
CA ILE D 10 36.67 9.11 13.78
C ILE D 10 38.06 9.22 14.34
N ILE D 11 38.15 9.88 15.52
CA ILE D 11 39.38 9.96 16.31
C ILE D 11 39.18 9.29 17.68
N GLY D 12 40.00 8.32 17.99
CA GLY D 12 40.01 7.73 19.32
C GLY D 12 41.05 8.43 20.16
N ALA D 13 40.67 8.93 21.36
CA ALA D 13 41.62 9.58 22.26
C ALA D 13 41.65 8.83 23.61
N PRO D 14 42.28 7.63 23.65
CA PRO D 14 42.33 6.85 24.90
C PRO D 14 43.23 7.54 25.95
N PHE D 15 42.77 8.66 26.53
CA PHE D 15 43.55 9.45 27.47
C PHE D 15 42.81 9.63 28.81
N SER D 16 43.50 9.42 29.92
CA SER D 16 42.89 9.50 31.24
C SER D 16 43.65 10.44 32.21
N LYS D 17 44.79 11.04 31.80
CA LYS D 17 45.61 11.80 32.76
C LYS D 17 45.11 13.20 33.11
N GLY D 18 43.96 13.61 32.55
CA GLY D 18 43.30 14.85 32.94
C GLY D 18 42.44 14.68 34.19
N GLN D 19 42.49 13.49 34.85
CA GLN D 19 41.70 13.17 36.05
C GLN D 19 42.25 11.94 36.82
N PRO D 20 41.79 11.67 38.06
CA PRO D 20 42.49 10.65 38.85
C PRO D 20 42.01 9.21 38.72
N ARG D 21 40.89 8.96 38.02
CA ARG D 21 40.31 7.61 38.02
C ARG D 21 40.61 6.78 36.76
N GLY D 22 41.23 5.62 36.96
CA GLY D 22 41.60 4.72 35.89
C GLY D 22 40.40 4.15 35.15
N GLY D 23 40.53 4.05 33.85
CA GLY D 23 39.51 3.45 32.99
C GLY D 23 38.99 4.25 31.82
N VAL D 24 38.88 5.62 31.94
CA VAL D 24 38.34 6.50 30.88
C VAL D 24 39.06 6.27 29.54
N GLU D 25 40.30 5.76 29.58
CA GLU D 25 41.15 5.47 28.42
C GLU D 25 40.54 4.36 27.58
N GLU D 26 39.69 3.50 28.19
CA GLU D 26 39.03 2.41 27.44
C GLU D 26 37.77 2.91 26.69
N GLY D 27 37.33 4.14 26.98
CA GLY D 27 36.20 4.77 26.30
C GLY D 27 36.14 4.48 24.80
N PRO D 28 37.21 4.77 24.01
CA PRO D 28 37.13 4.50 22.56
C PRO D 28 36.98 3.00 22.22
N THR D 29 37.51 2.12 23.07
CA THR D 29 37.40 0.66 22.86
C THR D 29 35.93 0.17 23.05
N VAL D 30 35.29 0.52 24.16
CA VAL D 30 33.92 0.09 24.45
C VAL D 30 32.92 0.72 23.49
N LEU D 31 33.15 1.96 23.09
CA LEU D 31 32.26 2.62 22.13
C LEU D 31 32.33 1.92 20.78
N ARG D 32 33.56 1.58 20.35
CA ARG D 32 33.82 0.81 19.15
C ARG D 32 33.22 -0.59 19.24
N LYS D 33 33.49 -1.32 20.35
CA LYS D 33 32.98 -2.67 20.59
C LYS D 33 31.44 -2.73 20.59
N ALA D 34 30.78 -1.61 20.95
CA ALA D 34 29.32 -1.48 20.85
C ALA D 34 28.80 -1.30 19.41
N GLY D 35 29.68 -1.35 18.40
CA GLY D 35 29.34 -1.28 16.99
C GLY D 35 29.01 0.11 16.46
N LEU D 36 29.56 1.16 17.11
CA LEU D 36 29.35 2.55 16.71
C LEU D 36 29.61 2.77 15.22
N LEU D 37 30.74 2.24 14.70
CA LEU D 37 31.10 2.37 13.30
C LEU D 37 30.03 1.74 12.39
N GLU D 38 29.64 0.48 12.71
CA GLU D 38 28.63 -0.29 11.98
C GLU D 38 27.29 0.42 11.94
N LYS D 39 26.82 0.90 13.13
CA LYS D 39 25.54 1.58 13.27
C LYS D 39 25.48 2.84 12.42
N LEU D 40 26.56 3.63 12.39
CA LEU D 40 26.63 4.87 11.61
C LEU D 40 26.49 4.56 10.11
N LYS D 41 27.21 3.57 9.64
CA LYS D 41 27.14 3.12 8.24
C LYS D 41 25.73 2.63 7.88
N GLU D 42 25.00 2.05 8.85
CA GLU D 42 23.62 1.63 8.58
C GLU D 42 22.69 2.85 8.44
N GLN D 43 23.07 3.97 9.06
CA GLN D 43 22.37 5.25 9.02
C GLN D 43 22.82 6.04 7.78
N GLU D 44 23.47 5.36 6.82
CA GLU D 44 23.96 5.94 5.56
C GLU D 44 25.13 6.91 5.74
N CYS D 45 25.87 6.78 6.84
CA CYS D 45 27.01 7.68 7.08
C CYS D 45 28.23 7.29 6.27
N ASP D 46 29.05 8.27 5.92
CA ASP D 46 30.31 8.04 5.22
C ASP D 46 31.40 8.11 6.30
N VAL D 47 31.82 6.96 6.83
CA VAL D 47 32.74 6.98 7.97
C VAL D 47 34.17 6.48 7.69
N LYS D 48 35.17 7.36 7.94
CA LYS D 48 36.58 6.93 7.90
C LYS D 48 37.08 6.91 9.34
N ASP D 49 37.73 5.80 9.76
CA ASP D 49 38.28 5.68 11.11
C ASP D 49 39.78 5.98 11.06
N TYR D 50 40.24 6.96 11.85
CA TYR D 50 41.65 7.39 11.88
C TYR D 50 42.41 6.68 12.98
N GLY D 51 41.69 5.79 13.64
CA GLY D 51 42.19 4.97 14.74
C GLY D 51 42.37 5.77 16.02
N ASP D 52 43.00 5.13 16.99
CA ASP D 52 43.32 5.68 18.30
C ASP D 52 44.70 6.33 18.31
N LEU D 53 44.76 7.58 18.77
CA LEU D 53 46.03 8.29 18.85
C LEU D 53 47.01 7.56 19.74
N PRO D 54 48.27 7.42 19.29
CA PRO D 54 49.27 6.81 20.16
C PRO D 54 49.83 7.84 21.13
N PHE D 55 49.39 7.81 22.39
CA PHE D 55 49.93 8.76 23.35
C PHE D 55 51.17 8.18 24.05
N ALA D 56 52.36 8.62 23.63
CA ALA D 56 53.61 8.18 24.26
C ALA D 56 53.70 8.71 25.70
N ASP D 57 54.24 7.87 26.58
CA ASP D 57 54.47 8.17 27.98
C ASP D 57 55.30 9.44 28.18
N ILE D 58 54.94 10.23 29.19
CA ILE D 58 55.73 11.39 29.62
C ILE D 58 56.00 11.11 31.12
N PRO D 59 57.03 10.29 31.43
CA PRO D 59 57.19 9.81 32.82
C PRO D 59 57.74 10.85 33.76
N ASN D 60 58.47 11.82 33.21
CA ASN D 60 59.08 12.89 33.95
C ASN D 60 58.09 14.11 33.79
N ASP D 61 57.02 14.11 34.62
CA ASP D 61 55.89 15.07 34.50
C ASP D 61 55.35 15.48 35.87
N SER D 62 56.10 16.35 36.54
CA SER D 62 55.73 16.84 37.86
C SER D 62 54.56 17.86 37.80
N PRO D 63 53.86 18.10 38.94
CA PRO D 63 52.73 19.03 38.91
C PRO D 63 53.13 20.51 38.79
N PHE D 64 52.23 21.33 38.24
CA PHE D 64 52.34 22.78 38.22
C PHE D 64 51.47 23.25 39.37
N GLN D 65 52.11 23.71 40.48
CA GLN D 65 51.46 23.96 41.77
C GLN D 65 50.72 22.65 42.12
N ILE D 66 49.36 22.65 42.20
CA ILE D 66 48.60 21.40 42.44
C ILE D 66 48.05 20.75 41.16
N VAL D 67 48.28 21.37 40.01
CA VAL D 67 47.80 20.86 38.74
C VAL D 67 48.58 19.59 38.34
N LYS D 68 47.86 18.45 38.15
CA LYS D 68 48.44 17.13 37.91
C LYS D 68 48.62 16.75 36.44
N ASN D 69 49.77 16.11 36.11
CA ASN D 69 50.12 15.62 34.76
C ASN D 69 50.00 16.72 33.65
N PRO D 70 50.51 17.93 33.90
CA PRO D 70 50.40 19.01 32.91
C PRO D 70 50.98 18.73 31.52
N ARG D 71 52.21 18.16 31.43
CA ARG D 71 52.85 17.88 30.11
C ARG D 71 52.13 16.75 29.35
N SER D 72 51.63 15.77 30.09
CA SER D 72 50.88 14.66 29.50
C SER D 72 49.57 15.21 28.89
N VAL D 73 48.82 15.97 29.68
CA VAL D 73 47.56 16.56 29.27
C VAL D 73 47.76 17.54 28.10
N GLY D 74 48.76 18.40 28.21
CA GLY D 74 49.09 19.42 27.21
C GLY D 74 49.46 18.82 25.87
N LYS D 75 50.24 17.73 25.91
CA LYS D 75 50.71 17.08 24.69
C LYS D 75 49.67 16.13 24.07
N ALA D 76 48.80 15.51 24.89
CA ALA D 76 47.70 14.70 24.37
C ALA D 76 46.77 15.61 23.58
N SER D 77 46.44 16.79 24.15
CA SER D 77 45.59 17.75 23.46
C SER D 77 46.30 18.39 22.28
N GLU D 78 47.65 18.60 22.36
CA GLU D 78 48.39 19.18 21.22
C GLU D 78 48.34 18.24 20.00
N GLN D 79 48.52 16.93 20.27
CA GLN D 79 48.42 15.86 19.27
C GLN D 79 46.99 15.85 18.73
N LEU D 80 46.00 15.93 19.65
CA LEU D 80 44.60 15.86 19.26
C LEU D 80 44.21 17.00 18.33
N ALA D 81 44.67 18.22 18.62
CA ALA D 81 44.45 19.38 17.77
C ALA D 81 44.90 19.11 16.32
N GLY D 82 46.06 18.47 16.17
CA GLY D 82 46.60 18.16 14.85
C GLY D 82 45.74 17.19 14.06
N LYS D 83 45.30 16.11 14.71
CA LYS D 83 44.44 15.11 14.06
C LYS D 83 43.08 15.68 13.70
N VAL D 84 42.53 16.55 14.58
CA VAL D 84 41.28 17.24 14.33
C VAL D 84 41.36 18.16 13.10
N ALA D 85 42.41 18.97 13.03
CA ALA D 85 42.67 19.92 11.94
C ALA D 85 42.73 19.23 10.61
N GLU D 86 43.35 18.03 10.61
CA GLU D 86 43.51 17.16 9.44
C GLU D 86 42.15 16.62 9.01
N VAL D 87 41.38 16.03 9.96
CA VAL D 87 40.03 15.53 9.68
C VAL D 87 39.14 16.62 9.07
N LYS D 88 39.22 17.84 9.63
CA LYS D 88 38.45 18.98 9.13
C LYS D 88 38.92 19.35 7.73
N LYS D 89 40.26 19.28 7.49
CA LYS D 89 40.82 19.57 6.17
C LYS D 89 40.37 18.57 5.13
N ASN D 90 40.10 17.31 5.56
CA ASN D 90 39.57 16.23 4.69
C ASN D 90 38.04 16.34 4.45
N GLY D 91 37.44 17.43 4.93
CA GLY D 91 36.02 17.72 4.81
C GLY D 91 35.13 16.75 5.54
N ARG D 92 35.59 16.29 6.72
CA ARG D 92 34.80 15.37 7.53
C ARG D 92 34.40 16.05 8.85
N ILE D 93 33.30 15.61 9.49
CA ILE D 93 32.94 16.08 10.82
C ILE D 93 33.83 15.28 11.77
N SER D 94 34.60 15.93 12.68
CA SER D 94 35.44 15.14 13.59
C SER D 94 34.60 14.54 14.69
N LEU D 95 34.81 13.26 14.97
CA LEU D 95 34.15 12.58 16.09
C LEU D 95 35.24 12.03 17.00
N VAL D 96 35.46 12.72 18.11
CA VAL D 96 36.47 12.32 19.08
C VAL D 96 35.82 11.46 20.13
N LEU D 97 36.38 10.29 20.32
CA LEU D 97 35.92 9.34 21.32
C LEU D 97 36.88 9.41 22.51
N GLY D 98 36.37 9.87 23.65
CA GLY D 98 37.16 10.07 24.83
C GLY D 98 37.30 8.84 25.70
N GLY D 99 38.16 8.88 26.73
CA GLY D 99 39.00 9.99 27.13
C GLY D 99 38.34 10.96 28.09
N ASP D 100 39.12 11.58 28.98
CA ASP D 100 38.56 12.60 29.88
C ASP D 100 38.39 13.91 29.14
N HIS D 101 37.67 14.88 29.76
CA HIS D 101 37.29 16.16 29.13
C HIS D 101 38.46 17.18 28.93
N SER D 102 39.69 16.89 29.42
CA SER D 102 40.82 17.81 29.14
C SER D 102 41.10 17.83 27.63
N LEU D 103 40.72 16.73 26.95
CA LEU D 103 40.92 16.59 25.51
C LEU D 103 40.14 17.60 24.70
N ALA D 104 39.13 18.23 25.29
CA ALA D 104 38.39 19.28 24.59
C ALA D 104 39.27 20.51 24.26
N ILE D 105 40.40 20.71 24.99
CA ILE D 105 41.33 21.78 24.60
C ILE D 105 41.77 21.42 23.19
N GLY D 106 42.25 20.19 23.02
CA GLY D 106 42.77 19.71 21.74
C GLY D 106 41.71 19.68 20.65
N SER D 107 40.56 19.08 20.95
CA SER D 107 39.48 18.96 19.97
C SER D 107 38.98 20.33 19.43
N ILE D 108 38.64 21.26 20.33
CA ILE D 108 38.16 22.59 19.95
C ILE D 108 39.28 23.43 19.28
N SER D 109 40.53 23.36 19.79
CA SER D 109 41.69 24.06 19.21
C SER D 109 41.93 23.70 17.74
N GLY D 110 41.99 22.39 17.46
CA GLY D 110 42.15 21.84 16.12
C GLY D 110 41.00 22.15 15.20
N HIS D 111 39.80 22.08 15.73
CA HIS D 111 38.61 22.40 14.96
C HIS D 111 38.62 23.90 14.53
N ALA D 112 38.97 24.80 15.48
CA ALA D 112 39.06 26.26 15.29
C ALA D 112 40.19 26.68 14.32
N ARG D 113 41.22 25.85 14.15
CA ARG D 113 42.29 26.11 13.19
C ARG D 113 41.74 26.06 11.74
N VAL D 114 40.69 25.27 11.51
CA VAL D 114 40.07 25.11 10.21
C VAL D 114 38.83 25.99 10.10
N HIS D 115 38.01 26.06 11.19
CA HIS D 115 36.80 26.88 11.22
C HIS D 115 36.83 27.90 12.40
N PRO D 116 37.60 28.99 12.26
CA PRO D 116 37.72 29.95 13.38
C PRO D 116 36.42 30.61 13.83
N ASP D 117 35.36 30.51 13.03
CA ASP D 117 34.09 31.11 13.35
C ASP D 117 33.13 30.21 14.12
N LEU D 118 33.59 29.01 14.56
CA LEU D 118 32.73 28.04 15.25
C LEU D 118 32.11 28.52 16.59
N GLY D 119 30.97 27.92 16.91
CA GLY D 119 30.26 28.09 18.16
C GLY D 119 30.25 26.78 18.93
N VAL D 120 30.37 26.83 20.23
CA VAL D 120 30.42 25.61 21.07
C VAL D 120 29.12 25.37 21.83
N ILE D 121 28.69 24.12 21.91
CA ILE D 121 27.58 23.72 22.77
C ILE D 121 28.21 22.68 23.70
N TRP D 122 28.41 23.08 24.95
CA TRP D 122 29.06 22.31 25.98
C TRP D 122 28.01 21.64 26.90
N VAL D 123 27.76 20.33 26.69
CA VAL D 123 26.77 19.55 27.49
C VAL D 123 27.50 18.85 28.65
N ASP D 124 27.14 19.14 29.94
CA ASP D 124 27.91 18.63 31.08
C ASP D 124 27.16 18.96 32.38
N ALA D 125 27.41 18.23 33.53
CA ALA D 125 26.86 18.69 34.82
C ALA D 125 27.77 19.82 35.34
N HIS D 126 28.93 19.95 34.73
CA HIS D 126 30.08 20.79 35.12
C HIS D 126 30.45 21.82 34.06
N THR D 127 30.97 22.99 34.47
CA THR D 127 31.38 24.08 33.56
C THR D 127 32.78 23.86 33.02
N ASP D 128 33.62 23.10 33.77
CA ASP D 128 35.00 22.81 33.35
C ASP D 128 35.77 24.14 33.01
N ILE D 129 35.53 25.21 33.80
CA ILE D 129 36.07 26.55 33.53
C ILE D 129 37.03 27.03 34.65
N ASN D 130 37.44 26.13 35.56
CA ASN D 130 38.48 26.50 36.54
C ASN D 130 39.77 26.78 35.76
N THR D 131 40.61 27.69 36.26
CA THR D 131 41.90 27.97 35.64
C THR D 131 42.90 27.11 36.39
N PRO D 132 44.15 26.97 35.91
CA PRO D 132 45.17 26.28 36.72
C PRO D 132 45.32 26.91 38.12
N LEU D 133 44.86 28.17 38.28
CA LEU D 133 44.93 28.95 39.54
C LEU D 133 43.70 28.85 40.44
N THR D 134 42.49 28.76 39.85
CA THR D 134 41.27 28.71 40.67
C THR D 134 40.92 27.26 41.07
N THR D 135 41.45 26.26 40.32
CA THR D 135 41.21 24.84 40.62
C THR D 135 41.55 24.47 42.07
N THR D 136 40.67 23.70 42.72
CA THR D 136 40.91 23.18 44.07
C THR D 136 41.34 21.71 43.95
N SER D 137 40.89 21.01 42.88
CA SER D 137 41.22 19.59 42.69
C SER D 137 42.59 19.33 41.99
N GLY D 138 43.06 20.25 41.16
CA GLY D 138 44.31 20.09 40.41
C GLY D 138 44.14 19.24 39.15
N ASN D 139 42.90 18.81 38.85
CA ASN D 139 42.61 17.98 37.68
C ASN D 139 42.23 18.81 36.44
N LEU D 140 43.01 18.65 35.38
CA LEU D 140 42.82 19.40 34.13
C LEU D 140 41.51 19.09 33.38
N HIS D 141 40.77 18.02 33.72
CA HIS D 141 39.48 17.81 33.03
C HIS D 141 38.42 18.86 33.51
N GLY D 142 38.74 19.55 34.62
CA GLY D 142 37.90 20.61 35.17
C GLY D 142 38.30 22.02 34.76
N GLN D 143 39.23 22.15 33.79
CA GLN D 143 39.84 23.41 33.33
C GLN D 143 39.78 23.74 31.80
N PRO D 144 39.31 22.83 30.88
CA PRO D 144 39.54 23.04 29.44
C PRO D 144 38.97 24.32 28.85
N VAL D 145 37.76 24.73 29.26
CA VAL D 145 37.14 25.96 28.77
C VAL D 145 37.99 27.19 29.14
N SER D 146 38.66 27.16 30.30
CA SER D 146 39.52 28.29 30.69
C SER D 146 40.67 28.52 29.73
N PHE D 147 41.26 27.45 29.14
CA PHE D 147 42.35 27.64 28.17
C PHE D 147 41.80 28.06 26.79
N LEU D 148 40.51 27.84 26.55
CA LEU D 148 39.89 28.13 25.24
C LEU D 148 39.33 29.55 25.11
N LEU D 149 38.84 30.14 26.22
CA LEU D 149 38.25 31.48 26.17
C LEU D 149 39.26 32.61 26.02
N LYS D 150 39.00 33.49 25.04
CA LYS D 150 39.82 34.66 24.79
C LYS D 150 39.78 35.65 25.97
N GLU D 151 38.59 35.82 26.57
CA GLU D 151 38.38 36.79 27.66
C GLU D 151 39.22 36.47 28.89
N LEU D 152 39.68 35.21 29.03
CA LEU D 152 40.52 34.82 30.16
C LEU D 152 42.02 34.94 29.85
N LYS D 153 42.37 35.68 28.78
CA LYS D 153 43.74 36.02 28.43
C LYS D 153 44.23 36.97 29.52
N GLY D 154 45.31 36.58 30.17
CA GLY D 154 45.88 37.32 31.29
C GLY D 154 45.73 36.54 32.58
N LYS D 155 44.82 35.55 32.58
CA LYS D 155 44.50 34.76 33.79
C LYS D 155 44.97 33.31 33.74
N ILE D 156 45.41 32.82 32.58
CA ILE D 156 45.93 31.46 32.51
C ILE D 156 47.46 31.54 32.64
N PRO D 157 48.04 30.94 33.69
CA PRO D 157 49.49 31.05 33.85
C PRO D 157 50.14 30.15 32.82
N ASP D 158 51.45 30.23 32.72
CA ASP D 158 52.23 29.39 31.83
C ASP D 158 52.39 27.97 32.48
N VAL D 159 51.60 27.02 32.01
CA VAL D 159 51.63 25.65 32.52
C VAL D 159 52.44 24.78 31.55
N PRO D 160 53.46 24.04 32.03
CA PRO D 160 54.23 23.16 31.10
C PRO D 160 53.32 22.21 30.29
N GLY D 161 53.57 22.16 29.00
CA GLY D 161 52.83 21.35 28.02
C GLY D 161 51.82 22.14 27.22
N PHE D 162 51.59 23.42 27.62
CA PHE D 162 50.55 24.24 27.03
C PHE D 162 50.93 25.49 26.23
N SER D 163 52.22 25.73 25.95
CA SER D 163 52.67 26.90 25.18
C SER D 163 52.06 26.99 23.77
N TRP D 164 51.62 25.85 23.21
CA TRP D 164 50.99 25.74 21.89
C TRP D 164 49.56 26.27 21.91
N VAL D 165 48.94 26.40 23.11
CA VAL D 165 47.55 26.86 23.23
C VAL D 165 47.38 28.35 22.94
N THR D 166 46.42 28.68 22.06
CA THR D 166 45.96 30.05 21.85
C THR D 166 44.41 30.05 22.06
N PRO D 167 43.87 30.91 22.93
CA PRO D 167 42.40 30.97 23.08
C PRO D 167 41.69 31.26 21.76
N CYS D 168 40.75 30.39 21.40
CA CYS D 168 40.13 30.47 20.07
C CYS D 168 38.69 30.96 20.08
N ILE D 169 37.96 30.77 21.18
CA ILE D 169 36.57 31.20 21.22
C ILE D 169 36.34 32.32 22.21
N SER D 170 35.39 33.20 21.90
CA SER D 170 34.97 34.32 22.73
C SER D 170 33.89 33.86 23.72
N ALA D 171 33.71 34.59 24.83
CA ALA D 171 32.72 34.23 25.84
C ALA D 171 31.31 34.12 25.26
N LYS D 172 31.01 34.92 24.24
CA LYS D 172 29.70 34.94 23.60
C LYS D 172 29.48 33.77 22.62
N ASP D 173 30.50 32.91 22.38
CA ASP D 173 30.36 31.86 21.39
C ASP D 173 30.22 30.44 21.98
N ILE D 174 29.78 30.35 23.22
CA ILE D 174 29.60 29.06 23.89
C ILE D 174 28.26 29.08 24.66
N VAL D 175 27.60 27.92 24.68
CA VAL D 175 26.38 27.70 25.45
C VAL D 175 26.65 26.43 26.29
N TYR D 176 26.32 26.47 27.59
CA TYR D 176 26.32 25.31 28.47
C TYR D 176 24.92 24.76 28.57
N ILE D 177 24.79 23.43 28.64
CA ILE D 177 23.49 22.81 28.89
C ILE D 177 23.66 21.72 29.93
N GLY D 178 22.91 21.81 31.03
CA GLY D 178 22.83 20.75 32.03
C GLY D 178 23.57 20.90 33.33
N LEU D 179 24.22 22.05 33.55
CA LEU D 179 25.00 22.32 34.77
C LEU D 179 24.22 22.09 36.07
N ARG D 180 24.89 21.51 37.06
CA ARG D 180 24.31 21.32 38.39
C ARG D 180 25.39 21.11 39.46
N ASP D 181 26.68 21.31 39.11
CA ASP D 181 27.79 21.10 40.06
C ASP D 181 28.96 22.02 39.71
N VAL D 182 28.76 23.29 40.02
CA VAL D 182 29.67 24.37 39.65
C VAL D 182 30.39 24.92 40.90
N ASP D 183 31.75 24.87 40.89
CA ASP D 183 32.60 25.42 41.97
C ASP D 183 32.35 26.93 42.11
N PRO D 184 32.53 27.55 43.31
CA PRO D 184 32.32 29.00 43.41
C PRO D 184 33.17 29.83 42.45
N GLY D 185 34.44 29.44 42.29
CA GLY D 185 35.40 30.11 41.40
C GLY D 185 34.92 30.13 39.97
N GLU D 186 34.34 28.99 39.51
CA GLU D 186 33.76 28.83 38.18
C GLU D 186 32.46 29.64 38.05
N HIS D 187 31.65 29.66 39.12
CA HIS D 187 30.40 30.41 39.07
C HIS D 187 30.75 31.91 38.94
N TYR D 188 31.83 32.36 39.62
CA TYR D 188 32.30 33.75 39.48
C TYR D 188 32.66 34.02 38.03
N ILE D 189 33.39 33.10 37.37
CA ILE D 189 33.83 33.25 35.98
C ILE D 189 32.63 33.29 35.02
N LEU D 190 31.74 32.32 35.17
CA LEU D 190 30.53 32.14 34.39
C LEU D 190 29.73 33.43 34.30
N LYS D 191 29.47 34.10 35.46
CA LYS D 191 28.68 35.34 35.58
C LYS D 191 29.48 36.62 35.21
N THR D 192 30.74 36.76 35.66
CA THR D 192 31.61 37.90 35.26
C THR D 192 31.72 38.04 33.72
N LEU D 193 31.77 36.90 33.01
CA LEU D 193 31.92 36.83 31.55
C LEU D 193 30.60 36.87 30.78
N GLY D 194 29.49 36.62 31.47
CA GLY D 194 28.16 36.66 30.86
C GLY D 194 27.90 35.58 29.83
N ILE D 195 28.55 34.41 30.00
CA ILE D 195 28.35 33.24 29.14
C ILE D 195 26.91 32.80 29.24
N LYS D 196 26.32 32.38 28.10
CA LYS D 196 24.95 31.88 28.05
C LYS D 196 24.94 30.47 28.61
N TYR D 197 24.04 30.20 29.55
CA TYR D 197 23.98 28.88 30.16
C TYR D 197 22.55 28.47 30.51
N PHE D 198 22.36 27.19 30.51
CA PHE D 198 21.09 26.61 30.89
C PHE D 198 21.40 25.54 31.92
N SER D 199 21.45 25.91 33.22
CA SER D 199 21.67 24.88 34.26
C SER D 199 20.41 24.02 34.32
N MET D 200 20.42 23.00 35.16
CA MET D 200 19.24 22.16 35.32
C MET D 200 18.03 23.07 35.76
N THR D 201 18.32 24.17 36.48
CA THR D 201 17.26 25.13 36.87
C THR D 201 16.55 25.73 35.65
N GLU D 202 17.33 26.14 34.62
CA GLU D 202 16.77 26.73 33.40
C GLU D 202 16.04 25.69 32.57
N VAL D 203 16.57 24.44 32.55
CA VAL D 203 15.97 23.33 31.80
C VAL D 203 14.62 22.99 32.44
N ASP D 204 14.57 23.04 33.78
CA ASP D 204 13.33 22.78 34.51
C ASP D 204 12.29 23.84 34.20
N ARG D 205 12.72 25.11 34.22
CA ARG D 205 11.89 26.31 33.97
C ARG D 205 11.32 26.33 32.55
N LEU D 206 12.20 26.17 31.54
CA LEU D 206 11.84 26.33 30.13
C LEU D 206 11.40 25.05 29.38
N GLY D 207 11.92 23.90 29.78
CA GLY D 207 11.76 22.65 29.06
C GLY D 207 12.86 22.56 28.02
N ILE D 208 13.24 21.35 27.61
CA ILE D 208 14.34 21.20 26.66
C ILE D 208 13.98 21.73 25.29
N GLY D 209 12.68 21.84 25.01
CA GLY D 209 12.18 22.39 23.76
C GLY D 209 12.65 23.83 23.58
N LYS D 210 12.32 24.70 24.56
CA LYS D 210 12.72 26.12 24.56
C LYS D 210 14.23 26.30 24.69
N VAL D 211 14.88 25.44 25.52
CA VAL D 211 16.34 25.42 25.70
C VAL D 211 17.00 25.32 24.34
N MET D 212 16.65 24.32 23.55
CA MET D 212 17.26 24.11 22.25
C MET D 212 16.93 25.25 21.27
N GLU D 213 15.68 25.77 21.34
CA GLU D 213 15.27 26.88 20.48
C GLU D 213 16.14 28.10 20.79
N GLU D 214 16.38 28.35 22.07
CA GLU D 214 17.17 29.51 22.54
C GLU D 214 18.67 29.31 22.28
N THR D 215 19.20 28.10 22.55
CA THR D 215 20.61 27.77 22.29
C THR D 215 20.97 28.04 20.83
N LEU D 216 20.22 27.43 19.90
CA LEU D 216 20.48 27.51 18.47
C LEU D 216 20.29 28.91 17.94
N SER D 217 19.30 29.65 18.45
CA SER D 217 19.07 31.05 18.06
C SER D 217 20.18 31.95 18.64
N TYR D 218 20.72 31.60 19.82
CA TYR D 218 21.82 32.36 20.41
C TYR D 218 23.08 32.18 19.55
N LEU D 219 23.36 30.94 19.14
CA LEU D 219 24.58 30.67 18.39
C LEU D 219 24.47 30.92 16.90
N LEU D 220 23.26 30.83 16.35
CA LEU D 220 23.13 30.98 14.90
C LEU D 220 22.48 32.32 14.47
N GLY D 221 22.09 33.15 15.45
CA GLY D 221 21.49 34.47 15.28
C GLY D 221 22.11 35.41 14.27
N ARG D 222 23.40 35.72 14.44
CA ARG D 222 24.14 36.58 13.52
C ARG D 222 24.15 35.94 12.13
N LYS D 223 24.73 34.74 12.02
CA LYS D 223 24.78 33.96 10.79
C LYS D 223 25.10 32.50 11.08
N LYS D 224 24.98 31.63 10.07
CA LYS D 224 25.35 30.24 10.19
C LYS D 224 26.85 30.13 10.38
N ARG D 225 27.26 29.19 11.23
CA ARG D 225 28.66 28.89 11.45
C ARG D 225 28.79 27.43 11.95
N PRO D 226 29.96 26.77 11.82
CA PRO D 226 30.05 25.38 12.29
C PRO D 226 29.82 25.30 13.80
N ILE D 227 29.17 24.23 14.22
CA ILE D 227 28.86 23.94 15.62
C ILE D 227 29.79 22.84 16.10
N HIS D 228 30.49 23.09 17.25
CA HIS D 228 31.25 22.07 17.97
C HIS D 228 30.44 21.68 19.21
N LEU D 229 30.03 20.44 19.26
CA LEU D 229 29.31 19.92 20.42
C LEU D 229 30.28 19.08 21.26
N SER D 230 30.56 19.52 22.50
CA SER D 230 31.41 18.75 23.43
C SER D 230 30.47 18.14 24.44
N PHE D 231 30.27 16.83 24.32
CA PHE D 231 29.34 16.07 25.16
C PHE D 231 30.03 15.26 26.25
N ASP D 232 29.87 15.69 27.50
CA ASP D 232 30.29 14.97 28.70
C ASP D 232 29.08 14.10 29.08
N VAL D 233 29.25 12.79 28.98
CA VAL D 233 28.17 11.85 29.31
C VAL D 233 27.57 12.09 30.72
N ASP D 234 28.33 12.74 31.68
CA ASP D 234 27.78 13.07 33.02
C ASP D 234 26.77 14.23 32.98
N GLY D 235 26.58 14.82 31.81
CA GLY D 235 25.55 15.83 31.61
C GLY D 235 24.19 15.18 31.77
N LEU D 236 24.09 13.90 31.41
CA LEU D 236 22.87 13.13 31.59
C LEU D 236 22.88 12.58 33.01
N ASP D 237 21.70 12.26 33.52
CA ASP D 237 21.51 11.71 34.86
C ASP D 237 22.27 10.39 35.04
N PRO D 238 22.76 10.08 36.27
CA PRO D 238 23.52 8.84 36.45
C PRO D 238 22.69 7.55 36.37
N SER D 239 21.36 7.67 36.26
CA SER D 239 20.51 6.51 36.01
C SER D 239 20.61 6.16 34.52
N PHE D 240 21.17 7.05 33.72
CA PHE D 240 21.35 6.77 32.28
C PHE D 240 22.81 6.51 31.98
N THR D 241 23.70 7.32 32.57
CA THR D 241 25.14 7.17 32.34
C THR D 241 25.93 6.97 33.66
N PRO D 242 25.74 5.85 34.39
CA PRO D 242 26.44 5.70 35.69
C PRO D 242 27.95 5.47 35.62
N ALA D 243 28.40 4.82 34.53
CA ALA D 243 29.82 4.55 34.32
C ALA D 243 30.56 5.82 33.85
N THR D 244 30.73 6.77 34.79
CA THR D 244 31.42 8.05 34.55
C THR D 244 32.11 8.45 35.87
N GLY D 245 33.20 9.19 35.76
CA GLY D 245 34.03 9.58 36.90
C GLY D 245 33.42 10.53 37.93
N THR D 246 32.64 11.55 37.48
CA THR D 246 32.03 12.57 38.36
C THR D 246 30.49 12.64 38.14
N PRO D 247 29.72 11.64 38.59
CA PRO D 247 28.28 11.69 38.36
C PRO D 247 27.60 12.64 39.32
N VAL D 248 26.51 13.32 38.91
CA VAL D 248 25.76 14.25 39.77
C VAL D 248 24.26 13.97 39.57
N VAL D 249 23.53 13.71 40.66
CA VAL D 249 22.09 13.41 40.51
C VAL D 249 21.28 14.58 39.92
N GLY D 250 20.09 14.27 39.42
CA GLY D 250 19.18 15.25 38.83
C GLY D 250 19.67 15.80 37.50
N GLY D 251 20.09 14.89 36.64
CA GLY D 251 20.65 15.26 35.35
C GLY D 251 19.63 15.24 34.24
N LEU D 252 20.08 15.59 33.02
CA LEU D 252 19.27 15.56 31.82
C LEU D 252 18.85 14.12 31.60
N THR D 253 17.64 13.94 31.12
CA THR D 253 17.12 12.59 30.86
C THR D 253 17.67 12.07 29.55
N TYR D 254 17.44 10.77 29.29
CA TYR D 254 17.85 10.11 28.05
C TYR D 254 17.15 10.84 26.90
N ARG D 255 15.81 11.06 27.03
CA ARG D 255 14.98 11.78 26.04
C ARG D 255 15.51 13.21 25.75
N GLU D 256 15.94 13.94 26.80
CA GLU D 256 16.48 15.27 26.69
C GLU D 256 17.85 15.24 25.94
N GLY D 257 18.67 14.24 26.23
CA GLY D 257 19.95 14.09 25.55
C GLY D 257 19.75 13.78 24.08
N LEU D 258 18.70 13.01 23.78
CA LEU D 258 18.34 12.71 22.41
C LEU D 258 17.77 13.95 21.75
N TYR D 259 16.98 14.76 22.48
CA TYR D 259 16.40 15.97 21.91
C TYR D 259 17.46 16.99 21.49
N ILE D 260 18.49 17.20 22.33
CA ILE D 260 19.60 18.13 22.08
C ILE D 260 20.30 17.76 20.77
N THR D 261 20.69 16.49 20.66
CA THR D 261 21.50 15.96 19.55
C THR D 261 20.68 15.90 18.28
N GLU D 262 19.40 15.54 18.39
CA GLU D 262 18.46 15.55 17.25
C GLU D 262 18.27 16.96 16.67
N GLU D 263 18.26 17.99 17.53
CA GLU D 263 18.09 19.37 17.05
C GLU D 263 19.37 19.94 16.42
N ILE D 264 20.54 19.59 16.97
CA ILE D 264 21.84 19.94 16.42
C ILE D 264 22.02 19.29 15.04
N TYR D 265 21.56 18.04 14.86
CA TYR D 265 21.69 17.40 13.54
C TYR D 265 20.93 18.19 12.46
N LYS D 266 19.67 18.56 12.77
CA LYS D 266 18.74 19.26 11.88
C LYS D 266 19.22 20.64 11.42
N THR D 267 20.22 21.21 12.10
CA THR D 267 20.75 22.52 11.71
C THR D 267 21.55 22.37 10.42
N GLY D 268 22.06 21.16 10.18
CA GLY D 268 22.96 20.81 9.09
C GLY D 268 24.36 21.35 9.33
N LEU D 269 24.60 21.88 10.53
CA LEU D 269 25.80 22.61 10.88
C LEU D 269 26.81 21.92 11.83
N LEU D 270 26.52 20.70 12.33
CA LEU D 270 27.47 20.02 13.21
C LEU D 270 28.79 19.83 12.45
N SER D 271 29.89 20.26 13.03
CA SER D 271 31.21 20.19 12.40
C SER D 271 32.24 19.39 13.21
N GLY D 272 32.00 19.26 14.52
CA GLY D 272 32.84 18.48 15.40
C GLY D 272 32.04 17.98 16.59
N LEU D 273 32.36 16.79 17.05
CA LEU D 273 31.71 16.17 18.19
C LEU D 273 32.76 15.52 19.09
N ASP D 274 32.50 15.55 20.41
CA ASP D 274 33.31 14.91 21.43
C ASP D 274 32.36 14.06 22.25
N ILE D 275 32.73 12.80 22.49
CA ILE D 275 31.94 11.93 23.33
C ILE D 275 32.84 11.63 24.49
N MET D 276 32.61 12.29 25.60
CA MET D 276 33.61 12.25 26.65
C MET D 276 33.19 11.63 27.97
N GLU D 277 34.20 11.20 28.74
CA GLU D 277 34.09 10.73 30.13
C GLU D 277 33.39 9.36 30.34
N VAL D 278 33.27 8.53 29.29
CA VAL D 278 32.75 7.18 29.45
C VAL D 278 33.87 6.37 30.10
N ASN D 279 33.63 5.82 31.29
CA ASN D 279 34.67 5.03 31.98
C ASN D 279 34.11 3.68 32.35
N PRO D 280 34.42 2.63 31.54
CA PRO D 280 33.81 1.31 31.78
C PRO D 280 34.32 0.56 33.00
N SER D 281 35.32 1.11 33.69
CA SER D 281 35.85 0.49 34.89
C SER D 281 34.99 0.95 36.07
N LEU D 282 34.01 1.89 35.82
CA LEU D 282 33.17 2.49 36.86
C LEU D 282 31.69 2.07 36.94
N GLY D 283 31.36 0.86 36.55
CA GLY D 283 29.99 0.41 36.81
C GLY D 283 29.86 -0.14 38.23
N LYS D 284 28.65 -0.52 38.65
CA LYS D 284 28.45 -1.23 39.92
C LYS D 284 28.32 -2.65 39.46
N THR D 285 27.62 -2.79 38.32
CA THR D 285 27.35 -4.04 37.64
C THR D 285 27.83 -3.88 36.20
N PRO D 286 28.17 -4.97 35.46
CA PRO D 286 28.47 -4.80 34.03
C PRO D 286 27.30 -4.15 33.28
N GLU D 287 26.04 -4.29 33.80
CA GLU D 287 24.83 -3.67 33.24
C GLU D 287 24.91 -2.14 33.22
N GLU D 288 25.46 -1.53 34.30
CA GLU D 288 25.70 -0.09 34.39
C GLU D 288 26.69 0.34 33.33
N VAL D 289 27.68 -0.52 33.04
CA VAL D 289 28.64 -0.25 31.97
C VAL D 289 27.92 -0.23 30.64
N THR D 290 27.25 -1.33 30.31
CA THR D 290 26.55 -1.47 29.04
C THR D 290 25.50 -0.38 28.82
N ARG D 291 24.76 0.02 29.87
CA ARG D 291 23.74 1.07 29.83
C ARG D 291 24.36 2.42 29.41
N THR D 292 25.53 2.71 30.00
CA THR D 292 26.26 3.94 29.73
C THR D 292 26.73 3.98 28.27
N VAL D 293 27.36 2.90 27.82
CA VAL D 293 27.91 2.78 26.46
C VAL D 293 26.79 2.86 25.44
N ASN D 294 25.67 2.13 25.70
CA ASN D 294 24.51 2.20 24.82
C ASN D 294 23.91 3.59 24.75
N THR D 295 23.83 4.31 25.88
CA THR D 295 23.34 5.69 25.89
C THR D 295 24.30 6.62 25.12
N ALA D 296 25.61 6.39 25.25
CA ALA D 296 26.58 7.21 24.56
C ALA D 296 26.46 6.98 23.05
N VAL D 297 26.22 5.72 22.65
CA VAL D 297 26.05 5.34 21.25
C VAL D 297 24.82 6.02 20.67
N ALA D 298 23.67 5.91 21.36
CA ALA D 298 22.38 6.51 20.98
C ALA D 298 22.49 8.01 20.71
N ILE D 299 23.13 8.75 21.64
CA ILE D 299 23.37 10.19 21.53
C ILE D 299 24.20 10.44 20.26
N THR D 300 25.26 9.65 20.04
CA THR D 300 26.17 9.88 18.90
C THR D 300 25.40 9.70 17.58
N LEU D 301 24.55 8.65 17.52
CA LEU D 301 23.78 8.30 16.33
C LEU D 301 22.82 9.41 15.98
N ALA D 302 22.20 9.99 17.02
CA ALA D 302 21.30 11.13 16.87
C ALA D 302 22.02 12.37 16.29
N CYS D 303 23.29 12.64 16.65
CA CYS D 303 24.09 13.72 16.06
C CYS D 303 24.25 13.53 14.53
N PHE D 304 24.17 12.30 14.07
CA PHE D 304 24.39 11.99 12.67
C PHE D 304 23.13 11.51 11.90
N GLY D 305 21.96 11.99 12.31
CA GLY D 305 20.76 11.71 11.55
C GLY D 305 19.68 10.81 12.11
N LEU D 306 20.03 9.87 13.00
CA LEU D 306 19.04 8.94 13.56
C LEU D 306 17.95 9.68 14.30
N ALA D 307 16.70 9.53 13.82
CA ALA D 307 15.58 10.25 14.39
C ALA D 307 14.53 9.35 14.99
N ARG D 308 14.02 9.76 16.16
CA ARG D 308 13.02 8.96 16.85
C ARG D 308 11.70 8.76 16.08
N GLU D 309 11.28 9.74 15.20
CA GLU D 309 10.07 9.59 14.39
C GLU D 309 10.23 8.52 13.26
N GLY D 310 11.48 8.21 12.94
CA GLY D 310 11.86 7.24 11.93
C GLY D 310 12.74 7.91 10.90
N ASN D 311 13.34 7.09 10.03
CA ASN D 311 14.20 7.50 8.90
C ASN D 311 13.90 6.58 7.74
N HIS D 312 13.93 7.09 6.49
CA HIS D 312 13.79 6.21 5.34
C HIS D 312 14.64 6.66 4.16
N LYS D 313 15.08 5.71 3.32
CA LYS D 313 15.88 5.96 2.11
C LYS D 313 14.99 6.63 1.05
N PRO D 314 15.53 7.41 0.08
CA PRO D 314 14.65 8.09 -0.89
C PRO D 314 14.15 7.19 -2.02
N ILE D 315 13.43 6.12 -1.64
CA ILE D 315 12.85 5.16 -2.57
C ILE D 315 11.39 4.94 -2.17
N ASP D 316 10.59 4.29 -3.05
CA ASP D 316 9.20 3.95 -2.74
C ASP D 316 9.20 2.58 -2.04
N TYR D 317 8.86 2.56 -0.74
CA TYR D 317 8.81 1.31 0.04
C TYR D 317 7.61 0.41 -0.31
N LEU D 318 6.57 0.98 -0.94
CA LEU D 318 5.41 0.17 -1.39
C LEU D 318 5.60 -0.43 -2.81
N ASN D 319 6.70 -0.03 -3.50
CA ASN D 319 7.12 -0.48 -4.84
C ASN D 319 8.66 -0.44 -5.00
N SER E 2 -12.88 13.25 -60.74
CA SER E 2 -12.89 12.62 -59.42
C SER E 2 -11.46 12.50 -58.89
N ALA E 3 -11.32 12.28 -57.56
CA ALA E 3 -10.02 12.10 -56.93
C ALA E 3 -9.25 10.96 -57.59
N LYS E 4 -7.93 11.12 -57.76
CA LYS E 4 -7.03 10.12 -58.38
C LYS E 4 -7.13 8.80 -57.63
N SER E 5 -7.20 8.88 -56.28
CA SER E 5 -7.44 7.80 -55.33
C SER E 5 -8.68 6.98 -55.70
N ARG E 6 -9.64 7.62 -56.40
CA ARG E 6 -10.89 6.93 -56.74
C ARG E 6 -11.10 6.85 -58.28
N THR E 7 -10.02 6.99 -59.07
CA THR E 7 -10.07 6.93 -60.54
C THR E 7 -9.47 5.60 -60.94
N ILE E 8 -10.30 4.77 -61.56
CA ILE E 8 -10.13 3.34 -61.77
C ILE E 8 -10.28 2.88 -63.20
N GLY E 9 -9.46 1.90 -63.56
CA GLY E 9 -9.49 1.18 -64.82
C GLY E 9 -9.59 -0.32 -64.56
N ILE E 10 -10.79 -0.88 -64.76
CA ILE E 10 -11.09 -2.29 -64.54
C ILE E 10 -10.59 -3.16 -65.68
N ILE E 11 -9.79 -4.18 -65.34
CA ILE E 11 -9.33 -5.16 -66.31
C ILE E 11 -9.76 -6.55 -65.81
N GLY E 12 -10.62 -7.22 -66.56
CA GLY E 12 -11.00 -8.59 -66.25
C GLY E 12 -9.99 -9.58 -66.81
N ALA E 13 -9.54 -10.54 -65.99
CA ALA E 13 -8.56 -11.56 -66.43
C ALA E 13 -9.08 -12.99 -66.23
N PRO E 14 -9.98 -13.50 -67.11
CA PRO E 14 -10.50 -14.86 -66.94
C PRO E 14 -9.48 -15.95 -67.29
N PHE E 15 -8.53 -16.19 -66.37
CA PHE E 15 -7.42 -17.11 -66.57
C PHE E 15 -7.22 -18.14 -65.45
N SER E 16 -7.09 -19.43 -65.81
CA SER E 16 -7.02 -20.54 -64.86
C SER E 16 -5.83 -21.50 -64.98
N LYS E 17 -5.07 -21.45 -66.08
CA LYS E 17 -3.99 -22.40 -66.36
C LYS E 17 -2.72 -22.25 -65.50
N GLY E 18 -2.78 -21.42 -64.47
CA GLY E 18 -1.67 -21.25 -63.53
C GLY E 18 -1.80 -22.18 -62.35
N GLN E 19 -2.91 -22.95 -62.31
CA GLN E 19 -3.21 -23.91 -61.25
C GLN E 19 -4.18 -25.02 -61.73
N PRO E 20 -4.28 -26.17 -61.04
CA PRO E 20 -5.06 -27.28 -61.61
C PRO E 20 -6.59 -27.25 -61.46
N ARG E 21 -7.15 -26.36 -60.63
CA ARG E 21 -8.59 -26.33 -60.41
C ARG E 21 -9.36 -25.39 -61.34
N GLY E 22 -10.24 -25.96 -62.16
CA GLY E 22 -11.07 -25.17 -63.07
C GLY E 22 -12.12 -24.36 -62.32
N GLY E 23 -12.44 -23.18 -62.84
CA GLY E 23 -13.43 -22.29 -62.27
C GLY E 23 -12.98 -20.88 -61.91
N VAL E 24 -11.65 -20.69 -61.68
CA VAL E 24 -11.07 -19.39 -61.28
C VAL E 24 -11.17 -18.37 -62.43
N GLU E 25 -11.26 -18.87 -63.68
CA GLU E 25 -11.48 -18.08 -64.88
C GLU E 25 -12.88 -17.45 -64.85
N GLU E 26 -13.77 -17.91 -63.95
CA GLU E 26 -15.12 -17.31 -63.78
C GLU E 26 -15.14 -16.24 -62.67
N GLY E 27 -13.96 -15.84 -62.18
CA GLY E 27 -13.84 -14.83 -61.13
C GLY E 27 -14.31 -13.45 -61.51
N PRO E 28 -13.85 -12.88 -62.65
CA PRO E 28 -14.32 -11.54 -63.03
C PRO E 28 -15.79 -11.51 -63.41
N THR E 29 -16.37 -12.69 -63.80
CA THR E 29 -17.79 -12.80 -64.13
C THR E 29 -18.66 -12.61 -62.87
N VAL E 30 -18.37 -13.35 -61.79
CA VAL E 30 -19.18 -13.33 -60.57
C VAL E 30 -19.02 -12.01 -59.82
N LEU E 31 -17.81 -11.42 -59.88
CA LEU E 31 -17.50 -10.13 -59.24
C LEU E 31 -18.33 -9.02 -59.91
N ARG E 32 -18.33 -8.97 -61.26
CA ARG E 32 -19.12 -8.00 -62.05
C ARG E 32 -20.61 -8.21 -61.75
N LYS E 33 -21.07 -9.48 -61.78
CA LYS E 33 -22.45 -9.90 -61.49
C LYS E 33 -22.89 -9.46 -60.08
N ALA E 34 -21.94 -9.44 -59.13
CA ALA E 34 -22.24 -9.03 -57.76
C ALA E 34 -22.43 -7.49 -57.65
N GLY E 35 -22.22 -6.77 -58.76
CA GLY E 35 -22.44 -5.32 -58.82
C GLY E 35 -21.25 -4.44 -58.47
N LEU E 36 -20.03 -4.97 -58.62
CA LEU E 36 -18.80 -4.28 -58.26
C LEU E 36 -18.66 -2.87 -58.87
N LEU E 37 -18.72 -2.77 -60.20
CA LEU E 37 -18.56 -1.50 -60.92
C LEU E 37 -19.61 -0.44 -60.51
N GLU E 38 -20.84 -0.87 -60.22
CA GLU E 38 -21.93 0.02 -59.81
C GLU E 38 -21.77 0.49 -58.37
N LYS E 39 -21.29 -0.41 -57.48
CA LYS E 39 -21.01 -0.05 -56.09
C LYS E 39 -19.91 1.04 -56.02
N LEU E 40 -18.82 0.88 -56.80
CA LEU E 40 -17.76 1.90 -56.88
C LEU E 40 -18.32 3.27 -57.36
N LYS E 41 -19.23 3.26 -58.34
CA LYS E 41 -19.85 4.52 -58.80
C LYS E 41 -20.69 5.19 -57.68
N GLU E 42 -21.33 4.39 -56.80
CA GLU E 42 -22.11 4.92 -55.66
C GLU E 42 -21.18 5.60 -54.64
N GLN E 43 -19.91 5.15 -54.65
CA GLN E 43 -18.82 5.61 -53.78
C GLN E 43 -18.11 6.84 -54.35
N GLU E 44 -18.69 7.52 -55.38
CA GLU E 44 -18.05 8.68 -56.03
C GLU E 44 -16.82 8.28 -56.89
N CYS E 45 -16.71 7.01 -57.34
CA CYS E 45 -15.58 6.60 -58.20
C CYS E 45 -15.83 6.89 -59.69
N ASP E 46 -14.74 7.21 -60.41
CA ASP E 46 -14.64 7.48 -61.85
C ASP E 46 -14.18 6.14 -62.42
N VAL E 47 -15.14 5.28 -62.83
CA VAL E 47 -14.83 3.92 -63.26
C VAL E 47 -14.97 3.70 -64.76
N LYS E 48 -13.86 3.29 -65.40
CA LYS E 48 -13.82 2.93 -66.81
C LYS E 48 -13.54 1.45 -66.91
N ASP E 49 -14.44 0.69 -67.53
CA ASP E 49 -14.20 -0.73 -67.75
C ASP E 49 -13.37 -0.86 -69.02
N TYR E 50 -12.41 -1.78 -69.00
CA TYR E 50 -11.56 -2.03 -70.17
C TYR E 50 -11.90 -3.37 -70.78
N GLY E 51 -12.88 -4.05 -70.19
CA GLY E 51 -13.35 -5.36 -70.63
C GLY E 51 -12.52 -6.53 -70.14
N ASP E 52 -12.96 -7.76 -70.48
CA ASP E 52 -12.26 -9.01 -70.14
C ASP E 52 -11.27 -9.33 -71.26
N LEU E 53 -10.00 -9.64 -70.89
CA LEU E 53 -8.96 -9.96 -71.86
C LEU E 53 -9.27 -11.30 -72.56
N PRO E 54 -9.27 -11.36 -73.90
CA PRO E 54 -9.61 -12.62 -74.58
C PRO E 54 -8.43 -13.59 -74.62
N PHE E 55 -8.42 -14.59 -73.73
CA PHE E 55 -7.29 -15.52 -73.67
C PHE E 55 -7.39 -16.68 -74.64
N ALA E 56 -6.41 -16.75 -75.56
CA ALA E 56 -6.32 -17.78 -76.60
C ALA E 56 -5.78 -19.09 -76.06
N ASP E 57 -6.23 -20.20 -76.66
CA ASP E 57 -5.81 -21.55 -76.29
C ASP E 57 -4.47 -21.89 -76.94
N ILE E 58 -3.62 -22.65 -76.22
CA ILE E 58 -2.35 -23.16 -76.74
C ILE E 58 -2.39 -24.71 -76.66
N PRO E 59 -2.77 -25.38 -77.76
CA PRO E 59 -2.97 -26.84 -77.73
C PRO E 59 -1.75 -27.70 -77.39
N ASN E 60 -0.57 -27.40 -77.93
CA ASN E 60 0.65 -28.18 -77.70
C ASN E 60 1.54 -27.51 -76.64
N ASP E 61 0.93 -27.06 -75.52
CA ASP E 61 1.67 -26.40 -74.44
C ASP E 61 2.36 -27.41 -73.51
N SER E 62 3.44 -28.01 -74.02
CA SER E 62 4.24 -29.02 -73.34
C SER E 62 4.88 -28.48 -72.04
N PRO E 63 5.05 -29.31 -71.00
CA PRO E 63 5.63 -28.78 -69.75
C PRO E 63 7.13 -28.55 -69.80
N PHE E 64 7.61 -27.55 -69.05
CA PHE E 64 9.04 -27.28 -68.88
C PHE E 64 9.39 -27.96 -67.56
N GLN E 65 9.95 -29.18 -67.63
CA GLN E 65 10.18 -30.04 -66.47
C GLN E 65 8.82 -30.42 -65.86
N ILE E 66 8.54 -29.97 -64.60
CA ILE E 66 7.27 -30.19 -63.89
C ILE E 66 6.28 -29.02 -64.11
N VAL E 67 6.82 -27.82 -64.44
CA VAL E 67 6.09 -26.57 -64.70
C VAL E 67 4.96 -26.76 -65.76
N LYS E 68 3.72 -26.55 -65.30
CA LYS E 68 2.50 -26.80 -66.08
C LYS E 68 2.04 -25.59 -66.87
N ASN E 69 1.49 -25.85 -68.08
CA ASN E 69 1.00 -24.87 -69.06
C ASN E 69 1.93 -23.63 -69.19
N PRO E 70 3.25 -23.79 -69.49
CA PRO E 70 4.15 -22.63 -69.42
C PRO E 70 3.85 -21.51 -70.39
N ARG E 71 3.54 -21.86 -71.66
CA ARG E 71 3.23 -20.87 -72.70
C ARG E 71 1.91 -20.15 -72.43
N SER E 72 0.87 -20.90 -72.03
CA SER E 72 -0.43 -20.32 -71.71
C SER E 72 -0.25 -19.23 -70.64
N VAL E 73 0.37 -19.57 -69.51
CA VAL E 73 0.58 -18.62 -68.39
C VAL E 73 1.40 -17.38 -68.80
N GLY E 74 2.52 -17.58 -69.49
CA GLY E 74 3.39 -16.50 -69.95
C GLY E 74 2.73 -15.48 -70.86
N LYS E 75 1.94 -15.96 -71.84
CA LYS E 75 1.22 -15.11 -72.80
C LYS E 75 0.03 -14.41 -72.14
N ALA E 76 -0.63 -15.11 -71.19
CA ALA E 76 -1.71 -14.57 -70.39
C ALA E 76 -1.24 -13.26 -69.73
N SER E 77 -0.14 -13.35 -68.96
CA SER E 77 0.47 -12.24 -68.27
C SER E 77 1.05 -11.20 -69.24
N GLU E 78 1.49 -11.63 -70.44
CA GLU E 78 2.03 -10.71 -71.42
C GLU E 78 0.96 -9.76 -71.92
N GLN E 79 -0.22 -10.33 -72.23
CA GLN E 79 -1.42 -9.62 -72.67
C GLN E 79 -1.97 -8.76 -71.53
N LEU E 80 -1.66 -9.10 -70.28
CA LEU E 80 -2.14 -8.32 -69.16
C LEU E 80 -1.18 -7.16 -68.84
N ALA E 81 0.17 -7.36 -68.92
CA ALA E 81 1.12 -6.25 -68.68
C ALA E 81 0.88 -5.08 -69.63
N GLY E 82 0.59 -5.40 -70.89
CA GLY E 82 0.25 -4.43 -71.93
C GLY E 82 -1.04 -3.69 -71.62
N LYS E 83 -2.09 -4.43 -71.22
CA LYS E 83 -3.36 -3.81 -70.84
C LYS E 83 -3.24 -2.98 -69.55
N VAL E 84 -2.39 -3.40 -68.58
CA VAL E 84 -2.21 -2.66 -67.32
C VAL E 84 -1.44 -1.36 -67.52
N ALA E 85 -0.39 -1.41 -68.35
CA ALA E 85 0.47 -0.25 -68.70
C ALA E 85 -0.37 0.81 -69.42
N GLU E 86 -1.34 0.35 -70.24
CA GLU E 86 -2.30 1.20 -70.94
C GLU E 86 -3.20 1.96 -69.95
N VAL E 87 -3.76 1.24 -68.94
CA VAL E 87 -4.62 1.84 -67.91
C VAL E 87 -3.82 2.91 -67.12
N LYS E 88 -2.58 2.59 -66.73
CA LYS E 88 -1.72 3.51 -65.98
C LYS E 88 -1.35 4.78 -66.75
N LYS E 89 -1.20 4.70 -68.08
CA LYS E 89 -0.88 5.86 -68.93
C LYS E 89 -2.05 6.86 -69.01
N ASN E 90 -3.30 6.33 -68.90
CA ASN E 90 -4.53 7.11 -68.87
C ASN E 90 -4.76 7.79 -67.50
N GLY E 91 -3.87 7.52 -66.55
CA GLY E 91 -3.94 8.13 -65.22
C GLY E 91 -4.98 7.53 -64.30
N ARG E 92 -5.22 6.21 -64.45
CA ARG E 92 -6.20 5.45 -63.64
C ARG E 92 -5.51 4.37 -62.76
N ILE E 93 -6.23 3.88 -61.75
CA ILE E 93 -5.76 2.79 -60.88
C ILE E 93 -6.20 1.51 -61.56
N SER E 94 -5.24 0.69 -61.95
CA SER E 94 -5.58 -0.58 -62.55
C SER E 94 -6.20 -1.48 -61.48
N LEU E 95 -7.29 -2.16 -61.84
CA LEU E 95 -8.00 -3.09 -60.95
C LEU E 95 -8.21 -4.40 -61.69
N VAL E 96 -7.32 -5.38 -61.40
CA VAL E 96 -7.23 -6.69 -62.07
C VAL E 96 -8.05 -7.74 -61.34
N LEU E 97 -9.17 -8.14 -61.96
CA LEU E 97 -10.04 -9.17 -61.42
C LEU E 97 -9.58 -10.53 -61.97
N GLY E 98 -9.11 -11.39 -61.09
CA GLY E 98 -8.66 -12.75 -61.45
C GLY E 98 -9.73 -13.83 -61.36
N GLY E 99 -9.41 -15.05 -61.79
CA GLY E 99 -8.11 -15.41 -62.34
C GLY E 99 -7.14 -15.85 -61.27
N ASP E 100 -6.17 -16.68 -61.63
CA ASP E 100 -5.18 -17.19 -60.68
C ASP E 100 -4.00 -16.22 -60.48
N HIS E 101 -3.25 -16.36 -59.36
CA HIS E 101 -2.19 -15.41 -58.99
C HIS E 101 -0.98 -15.34 -59.93
N SER E 102 -0.88 -16.26 -60.93
CA SER E 102 0.19 -16.22 -61.95
C SER E 102 0.16 -14.87 -62.67
N LEU E 103 -1.04 -14.35 -62.85
CA LEU E 103 -1.32 -13.05 -63.48
C LEU E 103 -0.63 -11.87 -62.81
N ALA E 104 -0.13 -12.06 -61.56
CA ALA E 104 0.62 -11.01 -60.88
C ALA E 104 1.87 -10.61 -61.68
N ILE E 105 2.55 -11.60 -62.32
CA ILE E 105 3.70 -11.35 -63.20
C ILE E 105 3.35 -10.20 -64.16
N GLY E 106 2.24 -10.34 -64.88
CA GLY E 106 1.76 -9.34 -65.83
C GLY E 106 1.28 -8.04 -65.23
N SER E 107 0.38 -8.11 -64.25
CA SER E 107 -0.15 -6.94 -63.58
C SER E 107 0.94 -6.06 -63.00
N ILE E 108 1.91 -6.67 -62.29
CA ILE E 108 3.03 -5.93 -61.70
C ILE E 108 4.02 -5.51 -62.80
N SER E 109 4.24 -6.39 -63.80
CA SER E 109 5.16 -6.09 -64.91
C SER E 109 4.71 -4.80 -65.63
N GLY E 110 3.42 -4.75 -65.97
CA GLY E 110 2.82 -3.63 -66.70
C GLY E 110 2.72 -2.34 -65.93
N HIS E 111 2.43 -2.44 -64.62
CA HIS E 111 2.39 -1.29 -63.74
C HIS E 111 3.79 -0.72 -63.60
N ALA E 112 4.81 -1.60 -63.55
CA ALA E 112 6.23 -1.25 -63.42
C ALA E 112 6.78 -0.54 -64.67
N ARG E 113 6.17 -0.80 -65.83
CA ARG E 113 6.54 -0.13 -67.07
C ARG E 113 6.20 1.38 -67.01
N VAL E 114 5.21 1.76 -66.21
CA VAL E 114 4.80 3.17 -66.08
C VAL E 114 5.36 3.79 -64.79
N HIS E 115 5.34 3.04 -63.67
CA HIS E 115 5.84 3.54 -62.41
C HIS E 115 6.89 2.57 -61.86
N PRO E 116 8.14 2.61 -62.38
CA PRO E 116 9.16 1.66 -61.89
C PRO E 116 9.51 1.76 -60.41
N ASP E 117 9.13 2.87 -59.74
CA ASP E 117 9.41 3.07 -58.32
C ASP E 117 8.36 2.45 -57.38
N LEU E 118 7.43 1.64 -57.93
CA LEU E 118 6.34 1.10 -57.10
C LEU E 118 6.81 0.14 -56.02
N GLY E 119 6.01 0.08 -54.95
CA GLY E 119 6.14 -0.87 -53.86
C GLY E 119 4.99 -1.86 -53.94
N VAL E 120 5.20 -3.08 -53.43
CA VAL E 120 4.16 -4.11 -53.52
C VAL E 120 3.74 -4.59 -52.12
N ILE E 121 2.43 -4.64 -51.86
CA ILE E 121 1.92 -5.28 -50.63
C ILE E 121 1.21 -6.53 -51.15
N TRP E 122 1.69 -7.70 -50.73
CA TRP E 122 1.24 -9.04 -51.17
C TRP E 122 0.49 -9.74 -50.04
N VAL E 123 -0.84 -9.73 -50.13
CA VAL E 123 -1.72 -10.30 -49.10
C VAL E 123 -2.12 -11.68 -49.56
N ASP E 124 -1.61 -12.69 -48.84
CA ASP E 124 -1.72 -14.09 -49.23
C ASP E 124 -1.34 -14.97 -48.02
N ALA E 125 -1.84 -16.22 -47.97
CA ALA E 125 -1.44 -17.23 -47.00
C ALA E 125 -0.09 -17.83 -47.44
N HIS E 126 0.29 -17.55 -48.70
CA HIS E 126 1.44 -18.11 -49.43
C HIS E 126 2.37 -17.03 -50.01
N THR E 127 3.68 -17.33 -50.12
CA THR E 127 4.66 -16.39 -50.66
C THR E 127 4.69 -16.36 -52.21
N ASP E 128 4.27 -17.45 -52.88
CA ASP E 128 4.26 -17.52 -54.36
C ASP E 128 5.65 -17.16 -54.91
N ILE E 129 6.70 -17.69 -54.28
CA ILE E 129 8.09 -17.37 -54.61
C ILE E 129 8.90 -18.60 -55.03
N ASN E 130 8.20 -19.71 -55.35
CA ASN E 130 8.84 -20.89 -55.91
C ASN E 130 9.39 -20.50 -57.30
N THR E 131 10.61 -20.91 -57.65
CA THR E 131 11.18 -20.66 -58.97
C THR E 131 10.77 -21.87 -59.82
N PRO E 132 10.84 -21.84 -61.17
CA PRO E 132 10.53 -23.07 -61.93
C PRO E 132 11.37 -24.28 -61.52
N LEU E 133 12.47 -24.05 -60.78
CA LEU E 133 13.39 -25.07 -60.28
C LEU E 133 13.08 -25.59 -58.86
N THR E 134 12.69 -24.68 -57.93
CA THR E 134 12.35 -25.06 -56.55
C THR E 134 10.97 -25.70 -56.44
N THR E 135 10.00 -25.27 -57.26
CA THR E 135 8.62 -25.78 -57.21
C THR E 135 8.55 -27.32 -57.15
N THR E 136 7.59 -27.84 -56.38
CA THR E 136 7.35 -29.28 -56.36
C THR E 136 5.97 -29.56 -56.90
N SER E 137 5.13 -28.52 -57.03
CA SER E 137 3.79 -28.73 -57.56
C SER E 137 3.77 -28.58 -59.09
N GLY E 138 4.60 -27.68 -59.61
CA GLY E 138 4.63 -27.37 -61.03
C GLY E 138 3.60 -26.35 -61.46
N ASN E 139 2.83 -25.80 -60.50
CA ASN E 139 1.81 -24.79 -60.81
C ASN E 139 2.42 -23.38 -60.71
N LEU E 140 2.29 -22.56 -61.75
CA LEU E 140 2.85 -21.20 -61.80
C LEU E 140 2.14 -20.16 -60.92
N HIS E 141 0.99 -20.51 -60.35
CA HIS E 141 0.33 -19.54 -59.47
C HIS E 141 1.11 -19.37 -58.15
N GLY E 142 2.01 -20.32 -57.87
CA GLY E 142 2.89 -20.28 -56.70
C GLY E 142 4.30 -19.88 -57.06
N GLN E 143 4.46 -19.13 -58.17
CA GLN E 143 5.75 -18.74 -58.71
C GLN E 143 5.90 -17.27 -59.14
N PRO E 144 4.85 -16.39 -59.12
CA PRO E 144 5.02 -15.03 -59.66
C PRO E 144 6.15 -14.18 -59.14
N VAL E 145 6.35 -14.13 -57.84
CA VAL E 145 7.35 -13.25 -57.23
C VAL E 145 8.78 -13.59 -57.70
N SER E 146 9.09 -14.89 -57.89
CA SER E 146 10.44 -15.31 -58.29
C SER E 146 10.84 -14.69 -59.65
N PHE E 147 9.85 -14.54 -60.56
CA PHE E 147 10.02 -13.94 -61.88
C PHE E 147 10.19 -12.41 -61.82
N LEU E 148 9.64 -11.76 -60.77
CA LEU E 148 9.64 -10.29 -60.57
C LEU E 148 10.89 -9.70 -59.87
N LEU E 149 11.53 -10.48 -59.02
CA LEU E 149 12.67 -10.02 -58.22
C LEU E 149 13.97 -9.96 -59.01
N LYS E 150 14.68 -8.82 -58.90
CA LYS E 150 15.97 -8.60 -59.55
C LYS E 150 17.04 -9.49 -58.95
N GLU E 151 16.94 -9.78 -57.65
CA GLU E 151 17.92 -10.58 -56.92
C GLU E 151 17.88 -12.06 -57.32
N LEU E 152 16.83 -12.49 -58.01
CA LEU E 152 16.74 -13.87 -58.46
C LEU E 152 17.11 -14.02 -59.94
N LYS E 153 17.69 -12.94 -60.53
CA LYS E 153 18.23 -12.91 -61.90
C LYS E 153 19.48 -13.83 -61.92
N GLY E 154 19.32 -15.00 -62.54
CA GLY E 154 20.38 -16.01 -62.60
C GLY E 154 19.90 -17.37 -62.13
N LYS E 155 18.90 -17.36 -61.25
CA LYS E 155 18.28 -18.54 -60.66
C LYS E 155 17.02 -18.98 -61.42
N ILE E 156 16.44 -18.10 -62.26
CA ILE E 156 15.25 -18.40 -63.04
C ILE E 156 15.64 -18.96 -64.41
N PRO E 157 15.29 -20.22 -64.74
CA PRO E 157 15.63 -20.73 -66.07
C PRO E 157 14.78 -20.09 -67.17
N ASP E 158 14.98 -20.49 -68.42
CA ASP E 158 14.26 -19.90 -69.55
C ASP E 158 13.05 -20.75 -69.92
N VAL E 159 11.96 -20.58 -69.17
CA VAL E 159 10.71 -21.30 -69.38
C VAL E 159 10.01 -20.80 -70.68
N PRO E 160 9.50 -21.68 -71.57
CA PRO E 160 8.79 -21.17 -72.76
C PRO E 160 7.61 -20.26 -72.38
N GLY E 161 7.53 -19.09 -73.01
CA GLY E 161 6.48 -18.11 -72.80
C GLY E 161 6.79 -16.93 -71.87
N PHE E 162 7.94 -16.92 -71.22
CA PHE E 162 8.33 -15.84 -70.28
C PHE E 162 9.50 -14.98 -70.73
N SER E 163 9.90 -15.03 -72.01
CA SER E 163 11.04 -14.24 -72.51
C SER E 163 10.95 -12.72 -72.21
N TRP E 164 9.76 -12.12 -72.42
CA TRP E 164 9.44 -10.70 -72.22
C TRP E 164 9.73 -10.22 -70.79
N VAL E 165 9.55 -11.11 -69.79
CA VAL E 165 9.76 -10.80 -68.36
C VAL E 165 11.15 -10.25 -68.12
N THR E 166 11.20 -9.10 -67.48
CA THR E 166 12.39 -8.42 -66.98
C THR E 166 12.06 -8.12 -65.51
N PRO E 167 12.81 -8.70 -64.54
CA PRO E 167 12.52 -8.43 -63.12
C PRO E 167 12.49 -6.93 -62.83
N CYS E 168 11.40 -6.45 -62.20
CA CYS E 168 11.16 -5.01 -62.01
C CYS E 168 11.20 -4.51 -60.53
N ILE E 169 11.15 -5.42 -59.53
CA ILE E 169 11.19 -5.07 -58.09
C ILE E 169 12.36 -5.72 -57.38
N SER E 170 12.93 -5.02 -56.40
CA SER E 170 13.94 -5.63 -55.56
C SER E 170 13.25 -6.26 -54.35
N ALA E 171 14.00 -7.06 -53.59
CA ALA E 171 13.50 -7.68 -52.37
C ALA E 171 13.09 -6.62 -51.32
N LYS E 172 13.66 -5.40 -51.40
CA LYS E 172 13.34 -4.28 -50.49
C LYS E 172 11.99 -3.62 -50.82
N ASP E 173 11.40 -3.95 -51.98
CA ASP E 173 10.19 -3.30 -52.47
C ASP E 173 8.93 -4.17 -52.43
N ILE E 174 8.92 -5.21 -51.60
CA ILE E 174 7.77 -6.12 -51.47
C ILE E 174 7.54 -6.48 -50.01
N VAL E 175 6.28 -6.37 -49.55
CA VAL E 175 5.89 -6.70 -48.17
C VAL E 175 4.77 -7.73 -48.21
N TYR E 176 4.99 -8.87 -47.54
CA TYR E 176 4.02 -9.95 -47.39
C TYR E 176 3.19 -9.80 -46.11
N ILE E 177 1.89 -10.01 -46.21
CA ILE E 177 1.01 -9.97 -45.03
C ILE E 177 0.09 -11.21 -45.07
N GLY E 178 0.09 -11.99 -43.99
CA GLY E 178 -0.81 -13.12 -43.83
C GLY E 178 -0.26 -14.51 -44.03
N LEU E 179 1.06 -14.63 -44.26
CA LEU E 179 1.72 -15.91 -44.52
C LEU E 179 1.46 -16.98 -43.46
N ARG E 180 1.11 -18.19 -43.90
CA ARG E 180 0.87 -19.31 -43.00
C ARG E 180 1.02 -20.70 -43.70
N ASP E 181 1.52 -20.75 -44.97
CA ASP E 181 1.71 -22.02 -45.72
C ASP E 181 2.84 -21.85 -46.75
N VAL E 182 4.06 -21.73 -46.24
CA VAL E 182 5.29 -21.41 -46.98
C VAL E 182 6.10 -22.70 -47.08
N ASP E 183 6.43 -23.10 -48.33
CA ASP E 183 7.23 -24.28 -48.68
C ASP E 183 8.68 -24.11 -48.18
N PRO E 184 9.43 -25.21 -47.91
CA PRO E 184 10.84 -25.05 -47.48
C PRO E 184 11.71 -24.25 -48.45
N GLY E 185 11.60 -24.52 -49.76
CA GLY E 185 12.30 -23.75 -50.78
C GLY E 185 11.97 -22.27 -50.70
N GLU E 186 10.66 -21.96 -50.56
CA GLU E 186 10.19 -20.57 -50.43
C GLU E 186 10.70 -19.88 -49.17
N HIS E 187 10.65 -20.58 -48.00
CA HIS E 187 11.12 -20.02 -46.75
C HIS E 187 12.62 -19.68 -46.83
N TYR E 188 13.45 -20.56 -47.45
CA TYR E 188 14.86 -20.27 -47.69
C TYR E 188 15.00 -18.98 -48.53
N ILE E 189 14.25 -18.87 -49.65
CA ILE E 189 14.25 -17.71 -50.54
C ILE E 189 13.85 -16.45 -49.77
N LEU E 190 12.76 -16.54 -48.98
CA LEU E 190 12.29 -15.45 -48.13
C LEU E 190 13.36 -14.95 -47.16
N LYS E 191 14.06 -15.89 -46.46
CA LYS E 191 15.07 -15.51 -45.47
C LYS E 191 16.44 -15.14 -46.04
N THR E 192 16.86 -15.75 -47.16
CA THR E 192 18.13 -15.37 -47.81
C THR E 192 18.01 -13.95 -48.37
N LEU E 193 16.88 -13.63 -49.03
CA LEU E 193 16.71 -12.31 -49.67
C LEU E 193 16.38 -11.18 -48.70
N GLY E 194 16.08 -11.52 -47.45
CA GLY E 194 15.76 -10.54 -46.40
C GLY E 194 14.48 -9.75 -46.64
N ILE E 195 13.50 -10.36 -47.32
CA ILE E 195 12.20 -9.74 -47.62
C ILE E 195 11.43 -9.43 -46.33
N LYS E 196 10.80 -8.23 -46.23
CA LYS E 196 9.99 -7.86 -45.05
C LYS E 196 8.67 -8.65 -45.14
N TYR E 197 8.28 -9.28 -44.05
CA TYR E 197 7.02 -10.04 -44.08
C TYR E 197 6.36 -9.98 -42.75
N PHE E 198 5.04 -10.14 -42.75
CA PHE E 198 4.23 -10.22 -41.55
C PHE E 198 3.38 -11.50 -41.69
N SER E 199 3.90 -12.65 -41.24
CA SER E 199 3.10 -13.88 -41.24
C SER E 199 1.97 -13.75 -40.21
N MET E 200 1.08 -14.75 -40.16
CA MET E 200 0.06 -14.79 -39.12
C MET E 200 0.70 -14.62 -37.70
N THR E 201 1.92 -15.15 -37.50
CA THR E 201 2.64 -15.01 -36.24
C THR E 201 2.84 -13.53 -35.88
N GLU E 202 3.38 -12.71 -36.83
CA GLU E 202 3.62 -11.27 -36.64
C GLU E 202 2.28 -10.54 -36.47
N VAL E 203 1.23 -10.96 -37.22
CA VAL E 203 -0.12 -10.35 -37.11
C VAL E 203 -0.67 -10.60 -35.68
N ASP E 204 -0.58 -11.84 -35.18
CA ASP E 204 -0.98 -12.16 -33.82
C ASP E 204 -0.18 -11.37 -32.81
N ARG E 205 1.14 -11.31 -33.00
CA ARG E 205 2.06 -10.63 -32.08
C ARG E 205 1.76 -9.13 -31.94
N LEU E 206 1.67 -8.42 -33.08
CA LEU E 206 1.53 -6.97 -33.15
C LEU E 206 0.11 -6.40 -33.22
N GLY E 207 -0.81 -7.11 -33.86
CA GLY E 207 -2.13 -6.59 -34.16
C GLY E 207 -2.07 -5.98 -35.56
N ILE E 208 -3.21 -5.97 -36.30
CA ILE E 208 -3.25 -5.44 -37.68
C ILE E 208 -2.94 -3.92 -37.71
N GLY E 209 -3.24 -3.21 -36.61
CA GLY E 209 -2.92 -1.79 -36.50
C GLY E 209 -1.43 -1.55 -36.68
N LYS E 210 -0.61 -2.28 -35.90
CA LYS E 210 0.85 -2.19 -35.98
C LYS E 210 1.41 -2.83 -37.24
N VAL E 211 0.75 -3.87 -37.78
CA VAL E 211 1.20 -4.42 -39.07
C VAL E 211 1.13 -3.32 -40.16
N MET E 212 -0.02 -2.63 -40.27
CA MET E 212 -0.17 -1.60 -41.30
C MET E 212 0.75 -0.41 -41.04
N GLU E 213 0.92 0.00 -39.76
CA GLU E 213 1.84 1.11 -39.50
C GLU E 213 3.28 0.76 -39.96
N GLU E 214 3.73 -0.46 -39.68
CA GLU E 214 5.09 -0.86 -40.03
C GLU E 214 5.28 -1.13 -41.51
N THR E 215 4.25 -1.68 -42.17
CA THR E 215 4.29 -1.97 -43.61
C THR E 215 4.41 -0.68 -44.39
N LEU E 216 3.51 0.26 -44.08
CA LEU E 216 3.45 1.57 -44.76
C LEU E 216 4.66 2.40 -44.47
N SER E 217 5.14 2.43 -43.22
CA SER E 217 6.37 3.15 -42.90
C SER E 217 7.55 2.55 -43.69
N TYR E 218 7.69 1.21 -43.71
CA TYR E 218 8.76 0.53 -44.45
C TYR E 218 8.80 0.94 -45.94
N LEU E 219 7.65 0.85 -46.63
CA LEU E 219 7.55 1.14 -48.06
C LEU E 219 7.46 2.62 -48.43
N LEU E 220 6.90 3.46 -47.55
CA LEU E 220 6.68 4.86 -47.91
C LEU E 220 7.58 5.86 -47.19
N GLY E 221 7.88 5.58 -45.92
CA GLY E 221 8.68 6.40 -45.02
C GLY E 221 9.83 7.20 -45.61
N ARG E 222 10.61 6.63 -46.55
CA ARG E 222 11.72 7.38 -47.15
C ARG E 222 11.18 8.44 -48.11
N LYS E 223 10.53 8.00 -49.20
CA LYS E 223 9.90 8.86 -50.20
C LYS E 223 8.54 8.30 -50.60
N LYS E 224 7.56 9.18 -50.90
CA LYS E 224 6.22 8.78 -51.30
C LYS E 224 6.33 8.03 -52.62
N ARG E 225 5.63 6.89 -52.75
CA ARG E 225 5.77 6.07 -53.95
C ARG E 225 4.45 5.35 -54.32
N PRO E 226 4.31 4.86 -55.60
CA PRO E 226 3.10 4.11 -56.00
C PRO E 226 2.98 2.77 -55.29
N ILE E 227 1.78 2.44 -54.84
CA ILE E 227 1.50 1.16 -54.19
C ILE E 227 0.80 0.20 -55.12
N HIS E 228 1.29 -1.06 -55.16
CA HIS E 228 0.63 -2.12 -55.89
C HIS E 228 0.18 -3.12 -54.84
N LEU E 229 -1.14 -3.27 -54.70
CA LEU E 229 -1.68 -4.26 -53.78
C LEU E 229 -2.11 -5.48 -54.55
N SER E 230 -1.45 -6.63 -54.29
CA SER E 230 -1.85 -7.88 -54.91
C SER E 230 -2.54 -8.73 -53.84
N PHE E 231 -3.89 -8.84 -53.92
CA PHE E 231 -4.70 -9.51 -52.89
C PHE E 231 -5.19 -10.88 -53.33
N ASP E 232 -4.63 -11.95 -52.73
CA ASP E 232 -5.06 -13.35 -52.91
C ASP E 232 -6.09 -13.57 -51.81
N VAL E 233 -7.38 -13.74 -52.20
CA VAL E 233 -8.49 -13.92 -51.23
C VAL E 233 -8.23 -15.05 -50.19
N ASP E 234 -7.27 -15.91 -50.43
CA ASP E 234 -6.92 -16.96 -49.47
C ASP E 234 -6.05 -16.43 -48.31
N GLY E 235 -5.75 -15.13 -48.32
CA GLY E 235 -5.06 -14.43 -47.25
C GLY E 235 -5.99 -14.35 -46.04
N LEU E 236 -7.30 -14.19 -46.34
CA LEU E 236 -8.38 -14.23 -45.34
C LEU E 236 -8.69 -15.70 -45.05
N ASP E 237 -9.14 -15.99 -43.82
CA ASP E 237 -9.50 -17.33 -43.34
C ASP E 237 -10.62 -17.94 -44.22
N PRO E 238 -10.67 -19.28 -44.44
CA PRO E 238 -11.73 -19.83 -45.32
C PRO E 238 -13.14 -19.76 -44.73
N SER E 239 -13.30 -19.19 -43.52
CA SER E 239 -14.62 -18.98 -42.95
C SER E 239 -15.26 -17.75 -43.61
N PHE E 240 -14.44 -16.95 -44.33
CA PHE E 240 -14.77 -15.68 -45.01
C PHE E 240 -14.66 -15.79 -46.55
N THR E 241 -13.62 -16.50 -47.02
CA THR E 241 -13.41 -16.70 -48.44
C THR E 241 -13.21 -18.19 -48.75
N PRO E 242 -14.22 -19.04 -48.49
CA PRO E 242 -14.06 -20.48 -48.74
C PRO E 242 -13.83 -20.89 -50.19
N ALA E 243 -14.43 -20.14 -51.15
CA ALA E 243 -14.44 -20.53 -52.56
C ALA E 243 -13.14 -20.17 -53.24
N THR E 244 -12.08 -20.89 -52.88
CA THR E 244 -10.70 -20.70 -53.36
C THR E 244 -9.96 -22.06 -53.42
N GLY E 245 -9.01 -22.16 -54.34
CA GLY E 245 -8.27 -23.38 -54.62
C GLY E 245 -7.32 -23.90 -53.55
N THR E 246 -6.69 -22.99 -52.78
CA THR E 246 -5.73 -23.40 -51.75
C THR E 246 -6.05 -22.77 -50.38
N PRO E 247 -7.21 -23.14 -49.78
CA PRO E 247 -7.57 -22.55 -48.48
C PRO E 247 -6.69 -23.03 -47.34
N VAL E 248 -6.36 -22.11 -46.42
CA VAL E 248 -5.50 -22.42 -45.26
C VAL E 248 -6.14 -21.82 -44.01
N VAL E 249 -6.39 -22.64 -42.99
CA VAL E 249 -7.01 -22.20 -41.74
C VAL E 249 -6.11 -21.25 -40.97
N GLY E 250 -6.71 -20.46 -40.08
CA GLY E 250 -5.96 -19.52 -39.25
C GLY E 250 -5.55 -18.28 -40.01
N GLY E 251 -6.41 -17.81 -40.91
CA GLY E 251 -6.10 -16.64 -41.71
C GLY E 251 -6.56 -15.32 -41.11
N LEU E 252 -6.40 -14.27 -41.91
CA LEU E 252 -6.83 -12.95 -41.56
C LEU E 252 -8.38 -12.93 -41.50
N THR E 253 -8.94 -12.14 -40.57
CA THR E 253 -10.40 -12.01 -40.46
C THR E 253 -10.94 -11.02 -41.50
N TYR E 254 -12.27 -10.96 -41.59
CA TYR E 254 -12.99 -9.98 -42.42
C TYR E 254 -12.57 -8.56 -41.97
N ARG E 255 -12.58 -8.34 -40.66
CA ARG E 255 -12.12 -7.06 -40.13
C ARG E 255 -10.69 -6.72 -40.48
N GLU E 256 -9.74 -7.69 -40.40
CA GLU E 256 -8.36 -7.39 -40.74
C GLU E 256 -8.21 -7.06 -42.19
N GLY E 257 -8.98 -7.77 -43.01
CA GLY E 257 -8.96 -7.58 -44.46
C GLY E 257 -9.32 -6.17 -44.82
N LEU E 258 -10.41 -5.67 -44.22
CA LEU E 258 -10.91 -4.32 -44.43
C LEU E 258 -10.01 -3.28 -43.79
N TYR E 259 -9.42 -3.63 -42.62
CA TYR E 259 -8.50 -2.72 -42.02
C TYR E 259 -7.31 -2.50 -42.94
N ILE E 260 -6.78 -3.60 -43.53
CA ILE E 260 -5.62 -3.54 -44.45
C ILE E 260 -5.86 -2.53 -45.62
N THR E 261 -6.98 -2.71 -46.32
CA THR E 261 -7.38 -1.99 -47.52
C THR E 261 -7.81 -0.56 -47.24
N GLU E 262 -8.50 -0.32 -46.10
CA GLU E 262 -8.87 1.02 -45.65
C GLU E 262 -7.62 1.92 -45.43
N GLU E 263 -6.54 1.34 -44.81
CA GLU E 263 -5.27 2.03 -44.54
C GLU E 263 -4.52 2.35 -45.84
N ILE E 264 -4.55 1.42 -46.79
CA ILE E 264 -3.92 1.61 -48.10
C ILE E 264 -4.62 2.77 -48.84
N TYR E 265 -5.96 2.80 -48.85
CA TYR E 265 -6.70 3.91 -49.46
C TYR E 265 -6.25 5.25 -48.84
N LYS E 266 -6.16 5.33 -47.47
CA LYS E 266 -5.81 6.53 -46.72
C LYS E 266 -4.48 7.16 -47.15
N THR E 267 -3.51 6.33 -47.62
CA THR E 267 -2.23 6.83 -48.13
C THR E 267 -2.47 7.75 -49.35
N GLY E 268 -3.48 7.43 -50.17
CA GLY E 268 -3.80 8.15 -51.39
C GLY E 268 -2.81 7.79 -52.49
N LEU E 269 -2.15 6.63 -52.34
CA LEU E 269 -1.05 6.20 -53.22
C LEU E 269 -1.32 4.88 -53.91
N LEU E 270 -2.51 4.28 -53.65
CA LEU E 270 -2.84 3.04 -54.32
C LEU E 270 -2.80 3.32 -55.82
N SER E 271 -1.97 2.57 -56.54
CA SER E 271 -1.76 2.77 -57.98
C SER E 271 -2.16 1.53 -58.79
N GLY E 272 -2.08 0.34 -58.18
CA GLY E 272 -2.46 -0.89 -58.83
C GLY E 272 -3.06 -1.88 -57.85
N LEU E 273 -4.08 -2.62 -58.30
CA LEU E 273 -4.78 -3.59 -57.44
C LEU E 273 -5.09 -4.88 -58.19
N ASP E 274 -4.95 -6.05 -57.49
CA ASP E 274 -5.26 -7.40 -58.01
C ASP E 274 -6.20 -8.09 -57.01
N ILE E 275 -7.37 -8.57 -57.46
CA ILE E 275 -8.29 -9.37 -56.64
C ILE E 275 -8.24 -10.78 -57.25
N MET E 276 -7.38 -11.63 -56.68
CA MET E 276 -7.07 -12.94 -57.20
C MET E 276 -7.65 -14.12 -56.44
N GLU E 277 -7.79 -15.25 -57.16
CA GLU E 277 -8.06 -16.61 -56.69
C GLU E 277 -9.51 -16.91 -56.27
N VAL E 278 -10.43 -15.97 -56.53
CA VAL E 278 -11.86 -16.17 -56.33
C VAL E 278 -12.33 -17.27 -57.30
N ASN E 279 -12.69 -18.47 -56.76
CA ASN E 279 -13.15 -19.59 -57.59
C ASN E 279 -14.58 -19.98 -57.23
N PRO E 280 -15.57 -19.54 -58.04
CA PRO E 280 -16.98 -19.82 -57.73
C PRO E 280 -17.40 -21.27 -57.89
N SER E 281 -16.59 -22.10 -58.56
CA SER E 281 -16.96 -23.51 -58.64
C SER E 281 -16.48 -24.33 -57.41
N LEU E 282 -15.79 -23.67 -56.43
CA LEU E 282 -15.22 -24.34 -55.24
C LEU E 282 -15.93 -24.06 -53.91
N GLY E 283 -17.17 -23.61 -53.98
CA GLY E 283 -17.96 -23.49 -52.77
C GLY E 283 -18.54 -24.86 -52.43
N LYS E 284 -18.71 -25.16 -51.14
CA LYS E 284 -19.36 -26.43 -50.75
C LYS E 284 -20.87 -26.28 -51.01
N THR E 285 -21.35 -25.01 -50.99
CA THR E 285 -22.75 -24.58 -51.13
C THR E 285 -22.82 -23.24 -51.87
N PRO E 286 -23.98 -22.82 -52.43
CA PRO E 286 -24.04 -21.50 -53.05
C PRO E 286 -23.78 -20.37 -52.05
N GLU E 287 -24.09 -20.60 -50.75
CA GLU E 287 -23.86 -19.66 -49.68
C GLU E 287 -22.37 -19.36 -49.52
N GLU E 288 -21.52 -20.39 -49.67
CA GLU E 288 -20.07 -20.25 -49.61
C GLU E 288 -19.53 -19.42 -50.77
N VAL E 289 -20.20 -19.46 -51.94
CA VAL E 289 -19.79 -18.72 -53.12
C VAL E 289 -20.15 -17.26 -52.97
N THR E 290 -21.39 -16.96 -52.52
CA THR E 290 -21.81 -15.57 -52.36
C THR E 290 -20.95 -14.90 -51.28
N ARG E 291 -20.59 -15.65 -50.24
CA ARG E 291 -19.80 -15.13 -49.12
C ARG E 291 -18.40 -14.71 -49.57
N THR E 292 -17.72 -15.56 -50.39
CA THR E 292 -16.38 -15.30 -50.96
C THR E 292 -16.45 -14.09 -51.88
N VAL E 293 -17.50 -14.03 -52.72
CA VAL E 293 -17.79 -12.96 -53.66
C VAL E 293 -18.15 -11.63 -52.91
N ASN E 294 -19.04 -11.66 -51.90
CA ASN E 294 -19.37 -10.45 -51.13
C ASN E 294 -18.12 -9.92 -50.39
N THR E 295 -17.26 -10.80 -49.85
CA THR E 295 -16.07 -10.36 -49.09
C THR E 295 -15.07 -9.71 -50.04
N ALA E 296 -14.78 -10.39 -51.17
CA ALA E 296 -13.90 -9.86 -52.22
C ALA E 296 -14.35 -8.44 -52.68
N VAL E 297 -15.67 -8.22 -52.77
CA VAL E 297 -16.27 -6.92 -53.14
C VAL E 297 -16.07 -5.88 -52.02
N ALA E 298 -16.27 -6.28 -50.76
CA ALA E 298 -16.09 -5.41 -49.60
C ALA E 298 -14.62 -4.93 -49.53
N ILE E 299 -13.67 -5.85 -49.74
CA ILE E 299 -12.24 -5.59 -49.78
C ILE E 299 -11.95 -4.61 -50.93
N THR E 300 -12.49 -4.90 -52.14
CA THR E 300 -12.29 -3.98 -53.28
C THR E 300 -12.79 -2.57 -53.02
N LEU E 301 -14.03 -2.43 -52.54
CA LEU E 301 -14.62 -1.11 -52.24
C LEU E 301 -13.82 -0.30 -51.22
N ALA E 302 -13.30 -0.98 -50.18
CA ALA E 302 -12.45 -0.38 -49.16
C ALA E 302 -11.19 0.17 -49.79
N CYS E 303 -10.68 -0.44 -50.88
CA CYS E 303 -9.45 0.07 -51.53
C CYS E 303 -9.68 1.46 -52.17
N PHE E 304 -10.96 1.78 -52.46
CA PHE E 304 -11.35 2.99 -53.15
C PHE E 304 -12.26 3.92 -52.36
N GLY E 305 -12.07 3.93 -51.04
CA GLY E 305 -12.73 4.90 -50.17
C GLY E 305 -13.78 4.44 -49.20
N LEU E 306 -14.42 3.28 -49.42
CA LEU E 306 -15.48 2.84 -48.51
C LEU E 306 -14.95 2.66 -47.09
N ALA E 307 -15.42 3.48 -46.17
CA ALA E 307 -14.94 3.47 -44.79
C ALA E 307 -16.03 3.02 -43.82
N ARG E 308 -15.70 2.11 -42.91
CA ARG E 308 -16.64 1.58 -41.90
C ARG E 308 -17.21 2.65 -40.97
N GLU E 309 -16.48 3.76 -40.78
CA GLU E 309 -17.00 4.86 -39.93
C GLU E 309 -18.10 5.68 -40.64
N GLY E 310 -18.17 5.54 -41.97
CA GLY E 310 -19.13 6.25 -42.80
C GLY E 310 -18.50 7.07 -43.91
N ASN E 311 -19.30 7.44 -44.89
CA ASN E 311 -18.85 8.25 -46.03
C ASN E 311 -19.90 9.32 -46.28
N HIS E 312 -19.46 10.54 -46.63
CA HIS E 312 -20.41 11.58 -47.00
C HIS E 312 -19.84 12.48 -48.13
N LYS E 313 -20.75 13.04 -48.97
CA LYS E 313 -20.43 13.95 -50.08
C LYS E 313 -20.08 15.33 -49.52
N PRO E 314 -19.28 16.17 -50.23
CA PRO E 314 -18.94 17.48 -49.65
C PRO E 314 -20.08 18.50 -49.73
N ILE E 315 -21.17 18.23 -48.99
CA ILE E 315 -22.37 19.06 -48.89
C ILE E 315 -22.83 19.15 -47.45
N ASP E 316 -23.67 20.14 -47.13
CA ASP E 316 -24.23 20.27 -45.79
C ASP E 316 -25.48 19.40 -45.75
N TYR E 317 -25.42 18.27 -45.04
CA TYR E 317 -26.54 17.32 -44.98
C TYR E 317 -27.70 17.80 -44.10
N LEU E 318 -27.44 18.70 -43.15
CA LEU E 318 -28.44 19.25 -42.22
C LEU E 318 -29.24 20.38 -42.84
N ASN E 319 -28.62 21.12 -43.76
CA ASN E 319 -29.24 22.25 -44.46
C ASN E 319 -28.83 22.15 -45.95
N PRO E 320 -29.27 21.10 -46.68
CA PRO E 320 -28.85 20.95 -48.08
C PRO E 320 -29.67 21.82 -49.03
N SER F 5 16.98 36.21 54.17
CA SER F 5 16.59 34.92 53.61
C SER F 5 17.58 33.76 53.89
N ARG F 6 18.71 34.04 54.59
CA ARG F 6 19.70 33.03 54.99
C ARG F 6 19.98 33.08 56.49
N THR F 7 19.05 33.64 57.26
CA THR F 7 19.12 33.73 58.72
C THR F 7 18.04 32.82 59.27
N ILE F 8 18.46 31.69 59.83
CA ILE F 8 17.62 30.54 60.16
C ILE F 8 17.61 30.21 61.63
N GLY F 9 16.42 29.84 62.11
CA GLY F 9 16.19 29.38 63.46
C GLY F 9 15.65 27.97 63.36
N ILE F 10 16.44 26.99 63.79
CA ILE F 10 16.08 25.58 63.65
C ILE F 10 15.33 25.04 64.84
N ILE F 11 14.31 24.19 64.56
CA ILE F 11 13.48 23.52 65.56
C ILE F 11 13.27 22.05 65.17
N GLY F 12 13.68 21.14 66.05
CA GLY F 12 13.41 19.71 65.89
C GLY F 12 12.09 19.37 66.55
N ALA F 13 11.20 18.68 65.82
CA ALA F 13 9.91 18.27 66.38
C ALA F 13 9.78 16.73 66.29
N PRO F 14 10.40 16.00 67.24
CA PRO F 14 10.40 14.54 67.16
C PRO F 14 9.08 13.92 67.60
N PHE F 15 8.04 14.13 66.77
CA PHE F 15 6.67 13.74 67.04
C PHE F 15 6.07 12.82 65.96
N SER F 16 5.47 11.68 66.37
CA SER F 16 4.86 10.70 65.45
C SER F 16 3.36 10.48 65.64
N LYS F 17 2.79 10.91 66.78
CA LYS F 17 1.44 10.55 67.17
C LYS F 17 0.32 11.12 66.27
N GLY F 18 0.70 11.77 65.18
CA GLY F 18 -0.26 12.18 64.17
C GLY F 18 -0.49 11.06 63.16
N GLN F 19 0.28 9.95 63.25
CA GLN F 19 0.14 8.85 62.31
C GLN F 19 0.48 7.46 62.92
N PRO F 20 0.10 6.33 62.27
CA PRO F 20 0.28 5.02 62.93
C PRO F 20 1.60 4.28 62.72
N ARG F 21 2.65 4.95 62.20
CA ARG F 21 3.91 4.28 61.89
C ARG F 21 5.10 4.86 62.65
N GLY F 22 5.75 4.00 63.43
CA GLY F 22 6.91 4.37 64.23
C GLY F 22 8.12 4.76 63.37
N GLY F 23 8.94 5.65 63.92
CA GLY F 23 10.18 6.06 63.26
C GLY F 23 10.24 7.51 62.84
N VAL F 24 9.09 8.10 62.48
CA VAL F 24 9.01 9.48 62.01
C VAL F 24 9.47 10.51 63.09
N GLU F 25 9.47 10.12 64.38
CA GLU F 25 9.99 10.89 65.51
C GLU F 25 11.49 11.14 65.29
N GLU F 26 12.23 10.11 64.80
CA GLU F 26 13.68 10.18 64.57
C GLU F 26 14.07 10.90 63.26
N GLY F 27 13.11 11.61 62.66
CA GLY F 27 13.34 12.41 61.45
C GLY F 27 14.34 13.52 61.67
N PRO F 28 14.21 14.37 62.74
CA PRO F 28 15.21 15.42 62.95
C PRO F 28 16.61 14.88 63.26
N THR F 29 16.71 13.73 63.93
CA THR F 29 18.00 13.12 64.25
C THR F 29 18.82 12.78 63.01
N VAL F 30 18.24 12.08 62.04
CA VAL F 30 18.94 11.72 60.80
C VAL F 30 19.26 12.96 59.94
N LEU F 31 18.32 13.94 59.87
CA LEU F 31 18.52 15.18 59.12
C LEU F 31 19.72 15.98 59.66
N ARG F 32 19.83 16.11 61.00
CA ARG F 32 20.97 16.79 61.63
C ARG F 32 22.27 15.96 61.46
N LYS F 33 22.15 14.62 61.59
CA LYS F 33 23.25 13.66 61.45
C LYS F 33 23.79 13.60 60.03
N ALA F 34 23.04 14.15 59.06
CA ALA F 34 23.45 14.22 57.66
C ALA F 34 24.15 15.54 57.32
N GLY F 35 24.60 16.28 58.36
CA GLY F 35 25.33 17.54 58.25
C GLY F 35 24.53 18.72 57.75
N LEU F 36 23.25 18.78 58.09
CA LEU F 36 22.38 19.84 57.61
C LEU F 36 22.83 21.24 58.03
N LEU F 37 23.03 21.49 59.35
CA LEU F 37 23.50 22.81 59.85
C LEU F 37 24.86 23.14 59.28
N GLU F 38 25.71 22.11 59.17
CA GLU F 38 27.06 22.19 58.63
C GLU F 38 26.96 22.66 57.17
N LYS F 39 26.07 22.07 56.38
CA LYS F 39 25.88 22.47 54.99
C LYS F 39 25.26 23.87 54.88
N LEU F 40 24.30 24.19 55.77
CA LEU F 40 23.70 25.52 55.79
C LEU F 40 24.75 26.57 56.08
N LYS F 41 25.62 26.33 57.07
CA LYS F 41 26.71 27.24 57.43
C LYS F 41 27.73 27.43 56.30
N GLU F 42 28.03 26.37 55.52
CA GLU F 42 28.93 26.43 54.36
C GLU F 42 28.36 27.33 53.25
N GLN F 43 27.03 27.46 53.16
CA GLN F 43 26.45 28.33 52.13
C GLN F 43 26.11 29.72 52.64
N GLU F 44 27.00 30.27 53.50
CA GLU F 44 26.89 31.63 54.06
C GLU F 44 25.65 31.84 54.96
N CYS F 45 25.04 30.75 55.46
CA CYS F 45 23.86 30.85 56.33
C CYS F 45 24.19 31.18 57.79
N ASP F 46 23.34 32.01 58.40
CA ASP F 46 23.37 32.41 59.81
C ASP F 46 22.48 31.41 60.56
N VAL F 47 23.11 30.41 61.16
CA VAL F 47 22.34 29.35 61.78
C VAL F 47 22.41 29.34 63.30
N LYS F 48 21.23 29.45 63.93
CA LYS F 48 21.05 29.31 65.36
C LYS F 48 20.07 28.17 65.57
N ASP F 49 20.51 27.16 66.30
CA ASP F 49 19.73 25.96 66.60
C ASP F 49 19.02 26.17 67.93
N TYR F 50 17.69 26.01 67.95
CA TYR F 50 16.87 26.17 69.17
C TYR F 50 16.63 24.80 69.83
N GLY F 51 17.36 23.79 69.34
CA GLY F 51 17.28 22.42 69.84
C GLY F 51 16.00 21.68 69.50
N ASP F 52 15.93 20.42 69.94
CA ASP F 52 14.77 19.56 69.75
C ASP F 52 13.70 19.87 70.82
N LEU F 53 12.41 19.91 70.45
CA LEU F 53 11.33 20.17 71.42
C LEU F 53 11.07 18.96 72.29
N PRO F 54 10.94 19.14 73.63
CA PRO F 54 10.66 17.97 74.49
C PRO F 54 9.17 17.62 74.46
N PHE F 55 8.82 16.42 73.96
CA PHE F 55 7.41 16.05 73.88
C PHE F 55 6.99 15.03 74.94
N ALA F 56 6.35 15.53 76.00
CA ALA F 56 5.90 14.72 77.13
C ALA F 56 4.77 13.77 76.74
N ASP F 57 4.95 12.48 77.07
CA ASP F 57 4.04 11.36 76.82
C ASP F 57 2.71 11.54 77.57
N ILE F 58 1.58 11.28 76.89
CA ILE F 58 0.23 11.33 77.48
C ILE F 58 -0.34 9.90 77.51
N PRO F 59 -0.16 9.18 78.65
CA PRO F 59 -0.63 7.78 78.71
C PRO F 59 -2.14 7.58 78.57
N ASN F 60 -2.95 8.55 79.03
CA ASN F 60 -4.40 8.48 78.90
C ASN F 60 -4.84 9.40 77.77
N ASP F 61 -4.84 8.86 76.53
CA ASP F 61 -5.19 9.62 75.34
C ASP F 61 -6.29 8.93 74.51
N SER F 62 -7.48 8.83 75.11
CA SER F 62 -8.66 8.21 74.51
C SER F 62 -9.06 8.86 73.19
N PRO F 63 -9.51 8.08 72.18
CA PRO F 63 -9.84 8.68 70.89
C PRO F 63 -11.10 9.53 70.87
N PHE F 64 -11.03 10.73 70.25
CA PHE F 64 -12.20 11.55 70.00
C PHE F 64 -12.92 10.94 68.79
N GLN F 65 -14.00 10.16 69.04
CA GLN F 65 -14.75 9.44 67.99
C GLN F 65 -13.76 8.51 67.27
N ILE F 66 -13.21 8.93 66.12
CA ILE F 66 -12.26 8.16 65.31
C ILE F 66 -10.82 8.71 65.48
N VAL F 67 -10.73 10.02 65.82
CA VAL F 67 -9.51 10.81 65.97
C VAL F 67 -8.58 10.26 67.05
N LYS F 68 -7.47 9.67 66.60
CA LYS F 68 -6.51 8.99 67.45
C LYS F 68 -5.53 9.95 68.04
N ASN F 69 -5.22 9.75 69.35
CA ASN F 69 -4.29 10.52 70.16
C ASN F 69 -4.50 12.05 70.03
N PRO F 70 -5.73 12.59 70.22
CA PRO F 70 -5.93 14.03 69.98
C PRO F 70 -5.19 14.95 70.97
N ARG F 71 -5.09 14.57 72.26
CA ARG F 71 -4.40 15.41 73.23
C ARG F 71 -2.86 15.49 72.95
N SER F 72 -2.24 14.37 72.49
CA SER F 72 -0.80 14.34 72.16
C SER F 72 -0.46 15.19 70.92
N VAL F 73 -1.23 15.05 69.82
CA VAL F 73 -1.06 15.85 68.61
C VAL F 73 -1.29 17.34 68.93
N GLY F 74 -2.34 17.60 69.69
CA GLY F 74 -2.72 18.96 70.09
C GLY F 74 -1.68 19.71 70.90
N LYS F 75 -1.04 19.02 71.87
CA LYS F 75 -0.06 19.68 72.73
C LYS F 75 1.30 19.83 72.08
N ALA F 76 1.70 18.85 71.24
CA ALA F 76 2.94 18.92 70.47
C ALA F 76 2.91 20.11 69.51
N SER F 77 1.72 20.42 68.91
CA SER F 77 1.53 21.56 68.02
C SER F 77 1.42 22.85 68.83
N GLU F 78 0.71 22.80 69.97
CA GLU F 78 0.60 23.94 70.88
C GLU F 78 2.00 24.35 71.27
N GLN F 79 2.87 23.36 71.61
CA GLN F 79 4.27 23.61 72.00
C GLN F 79 5.02 24.30 70.87
N LEU F 80 4.95 23.69 69.65
CA LEU F 80 5.65 24.15 68.47
C LEU F 80 5.25 25.56 68.04
N ALA F 81 3.96 25.92 68.19
CA ALA F 81 3.47 27.27 67.86
C ALA F 81 4.18 28.35 68.70
N GLY F 82 4.36 28.07 69.99
CA GLY F 82 5.08 28.93 70.91
C GLY F 82 6.53 29.07 70.52
N LYS F 83 7.15 27.94 70.13
CA LYS F 83 8.55 27.95 69.73
C LYS F 83 8.80 28.72 68.41
N VAL F 84 7.93 28.50 67.40
CA VAL F 84 8.06 29.16 66.09
C VAL F 84 7.93 30.67 66.26
N ALA F 85 6.96 31.13 67.10
CA ALA F 85 6.70 32.55 67.34
C ALA F 85 7.91 33.24 67.96
N GLU F 86 8.68 32.50 68.78
CA GLU F 86 9.89 32.99 69.43
C GLU F 86 10.96 33.19 68.35
N VAL F 87 11.20 32.14 67.53
CA VAL F 87 12.16 32.15 66.42
C VAL F 87 11.86 33.32 65.45
N LYS F 88 10.55 33.53 65.14
CA LYS F 88 10.06 34.59 64.27
C LYS F 88 10.18 36.00 64.87
N LYS F 89 10.03 36.14 66.20
CA LYS F 89 10.15 37.46 66.84
C LYS F 89 11.63 37.84 66.92
N ASN F 90 12.52 36.85 66.76
CA ASN F 90 13.99 37.03 66.77
C ASN F 90 14.58 37.36 65.39
N GLY F 91 13.70 37.57 64.40
CA GLY F 91 14.10 37.92 63.04
C GLY F 91 14.72 36.79 62.22
N ARG F 92 14.30 35.57 62.48
CA ARG F 92 14.84 34.37 61.83
C ARG F 92 13.76 33.58 61.10
N ILE F 93 14.14 32.93 59.98
CA ILE F 93 13.24 32.00 59.28
C ILE F 93 13.21 30.74 60.12
N SER F 94 12.03 30.33 60.56
CA SER F 94 11.83 29.10 61.30
C SER F 94 12.07 27.87 60.37
N LEU F 95 12.88 26.91 60.83
CA LEU F 95 13.13 25.67 60.10
C LEU F 95 12.63 24.53 60.95
N VAL F 96 11.43 24.04 60.66
CA VAL F 96 10.83 22.94 61.40
C VAL F 96 11.23 21.57 60.83
N LEU F 97 11.93 20.76 61.64
CA LEU F 97 12.28 19.39 61.29
C LEU F 97 11.23 18.43 61.84
N GLY F 98 10.54 17.74 60.93
CA GLY F 98 9.56 16.71 61.28
C GLY F 98 10.20 15.34 61.49
N GLY F 99 9.46 14.43 62.12
CA GLY F 99 8.12 14.61 62.63
C GLY F 99 7.02 14.39 61.61
N ASP F 100 5.78 14.29 62.05
CA ASP F 100 4.66 14.06 61.15
C ASP F 100 3.91 15.36 60.80
N HIS F 101 3.11 15.33 59.74
CA HIS F 101 2.51 16.54 59.18
C HIS F 101 1.46 17.24 60.07
N SER F 102 0.93 16.60 61.13
CA SER F 102 -0.01 17.27 62.02
C SER F 102 0.63 18.53 62.66
N LEU F 103 1.96 18.49 62.82
CA LEU F 103 2.80 19.58 63.35
C LEU F 103 2.70 20.89 62.57
N ALA F 104 2.23 20.85 61.32
CA ALA F 104 1.97 22.05 60.53
C ALA F 104 0.93 22.96 61.24
N ILE F 105 -0.02 22.38 62.01
CA ILE F 105 -1.00 23.17 62.77
C ILE F 105 -0.18 24.08 63.69
N GLY F 106 0.82 23.50 64.34
CA GLY F 106 1.72 24.20 65.25
C GLY F 106 2.64 25.17 64.55
N SER F 107 3.36 24.71 63.53
CA SER F 107 4.30 25.57 62.83
C SER F 107 3.62 26.79 62.20
N ILE F 108 2.46 26.60 61.53
CA ILE F 108 1.78 27.68 60.84
C ILE F 108 1.07 28.64 61.84
N SER F 109 0.41 28.08 62.89
CA SER F 109 -0.23 28.89 63.94
C SER F 109 0.80 29.85 64.59
N GLY F 110 1.97 29.32 64.90
CA GLY F 110 3.05 30.08 65.54
C GLY F 110 3.64 31.16 64.65
N HIS F 111 3.81 30.84 63.35
CA HIS F 111 4.33 31.77 62.33
C HIS F 111 3.39 32.99 62.22
N ALA F 112 2.08 32.70 62.05
CA ALA F 112 0.97 33.63 61.86
C ALA F 112 0.71 34.60 63.01
N ARG F 113 1.22 34.30 64.21
CA ARG F 113 1.08 35.14 65.40
C ARG F 113 1.98 36.35 65.25
N VAL F 114 3.11 36.17 64.53
CA VAL F 114 4.13 37.20 64.25
C VAL F 114 3.89 37.87 62.89
N HIS F 115 3.43 37.10 61.88
CA HIS F 115 3.13 37.61 60.53
C HIS F 115 1.76 37.08 60.08
N PRO F 116 0.68 37.82 60.41
CA PRO F 116 -0.66 37.31 60.08
C PRO F 116 -1.02 37.37 58.60
N ASP F 117 -0.21 38.05 57.79
CA ASP F 117 -0.43 38.21 56.36
C ASP F 117 0.31 37.13 55.51
N LEU F 118 0.79 36.04 56.15
CA LEU F 118 1.58 35.00 55.45
C LEU F 118 0.76 34.27 54.37
N GLY F 119 1.47 33.76 53.36
CA GLY F 119 0.92 32.91 52.32
C GLY F 119 1.55 31.53 52.47
N VAL F 120 0.76 30.46 52.26
CA VAL F 120 1.27 29.10 52.42
C VAL F 120 1.43 28.36 51.08
N ILE F 121 2.60 27.72 50.89
CA ILE F 121 2.89 26.82 49.76
C ILE F 121 3.00 25.43 50.41
N TRP F 122 2.06 24.52 50.05
CA TRP F 122 1.90 23.17 50.59
C TRP F 122 2.28 22.14 49.52
N VAL F 123 3.49 21.59 49.63
CA VAL F 123 4.02 20.56 48.72
C VAL F 123 3.83 19.20 49.38
N ASP F 124 3.03 18.32 48.74
CA ASP F 124 2.59 17.07 49.33
C ASP F 124 1.86 16.27 48.27
N ALA F 125 1.73 14.92 48.45
CA ALA F 125 0.87 14.12 47.56
C ALA F 125 -0.60 14.27 47.96
N HIS F 126 -0.82 14.67 49.23
CA HIS F 126 -2.11 14.73 49.91
C HIS F 126 -2.55 16.16 50.27
N THR F 127 -3.87 16.43 50.34
CA THR F 127 -4.33 17.76 50.73
C THR F 127 -4.25 17.97 52.26
N ASP F 128 -4.29 16.88 53.06
CA ASP F 128 -4.26 16.95 54.54
C ASP F 128 -5.33 17.95 55.05
N ILE F 129 -6.48 18.02 54.35
CA ILE F 129 -7.58 18.97 54.62
C ILE F 129 -8.83 18.27 55.16
N ASN F 130 -8.70 16.99 55.60
CA ASN F 130 -9.84 16.30 56.21
C ASN F 130 -10.16 16.98 57.53
N THR F 131 -11.42 16.97 57.94
CA THR F 131 -11.85 17.51 59.22
C THR F 131 -11.95 16.32 60.18
N PRO F 132 -12.07 16.51 61.51
CA PRO F 132 -12.20 15.35 62.39
C PRO F 132 -13.49 14.54 62.19
N LEU F 133 -14.42 15.08 61.40
CA LEU F 133 -15.68 14.41 61.07
C LEU F 133 -15.62 13.72 59.69
N THR F 134 -14.93 14.32 58.70
CA THR F 134 -14.78 13.70 57.37
C THR F 134 -13.78 12.54 57.37
N THR F 135 -12.67 12.66 58.13
CA THR F 135 -11.60 11.65 58.17
C THR F 135 -12.14 10.22 58.26
N THR F 136 -11.53 9.30 57.53
CA THR F 136 -11.93 7.89 57.58
C THR F 136 -10.86 7.10 58.28
N SER F 137 -9.68 7.71 58.43
CA SER F 137 -8.49 7.08 59.01
C SER F 137 -8.33 7.43 60.49
N GLY F 138 -8.83 8.61 60.87
CA GLY F 138 -8.74 9.16 62.21
C GLY F 138 -7.41 9.82 62.54
N ASN F 139 -6.37 9.56 61.70
CA ASN F 139 -4.99 10.06 61.82
C ASN F 139 -4.92 11.57 61.55
N LEU F 140 -4.54 12.34 62.59
CA LEU F 140 -4.48 13.80 62.55
C LEU F 140 -3.50 14.39 61.50
N HIS F 141 -2.49 13.62 61.00
CA HIS F 141 -1.56 14.13 60.00
C HIS F 141 -2.22 14.39 58.62
N GLY F 142 -3.44 13.91 58.44
CA GLY F 142 -4.22 14.14 57.23
C GLY F 142 -5.33 15.13 57.46
N GLN F 143 -5.22 15.91 58.54
CA GLN F 143 -6.24 16.87 58.95
C GLN F 143 -5.74 18.29 59.20
N PRO F 144 -4.40 18.61 59.22
CA PRO F 144 -3.95 19.92 59.70
C PRO F 144 -4.56 21.15 59.03
N VAL F 145 -4.70 21.15 57.70
CA VAL F 145 -5.24 22.29 56.94
C VAL F 145 -6.65 22.70 57.40
N SER F 146 -7.52 21.72 57.74
CA SER F 146 -8.89 22.01 58.17
C SER F 146 -8.96 22.82 59.45
N PHE F 147 -7.99 22.62 60.37
CA PHE F 147 -7.90 23.38 61.64
C PHE F 147 -7.44 24.82 61.40
N LEU F 148 -6.67 25.02 60.31
CA LEU F 148 -6.06 26.30 59.99
C LEU F 148 -6.93 27.27 59.20
N LEU F 149 -7.93 26.75 58.46
CA LEU F 149 -8.76 27.54 57.52
C LEU F 149 -9.90 28.26 58.19
N LYS F 150 -10.02 29.57 57.93
CA LYS F 150 -11.07 30.41 58.52
C LYS F 150 -12.49 30.03 58.05
N GLU F 151 -12.62 29.56 56.80
CA GLU F 151 -13.93 29.18 56.25
C GLU F 151 -14.42 27.86 56.83
N LEU F 152 -13.52 27.11 57.49
CA LEU F 152 -13.84 25.84 58.11
C LEU F 152 -14.17 25.95 59.61
N LYS F 153 -14.39 27.20 60.08
CA LYS F 153 -14.78 27.49 61.45
C LYS F 153 -16.29 27.20 61.57
N GLY F 154 -16.61 26.08 62.23
CA GLY F 154 -17.99 25.61 62.40
C GLY F 154 -18.21 24.18 61.98
N LYS F 155 -17.22 23.63 61.24
CA LYS F 155 -17.21 22.26 60.80
C LYS F 155 -16.19 21.48 61.62
N ILE F 156 -15.30 22.21 62.30
CA ILE F 156 -14.27 21.64 63.17
C ILE F 156 -14.82 21.48 64.60
N PRO F 157 -15.09 20.23 65.06
CA PRO F 157 -15.58 20.05 66.45
C PRO F 157 -14.55 20.45 67.51
N ASP F 158 -14.97 20.52 68.78
CA ASP F 158 -14.07 20.88 69.86
C ASP F 158 -13.27 19.64 70.30
N VAL F 159 -12.17 19.38 69.56
CA VAL F 159 -11.27 18.23 69.72
C VAL F 159 -10.40 18.42 70.98
N PRO F 160 -10.29 17.39 71.87
CA PRO F 160 -9.43 17.57 73.07
C PRO F 160 -7.96 17.78 72.72
N GLY F 161 -7.38 18.85 73.24
CA GLY F 161 -5.99 19.19 72.98
C GLY F 161 -5.78 20.35 72.03
N PHE F 162 -6.85 20.82 71.37
CA PHE F 162 -6.73 21.91 70.40
C PHE F 162 -7.46 23.23 70.77
N SER F 163 -7.99 23.38 72.00
CA SER F 163 -8.76 24.61 72.31
C SER F 163 -8.01 25.90 71.94
N TRP F 164 -6.67 25.90 72.10
CA TRP F 164 -5.74 27.01 71.82
C TRP F 164 -5.70 27.53 70.33
N VAL F 165 -6.19 26.71 69.36
CA VAL F 165 -6.14 27.05 67.92
C VAL F 165 -7.15 28.13 67.53
N THR F 166 -6.70 29.14 66.75
CA THR F 166 -7.56 30.12 66.10
C THR F 166 -7.24 30.07 64.60
N PRO F 167 -8.23 29.77 63.73
CA PRO F 167 -7.96 29.73 62.27
C PRO F 167 -7.21 30.97 61.82
N CYS F 168 -6.04 30.76 61.22
CA CYS F 168 -5.17 31.88 60.90
C CYS F 168 -4.97 32.12 59.40
N ILE F 169 -5.56 31.26 58.54
CA ILE F 169 -5.44 31.40 57.08
C ILE F 169 -6.79 31.23 56.36
N SER F 170 -6.99 31.98 55.28
CA SER F 170 -8.17 31.91 54.44
C SER F 170 -7.87 31.00 53.23
N ALA F 171 -8.93 30.53 52.55
CA ALA F 171 -8.86 29.69 51.35
C ALA F 171 -7.91 30.29 50.30
N LYS F 172 -7.97 31.61 50.13
CA LYS F 172 -7.16 32.36 49.18
C LYS F 172 -5.66 32.41 49.52
N ASP F 173 -5.29 32.02 50.75
CA ASP F 173 -3.91 32.17 51.27
C ASP F 173 -3.06 30.89 51.27
N ILE F 174 -3.52 29.82 50.61
CA ILE F 174 -2.78 28.56 50.51
C ILE F 174 -2.75 28.08 49.05
N VAL F 175 -1.59 27.56 48.62
CA VAL F 175 -1.44 26.92 47.32
C VAL F 175 -0.90 25.51 47.52
N TYR F 176 -1.57 24.51 46.90
CA TYR F 176 -1.11 23.11 46.89
C TYR F 176 -0.31 22.85 45.60
N ILE F 177 0.81 22.13 45.73
CA ILE F 177 1.62 21.64 44.58
C ILE F 177 1.93 20.17 44.85
N GLY F 178 1.56 19.28 43.93
CA GLY F 178 1.94 17.87 43.98
C GLY F 178 0.86 16.84 44.26
N LEU F 179 -0.42 17.26 44.26
CA LEU F 179 -1.56 16.41 44.65
C LEU F 179 -1.72 15.20 43.73
N ARG F 180 -2.00 14.04 44.31
CA ARG F 180 -2.25 12.80 43.56
C ARG F 180 -3.01 11.73 44.35
N ASP F 181 -3.31 11.98 45.65
CA ASP F 181 -4.07 11.02 46.45
C ASP F 181 -5.05 11.78 47.40
N VAL F 182 -6.13 12.27 46.82
CA VAL F 182 -7.07 13.13 47.53
C VAL F 182 -8.37 12.39 47.79
N ASP F 183 -8.76 12.29 49.07
CA ASP F 183 -9.97 11.59 49.47
C ASP F 183 -11.22 12.32 48.94
N PRO F 184 -12.34 11.61 48.67
CA PRO F 184 -13.58 12.29 48.24
C PRO F 184 -13.98 13.52 49.08
N GLY F 185 -14.00 13.38 50.40
CA GLY F 185 -14.32 14.47 51.31
C GLY F 185 -13.40 15.66 51.17
N GLU F 186 -12.09 15.39 51.03
CA GLU F 186 -11.10 16.45 50.78
C GLU F 186 -11.34 17.14 49.45
N HIS F 187 -11.67 16.38 48.38
CA HIS F 187 -11.85 16.96 47.04
C HIS F 187 -13.06 17.90 47.04
N TYR F 188 -14.09 17.52 47.77
CA TYR F 188 -15.30 18.32 47.94
C TYR F 188 -14.96 19.66 48.62
N ILE F 189 -14.11 19.64 49.65
CA ILE F 189 -13.66 20.84 50.36
C ILE F 189 -12.77 21.72 49.48
N LEU F 190 -11.83 21.11 48.73
CA LEU F 190 -10.90 21.85 47.88
C LEU F 190 -11.64 22.73 46.87
N LYS F 191 -12.57 22.11 46.14
CA LYS F 191 -13.42 22.74 45.13
C LYS F 191 -14.48 23.70 45.73
N THR F 192 -15.03 23.38 46.92
CA THR F 192 -16.07 24.21 47.54
C THR F 192 -15.46 25.50 48.07
N LEU F 193 -14.26 25.40 48.65
CA LEU F 193 -13.56 26.53 49.20
C LEU F 193 -12.86 27.33 48.12
N GLY F 194 -12.70 26.72 46.95
CA GLY F 194 -12.11 27.35 45.77
C GLY F 194 -10.63 27.65 45.92
N ILE F 195 -9.94 26.79 46.67
CA ILE F 195 -8.51 26.92 46.95
C ILE F 195 -7.72 26.72 45.65
N LYS F 196 -6.55 27.35 45.54
CA LYS F 196 -5.71 27.19 44.37
C LYS F 196 -4.87 25.93 44.47
N TYR F 197 -4.83 25.14 43.39
CA TYR F 197 -4.03 23.91 43.45
C TYR F 197 -3.38 23.54 42.15
N PHE F 198 -2.26 22.84 42.23
CA PHE F 198 -1.57 22.34 41.07
C PHE F 198 -1.33 20.83 41.35
N SER F 199 -2.32 19.98 41.01
CA SER F 199 -2.18 18.54 41.22
C SER F 199 -1.16 18.04 40.23
N MET F 200 -0.81 16.74 40.28
CA MET F 200 0.16 16.26 39.29
C MET F 200 -0.29 16.51 37.84
N THR F 201 -1.60 16.49 37.59
CA THR F 201 -2.21 16.76 36.29
C THR F 201 -1.82 18.16 35.76
N GLU F 202 -1.94 19.19 36.64
CA GLU F 202 -1.58 20.56 36.30
C GLU F 202 -0.08 20.72 36.12
N VAL F 203 0.72 20.01 36.95
CA VAL F 203 2.17 20.05 36.74
C VAL F 203 2.54 19.48 35.35
N ASP F 204 1.87 18.37 34.96
CA ASP F 204 2.08 17.69 33.66
C ASP F 204 1.66 18.59 32.51
N ARG F 205 0.55 19.31 32.67
CA ARG F 205 0.02 20.21 31.66
C ARG F 205 0.94 21.43 31.47
N LEU F 206 1.36 22.08 32.57
CA LEU F 206 2.08 23.35 32.48
C LEU F 206 3.62 23.29 32.54
N GLY F 207 4.17 22.28 33.20
CA GLY F 207 5.60 22.24 33.50
C GLY F 207 5.81 22.96 34.83
N ILE F 208 6.85 22.58 35.57
CA ILE F 208 7.06 23.17 36.90
C ILE F 208 7.39 24.66 36.84
N GLY F 209 7.98 25.13 35.72
CA GLY F 209 8.32 26.53 35.53
C GLY F 209 7.12 27.47 35.60
N LYS F 210 6.08 27.13 34.88
CA LYS F 210 4.81 27.87 34.84
C LYS F 210 4.04 27.71 36.16
N VAL F 211 4.07 26.50 36.73
CA VAL F 211 3.48 26.21 38.02
C VAL F 211 4.03 27.24 39.06
N MET F 212 5.39 27.39 39.14
CA MET F 212 6.00 28.31 40.11
C MET F 212 5.69 29.77 39.79
N GLU F 213 5.64 30.12 38.47
CA GLU F 213 5.28 31.44 38.02
C GLU F 213 3.86 31.78 38.52
N GLU F 214 2.93 30.87 38.31
CA GLU F 214 1.53 31.07 38.73
C GLU F 214 1.36 30.99 40.24
N THR F 215 2.13 30.13 40.93
CA THR F 215 2.03 30.04 42.39
C THR F 215 2.42 31.41 43.05
N LEU F 216 3.61 31.90 42.67
CA LEU F 216 4.19 33.13 43.22
C LEU F 216 3.38 34.36 42.84
N SER F 217 2.96 34.49 41.57
CA SER F 217 2.10 35.61 41.20
C SER F 217 0.78 35.58 41.99
N TYR F 218 0.20 34.38 42.21
CA TYR F 218 -1.06 34.27 42.95
C TYR F 218 -0.90 34.78 44.40
N LEU F 219 0.06 34.22 45.13
CA LEU F 219 0.28 34.60 46.52
C LEU F 219 0.87 36.01 46.71
N LEU F 220 1.83 36.41 45.85
CA LEU F 220 2.53 37.68 45.98
C LEU F 220 2.06 38.74 44.98
N GLY F 221 0.77 38.68 44.67
CA GLY F 221 0.12 39.58 43.72
C GLY F 221 -0.02 41.00 44.18
N ARG F 222 -1.18 41.30 44.81
CA ARG F 222 -1.57 42.63 45.31
C ARG F 222 -0.62 43.24 46.36
N LYS F 223 0.35 42.45 46.88
CA LYS F 223 1.34 42.91 47.87
C LYS F 223 2.40 41.88 48.22
N LYS F 224 3.61 42.36 48.61
CA LYS F 224 4.70 41.53 49.10
C LYS F 224 4.35 41.10 50.53
N ARG F 225 4.51 39.80 50.83
CA ARG F 225 4.21 39.22 52.14
C ARG F 225 5.04 37.96 52.42
N PRO F 226 5.17 37.53 53.70
CA PRO F 226 6.02 36.35 53.97
C PRO F 226 5.48 35.02 53.46
N ILE F 227 6.39 34.09 53.15
CA ILE F 227 6.04 32.76 52.67
C ILE F 227 6.29 31.67 53.69
N HIS F 228 5.28 30.82 53.87
CA HIS F 228 5.42 29.61 54.66
C HIS F 228 5.41 28.45 53.68
N LEU F 229 6.48 27.65 53.65
CA LEU F 229 6.56 26.46 52.81
C LEU F 229 6.50 25.22 53.70
N SER F 230 5.45 24.45 53.58
CA SER F 230 5.28 23.20 54.32
C SER F 230 5.51 22.02 53.35
N PHE F 231 6.69 21.41 53.47
CA PHE F 231 7.13 20.41 52.51
C PHE F 231 7.05 19.02 53.04
N ASP F 232 6.07 18.29 52.54
CA ASP F 232 5.96 16.87 52.87
C ASP F 232 6.83 16.15 51.84
N VAL F 233 7.83 15.37 52.32
CA VAL F 233 8.73 14.60 51.45
C VAL F 233 7.97 13.70 50.47
N ASP F 234 6.75 13.30 50.85
CA ASP F 234 5.97 12.42 50.00
C ASP F 234 5.40 13.13 48.78
N GLY F 235 5.60 14.45 48.70
CA GLY F 235 5.25 15.24 47.53
C GLY F 235 6.12 14.82 46.37
N LEU F 236 7.35 14.43 46.67
CA LEU F 236 8.27 13.93 45.64
C LEU F 236 8.01 12.44 45.39
N ASP F 237 8.33 11.95 44.17
CA ASP F 237 8.15 10.53 43.83
C ASP F 237 8.87 9.62 44.82
N PRO F 238 8.29 8.43 45.10
CA PRO F 238 8.94 7.46 46.01
C PRO F 238 10.28 6.91 45.51
N SER F 239 10.62 7.21 44.26
CA SER F 239 11.94 6.83 43.73
C SER F 239 13.02 7.75 44.34
N PHE F 240 12.61 8.91 44.92
CA PHE F 240 13.49 9.90 45.55
C PHE F 240 13.39 9.96 47.08
N THR F 241 12.16 9.83 47.61
CA THR F 241 11.88 9.90 49.05
C THR F 241 11.08 8.65 49.50
N PRO F 242 11.62 7.42 49.32
CA PRO F 242 10.84 6.21 49.69
C PRO F 242 10.63 5.99 51.19
N ALA F 243 11.61 6.40 52.04
CA ALA F 243 11.51 6.21 53.48
C ALA F 243 10.54 7.22 54.07
N THR F 244 9.24 6.97 53.84
CA THR F 244 8.15 7.84 54.25
C THR F 244 6.86 7.04 54.46
N GLY F 245 5.94 7.63 55.23
CA GLY F 245 4.72 6.98 55.69
C GLY F 245 3.71 6.59 54.63
N THR F 246 3.28 7.57 53.84
CA THR F 246 2.24 7.34 52.86
C THR F 246 2.76 7.62 51.45
N PRO F 247 3.60 6.72 50.88
CA PRO F 247 4.12 6.99 49.53
C PRO F 247 3.06 6.82 48.43
N VAL F 248 3.16 7.67 47.36
CA VAL F 248 2.23 7.62 46.21
C VAL F 248 3.08 7.76 44.95
N VAL F 249 2.96 6.83 43.99
CA VAL F 249 3.72 6.84 42.74
C VAL F 249 3.26 7.98 41.80
N GLY F 250 4.13 8.35 40.88
CA GLY F 250 3.90 9.41 39.91
C GLY F 250 4.02 10.80 40.50
N GLY F 251 4.96 10.94 41.46
CA GLY F 251 5.21 12.19 42.17
C GLY F 251 6.08 13.21 41.47
N LEU F 252 6.39 14.31 42.18
CA LEU F 252 7.33 15.31 41.63
C LEU F 252 8.74 14.69 41.55
N THR F 253 9.53 15.07 40.57
CA THR F 253 10.90 14.58 40.47
C THR F 253 11.82 15.35 41.43
N TYR F 254 13.06 14.88 41.57
CA TYR F 254 14.13 15.51 42.33
C TYR F 254 14.38 16.91 41.73
N ARG F 255 14.52 17.00 40.39
CA ARG F 255 14.71 18.29 39.72
C ARG F 255 13.54 19.26 40.04
N GLU F 256 12.29 18.76 40.06
CA GLU F 256 11.12 19.63 40.29
C GLU F 256 11.07 20.15 41.70
N GLY F 257 11.38 19.26 42.65
CA GLY F 257 11.52 19.64 44.06
C GLY F 257 12.56 20.73 44.24
N LEU F 258 13.69 20.64 43.50
CA LEU F 258 14.72 21.67 43.62
C LEU F 258 14.30 22.96 42.95
N TYR F 259 13.52 22.86 41.88
CA TYR F 259 13.07 24.03 41.13
C TYR F 259 12.11 24.86 41.96
N ILE F 260 11.11 24.21 42.64
CA ILE F 260 10.12 24.83 43.54
C ILE F 260 10.85 25.65 44.62
N THR F 261 11.81 24.99 45.29
CA THR F 261 12.55 25.56 46.43
C THR F 261 13.57 26.63 45.99
N GLU F 262 14.16 26.49 44.79
CA GLU F 262 15.06 27.54 44.24
C GLU F 262 14.24 28.84 43.94
N GLU F 263 13.11 28.70 43.25
CA GLU F 263 12.24 29.85 42.92
C GLU F 263 11.73 30.55 44.17
N ILE F 264 11.31 29.76 45.17
CA ILE F 264 10.86 30.27 46.46
C ILE F 264 11.99 31.05 47.16
N TYR F 265 13.20 30.49 47.17
CA TYR F 265 14.33 31.21 47.79
C TYR F 265 14.51 32.58 47.16
N LYS F 266 14.49 32.62 45.81
CA LYS F 266 14.72 33.78 44.98
C LYS F 266 13.76 34.96 45.23
N THR F 267 12.56 34.73 45.81
CA THR F 267 11.61 35.82 46.12
C THR F 267 12.11 36.66 47.29
N GLY F 268 13.00 36.06 48.10
CA GLY F 268 13.53 36.67 49.31
C GLY F 268 12.48 36.77 50.39
N LEU F 269 11.35 36.05 50.22
CA LEU F 269 10.24 36.16 51.16
C LEU F 269 9.95 34.88 51.90
N LEU F 270 10.85 33.88 51.81
CA LEU F 270 10.69 32.68 52.61
C LEU F 270 10.78 33.10 54.10
N SER F 271 9.80 32.72 54.90
CA SER F 271 9.70 33.17 56.29
C SER F 271 9.49 32.00 57.27
N GLY F 272 8.94 30.91 56.78
CA GLY F 272 8.73 29.70 57.56
C GLY F 272 8.90 28.47 56.70
N LEU F 273 9.62 27.44 57.19
CA LEU F 273 9.79 26.18 56.47
C LEU F 273 9.49 24.93 57.31
N ASP F 274 8.78 23.96 56.72
CA ASP F 274 8.53 22.66 57.33
C ASP F 274 9.10 21.60 56.41
N ILE F 275 9.94 20.71 56.96
CA ILE F 275 10.50 19.52 56.28
C ILE F 275 9.93 18.29 57.00
N MET F 276 8.78 17.79 56.51
CA MET F 276 8.00 16.77 57.18
C MET F 276 7.98 15.35 56.59
N GLU F 277 7.64 14.37 57.45
CA GLU F 277 7.29 13.01 57.10
C GLU F 277 8.45 12.09 56.71
N VAL F 278 9.71 12.48 56.98
CA VAL F 278 10.85 11.61 56.72
C VAL F 278 10.81 10.50 57.81
N ASN F 279 10.75 9.23 57.38
CA ASN F 279 10.74 8.09 58.31
C ASN F 279 11.89 7.14 58.05
N PRO F 280 12.97 7.25 58.87
CA PRO F 280 14.13 6.36 58.67
C PRO F 280 13.90 4.86 58.94
N SER F 281 12.77 4.49 59.54
CA SER F 281 12.47 3.08 59.80
C SER F 281 11.67 2.41 58.65
N LEU F 282 11.25 3.17 57.60
CA LEU F 282 10.44 2.66 56.47
C LEU F 282 11.19 2.47 55.13
N GLY F 283 12.51 2.50 55.17
CA GLY F 283 13.30 2.23 53.98
C GLY F 283 13.45 0.73 53.80
N LYS F 284 13.23 0.21 52.58
CA LYS F 284 13.40 -1.22 52.25
C LYS F 284 14.85 -1.64 52.51
N THR F 285 15.80 -0.70 52.28
CA THR F 285 17.23 -0.85 52.50
C THR F 285 17.79 0.41 53.23
N PRO F 286 19.03 0.37 53.78
CA PRO F 286 19.60 1.61 54.35
C PRO F 286 19.77 2.65 53.24
N GLU F 287 20.01 2.19 51.99
CA GLU F 287 20.19 3.06 50.83
C GLU F 287 18.92 3.84 50.53
N GLU F 288 17.75 3.28 50.85
CA GLU F 288 16.52 4.02 50.64
C GLU F 288 16.35 5.12 51.67
N VAL F 289 16.91 4.93 52.90
CA VAL F 289 16.88 5.97 53.96
C VAL F 289 17.83 7.05 53.54
N THR F 290 19.11 6.71 53.32
CA THR F 290 20.13 7.69 52.88
C THR F 290 19.62 8.52 51.71
N ARG F 291 18.98 7.89 50.73
CA ARG F 291 18.41 8.61 49.57
C ARG F 291 17.35 9.63 50.00
N THR F 292 16.44 9.21 50.91
CA THR F 292 15.35 10.04 51.42
C THR F 292 15.92 11.24 52.18
N VAL F 293 16.87 10.99 53.11
CA VAL F 293 17.54 12.03 53.91
C VAL F 293 18.30 13.02 53.01
N ASN F 294 19.14 12.50 52.09
CA ASN F 294 19.90 13.32 51.13
C ASN F 294 19.00 14.26 50.30
N THR F 295 17.84 13.75 49.84
CA THR F 295 16.92 14.55 49.03
C THR F 295 16.34 15.69 49.88
N ALA F 296 15.78 15.37 51.07
CA ALA F 296 15.23 16.34 52.04
C ALA F 296 16.29 17.41 52.44
N VAL F 297 17.56 17.00 52.59
CA VAL F 297 18.66 17.92 52.86
C VAL F 297 18.83 18.85 51.67
N ALA F 298 18.96 18.28 50.44
CA ALA F 298 19.12 19.02 49.19
C ALA F 298 17.97 19.99 49.00
N ILE F 299 16.72 19.59 49.31
CA ILE F 299 15.52 20.45 49.28
C ILE F 299 15.70 21.65 50.23
N THR F 300 16.01 21.36 51.50
CA THR F 300 16.29 22.36 52.54
C THR F 300 17.38 23.33 52.08
N LEU F 301 18.53 22.82 51.57
CA LEU F 301 19.62 23.71 51.10
C LEU F 301 19.18 24.67 50.01
N ALA F 302 18.35 24.19 49.02
CA ALA F 302 17.85 25.04 47.95
C ALA F 302 16.96 26.19 48.50
N CYS F 303 16.20 25.94 49.60
CA CYS F 303 15.40 26.95 50.27
C CYS F 303 16.24 28.10 50.78
N PHE F 304 17.50 27.80 51.12
CA PHE F 304 18.39 28.80 51.68
C PHE F 304 19.52 29.23 50.75
N GLY F 305 19.24 29.23 49.45
CA GLY F 305 20.12 29.80 48.45
C GLY F 305 21.04 28.88 47.65
N LEU F 306 21.07 27.57 47.94
CA LEU F 306 21.93 26.67 47.16
C LEU F 306 21.36 26.51 45.72
N ALA F 307 22.11 27.00 44.72
CA ALA F 307 21.66 27.06 43.32
C ALA F 307 22.38 26.02 42.46
N ARG F 308 21.68 25.42 41.50
CA ARG F 308 22.34 24.43 40.65
C ARG F 308 23.25 25.15 39.64
N GLU F 309 22.97 26.42 39.35
CA GLU F 309 23.83 27.15 38.42
C GLU F 309 25.21 27.51 39.03
N GLY F 310 25.26 27.47 40.37
CA GLY F 310 26.43 27.78 41.17
C GLY F 310 26.19 28.89 42.18
N ASN F 311 27.11 29.02 43.11
CA ASN F 311 27.10 30.03 44.16
C ASN F 311 28.54 30.50 44.26
N HIS F 312 28.76 31.71 44.78
CA HIS F 312 30.07 32.26 45.08
C HIS F 312 29.89 33.41 46.09
N LYS F 313 30.94 33.71 46.86
CA LYS F 313 30.96 34.82 47.81
C LYS F 313 31.20 36.15 47.06
N PRO F 314 30.98 37.36 47.63
CA PRO F 314 31.20 38.57 46.80
C PRO F 314 32.65 39.05 46.71
N ILE F 315 33.61 38.12 46.43
CA ILE F 315 35.05 38.37 46.24
C ILE F 315 35.49 38.10 44.78
N ASP F 316 36.62 38.68 44.35
CA ASP F 316 37.14 38.46 42.99
C ASP F 316 38.01 37.21 43.00
N TYR F 317 37.47 36.09 42.50
CA TYR F 317 38.09 34.75 42.45
C TYR F 317 39.32 34.67 41.54
N LEU F 318 39.43 35.55 40.54
CA LEU F 318 40.56 35.57 39.60
C LEU F 318 41.71 36.42 40.15
N ASN F 319 41.41 37.32 41.11
CA ASN F 319 42.37 38.22 41.73
C ASN F 319 42.11 38.34 43.26
N PRO F 320 42.21 37.24 44.05
CA PRO F 320 41.89 37.35 45.48
C PRO F 320 43.06 37.75 46.37
MN MN G . -7.90 -28.48 -17.46
MN MN H . -10.42 -26.96 -18.89
O1 QR1 I . -13.86 -28.43 -10.33
C1 QR1 I . -14.57 -28.53 -11.33
O QR1 I . -15.17 -29.64 -11.70
C QR1 I . -14.93 -27.33 -12.25
N QR1 I . -14.13 -26.18 -11.72
C7 QR1 I . -16.42 -26.94 -12.27
C4 QR1 I . -17.04 -27.68 -13.47
C5 QR1 I . -18.07 -26.79 -14.12
N1 QR1 I . -17.31 -26.06 -15.19
C6 QR1 I . -16.25 -27.00 -15.70
C3 QR1 I . -15.89 -27.85 -14.50
C2 QR1 I . -14.57 -27.53 -13.77
C8 QR1 I . -13.44 -28.53 -14.04
C9 QR1 I . -12.45 -28.20 -15.15
C10 QR1 I . -11.56 -29.39 -15.53
B QR1 I . -10.73 -29.08 -16.84
O4 QR1 I . -10.09 -27.76 -16.96
O3 QR1 I . -11.54 -29.08 -18.07
O2 QR1 I . -9.69 -30.15 -17.03
MN MN J . -29.20 1.04 -32.23
MN MN K . -27.85 -0.98 -34.46
O1 QR1 L . -31.65 5.43 -39.97
C1 QR1 L . -31.70 4.25 -40.28
O QR1 L . -32.84 3.60 -40.42
C QR1 L . -30.47 3.40 -40.63
N QR1 L . -29.26 4.24 -40.35
C7 QR1 L . -30.42 2.89 -42.09
C4 QR1 L . -31.17 1.56 -42.08
C5 QR1 L . -30.52 0.67 -43.12
N1 QR1 L . -29.38 0.02 -42.38
C6 QR1 L . -29.83 -0.20 -40.97
C3 QR1 L . -30.83 0.91 -40.71
C2 QR1 L . -30.34 2.07 -39.80
C8 QR1 L . -30.97 2.11 -38.41
C9 QR1 L . -30.48 1.08 -37.40
C10 QR1 L . -31.04 1.37 -36.01
B QR1 L . -30.45 0.38 -34.94
O4 QR1 L . -29.09 0.68 -34.41
O3 QR1 L . -30.38 -1.04 -35.30
O2 QR1 L . -31.43 0.41 -33.86
MN MN M . 4.35 -0.99 20.41
MN MN N . 1.39 -1.57 19.15
O1 QR1 O . 7.46 -6.28 13.65
C1 QR1 O . 7.33 -5.08 13.15
O QR1 O . 6.60 -4.80 12.22
C QR1 O . 8.14 -4.03 13.92
N QR1 O . 7.87 -2.73 13.23
C7 QR1 O . 9.66 -4.30 13.94
C4 QR1 O . 9.92 -5.02 15.27
C5 QR1 O . 11.26 -4.56 15.84
N1 QR1 O . 10.91 -3.39 16.70
C6 QR1 O . 9.52 -3.53 17.22
C3 QR1 O . 8.84 -4.48 16.26
C2 QR1 O . 7.71 -3.89 15.40
C8 QR1 O . 6.25 -4.18 15.75
C9 QR1 O . 5.71 -3.53 17.03
C10 QR1 O . 4.28 -3.96 17.33
B QR1 O . 3.77 -3.26 18.64
O4 QR1 O . 3.72 -1.76 18.66
O3 QR1 O . 4.51 -3.72 19.86
O2 QR1 O . 2.41 -3.68 18.88
MN MN P . 33.25 17.75 31.48
MN MN Q . 31.28 16.66 33.86
O1 QR1 R . 37.84 19.41 39.48
C1 QR1 R . 37.14 20.49 39.25
O QR1 R . 37.64 21.57 38.97
C QR1 R . 35.63 20.31 39.53
N QR1 R . 34.99 21.62 39.20
C7 QR1 R . 35.33 19.93 40.99
C4 QR1 R . 35.32 18.40 41.03
C5 QR1 R . 34.40 17.80 42.09
N1 QR1 R . 33.11 17.56 41.37
C6 QR1 R . 33.33 17.47 39.88
C3 QR1 R . 34.75 17.96 39.66
C2 QR1 R . 34.92 19.16 38.71
C8 QR1 R . 35.38 19.00 37.25
C9 QR1 R . 34.50 18.14 36.34
C10 QR1 R . 35.26 17.57 35.14
B QR1 R . 34.24 16.96 34.12
O4 QR1 R . 33.60 15.69 34.50
O3 QR1 R . 34.96 16.71 32.85
O2 QR1 R . 33.09 17.85 33.80
MN MN S . -1.33 -16.26 -54.33
MN MN T . -2.50 -18.06 -51.74
O1 QR1 U . 3.89 -23.68 -55.19
C1 QR1 U . 2.93 -24.26 -54.75
O QR1 U . 2.12 -24.99 -55.49
C QR1 U . 2.51 -24.20 -53.27
N QR1 U . 3.58 -23.42 -52.57
C7 QR1 U . 2.28 -25.55 -52.55
C4 QR1 U . 0.84 -25.93 -52.86
C5 QR1 U . 0.17 -26.72 -51.73
N1 QR1 U . -0.35 -25.64 -50.82
C6 QR1 U . -0.79 -24.49 -51.67
C3 QR1 U . 0.06 -24.60 -52.92
C2 QR1 U . 1.12 -23.48 -53.11
C8 QR1 U . 0.80 -22.39 -54.14
C9 QR1 U . -0.38 -21.45 -53.84
C10 QR1 U . -0.45 -20.26 -54.80
B QR1 U . -1.62 -19.30 -54.39
O4 QR1 U . -2.92 -19.92 -54.06
O3 QR1 U . -1.95 -18.37 -55.51
O2 QR1 U . -1.21 -18.43 -53.25
MN MN V . 1.50 13.42 52.20
MN MN W . 1.23 15.81 54.42
O1 QR1 X . -5.61 10.01 56.50
C1 QR1 X . -6.02 10.83 55.57
O QR1 X . -6.71 11.80 55.80
C QR1 X . -5.54 10.42 54.15
N QR1 X . -6.08 11.44 53.22
C7 QR1 X . -5.97 9.01 53.69
C4 QR1 X . -4.82 8.06 54.05
C5 QR1 X . -4.67 6.96 53.01
N1 QR1 X . -3.71 7.53 52.00
C6 QR1 X . -2.77 8.47 52.70
C3 QR1 X . -3.53 8.91 53.95
C2 QR1 X . -3.96 10.39 54.02
C8 QR1 X . -3.11 11.29 54.93
C9 QR1 X . -1.70 11.71 54.47
C10 QR1 X . -0.98 12.63 55.45
B QR1 X . 0.42 13.10 54.86
O4 QR1 X . 1.39 12.05 54.48
O3 QR1 X . 1.16 13.91 55.87
O2 QR1 X . 0.27 13.97 53.71
#